data_6FUJ
#
_entry.id   6FUJ
#
_cell.length_a   116.662
_cell.length_b   210.535
_cell.length_c   143.521
_cell.angle_alpha   90.00
_cell.angle_beta   90.00
_cell.angle_gamma   90.00
#
_symmetry.space_group_name_H-M   'C 2 2 2'
#
loop_
_entity.id
_entity.type
_entity.pdbx_description
1 polymer 'Complement factor D'
2 non-polymer ~{N}-[3-[3-(aminomethyl)phenyl]phenyl]-3-methyl-butanamide
3 water water
#
_entity_poly.entity_id   1
_entity_poly.type   'polypeptide(L)'
_entity_poly.pdbx_seq_one_letter_code
;ILGGREAEAHARPYMASVQLNGAHLCGGVLVAEQWVLSAAHCLEDAADGKVQVLLGAHSLSQPEPSKRLYDVLRAVPHPD
SQPDTIDHDLLLLQLSEKATLGPAVRPLPWQRVDRDVAPGTLCDVAGWGIVNHAGRRPDSLQHVLLPVLDRATCNRRTHH
DGAITERLMCAESNRRDSCKGDSGGPLVCGGVLEGVVTSGSRVCGNRKKPGIYTRVASYAAWIDSVLASAAA
;
_entity_poly.pdbx_strand_id   A,B,C,D,E,F
#
loop_
_chem_comp.id
_chem_comp.type
_chem_comp.name
_chem_comp.formula
E8B non-polymer ~{N}-[3-[3-(aminomethyl)phenyl]phenyl]-3-methyl-butanamide 'C18 H22 N2 O'
#
# COMPACT_ATOMS: atom_id res chain seq x y z
N ILE A 1 33.79 0.91 -38.74
CA ILE A 1 33.00 -0.28 -38.25
C ILE A 1 33.67 -1.59 -38.72
N LEU A 2 34.18 -2.34 -37.80
CA LEU A 2 34.71 -3.67 -38.05
C LEU A 2 33.59 -4.70 -38.02
N GLY A 3 33.60 -5.62 -38.98
CA GLY A 3 32.64 -6.76 -38.97
C GLY A 3 31.19 -6.36 -39.25
N GLY A 4 30.98 -5.23 -39.92
CA GLY A 4 29.71 -4.72 -40.29
C GLY A 4 29.40 -4.92 -41.76
N ARG A 5 28.48 -4.11 -42.24
CA ARG A 5 27.96 -4.24 -43.59
C ARG A 5 27.68 -2.83 -44.04
N GLU A 6 27.70 -2.59 -45.36
CA GLU A 6 27.18 -1.36 -45.89
C GLU A 6 25.72 -1.17 -45.49
N ALA A 7 25.38 0.03 -45.04
CA ALA A 7 24.03 0.37 -44.68
C ALA A 7 23.22 0.64 -45.91
N GLU A 8 21.91 0.71 -45.73
CA GLU A 8 21.01 1.10 -46.79
C GLU A 8 21.12 2.61 -46.93
N ALA A 9 21.33 3.06 -48.14
CA ALA A 9 21.49 4.49 -48.43
C ALA A 9 20.35 5.29 -47.86
N HIS A 10 20.68 6.27 -47.03
CA HIS A 10 19.72 7.22 -46.43
C HIS A 10 18.67 6.65 -45.48
N ALA A 11 18.87 5.42 -45.01
CA ALA A 11 17.98 4.81 -44.04
C ALA A 11 18.23 5.34 -42.64
N ARG A 12 19.37 6.01 -42.44
CA ARG A 12 19.73 6.72 -41.21
C ARG A 12 19.88 8.19 -41.50
N PRO A 13 18.76 8.89 -41.65
CA PRO A 13 18.81 10.30 -42.09
C PRO A 13 19.38 11.28 -41.06
N TYR A 14 19.69 10.78 -39.87
CA TYR A 14 20.29 11.55 -38.80
C TYR A 14 21.81 11.57 -38.88
N MET A 15 22.35 10.69 -39.73
CA MET A 15 23.77 10.41 -39.70
C MET A 15 24.52 11.58 -40.30
N ALA A 16 25.57 12.03 -39.61
CA ALA A 16 26.35 13.16 -40.05
C ALA A 16 27.80 12.76 -40.12
N SER A 17 28.50 13.31 -41.11
CA SER A 17 29.97 13.24 -41.18
C SER A 17 30.57 14.57 -40.78
N VAL A 18 31.38 14.58 -39.73
CA VAL A 18 32.05 15.77 -39.26
C VAL A 18 33.36 15.79 -39.98
N GLN A 19 33.60 16.88 -40.72
CA GLN A 19 34.71 16.99 -41.64
C GLN A 19 35.70 18.10 -41.27
N LEU A 20 36.98 17.80 -41.50
CA LEU A 20 38.09 18.74 -41.35
C LEU A 20 38.88 18.75 -42.65
N ASN A 21 38.98 19.93 -43.28
CA ASN A 21 39.76 20.10 -44.54
C ASN A 21 39.27 19.16 -45.63
N GLY A 22 37.96 19.15 -45.82
CA GLY A 22 37.30 18.32 -46.85
C GLY A 22 37.28 16.82 -46.68
N ALA A 23 37.73 16.30 -45.54
CA ALA A 23 37.80 14.85 -45.34
C ALA A 23 37.03 14.47 -44.09
N HIS A 24 36.42 13.29 -44.18
CA HIS A 24 35.75 12.72 -43.03
C HIS A 24 36.70 12.57 -41.85
N LEU A 25 36.31 13.12 -40.70
CA LEU A 25 37.06 12.96 -39.45
C LEU A 25 36.30 12.09 -38.39
N CYS A 26 35.05 12.41 -38.15
CA CYS A 26 34.25 11.84 -37.07
C CYS A 26 32.81 11.64 -37.50
N GLY A 27 32.11 10.72 -36.84
CA GLY A 27 30.69 10.65 -36.97
C GLY A 27 30.01 11.72 -36.13
N GLY A 28 28.73 11.93 -36.41
CA GLY A 28 27.89 12.83 -35.62
C GLY A 28 26.43 12.47 -35.88
N VAL A 29 25.51 13.08 -35.13
CA VAL A 29 24.11 12.79 -35.16
C VAL A 29 23.32 14.09 -35.12
N LEU A 30 22.47 14.30 -36.11
CA LEU A 30 21.61 15.43 -36.15
C LEU A 30 20.54 15.21 -35.07
N VAL A 31 20.52 16.11 -34.10
CA VAL A 31 19.57 16.04 -32.92
C VAL A 31 18.57 17.16 -32.85
N ALA A 32 18.75 18.19 -33.66
CA ALA A 32 17.75 19.22 -33.89
C ALA A 32 18.05 19.86 -35.24
N GLU A 33 17.15 20.75 -35.66
CA GLU A 33 17.26 21.39 -36.97
C GLU A 33 18.66 21.98 -37.22
N GLN A 34 19.24 22.59 -36.18
CA GLN A 34 20.47 23.35 -36.31
C GLN A 34 21.66 22.77 -35.51
N TRP A 35 21.49 21.58 -34.93
CA TRP A 35 22.52 21.03 -34.05
C TRP A 35 22.87 19.59 -34.30
N VAL A 36 24.16 19.32 -34.26
CA VAL A 36 24.72 17.98 -34.42
C VAL A 36 25.52 17.64 -33.19
N LEU A 37 25.30 16.46 -32.64
CA LEU A 37 25.99 15.99 -31.47
C LEU A 37 27.10 15.06 -31.95
N SER A 38 28.30 15.25 -31.40
CA SER A 38 29.41 14.39 -31.75
C SER A 38 30.28 14.24 -30.51
N ALA A 39 31.52 13.84 -30.67
CA ALA A 39 32.46 13.66 -29.55
C ALA A 39 33.48 14.83 -29.48
N ALA A 40 33.84 15.21 -28.26
CA ALA A 40 34.77 16.35 -28.03
C ALA A 40 36.18 16.08 -28.52
N HIS A 41 36.67 14.86 -28.38
CA HIS A 41 38.00 14.49 -28.93
C HIS A 41 38.25 14.80 -30.42
N CYS A 42 37.19 14.82 -31.20
CA CYS A 42 37.21 15.19 -32.63
C CYS A 42 37.72 16.59 -32.94
N LEU A 43 37.42 17.57 -32.08
CA LEU A 43 37.76 18.98 -32.32
C LEU A 43 39.06 19.46 -31.70
N GLU A 44 39.64 18.70 -30.75
CA GLU A 44 41.03 18.93 -30.34
C GLU A 44 41.79 18.75 -31.63
N ASP A 45 42.72 19.63 -31.96
CA ASP A 45 43.51 19.54 -33.21
C ASP A 45 42.81 19.99 -34.51
N ALA A 46 41.68 20.67 -34.35
CA ALA A 46 41.01 21.30 -35.48
C ALA A 46 41.75 22.54 -35.89
N ALA A 47 41.97 23.40 -34.90
CA ALA A 47 42.83 24.60 -34.97
C ALA A 47 43.04 25.16 -36.38
N ASP A 48 42.17 26.07 -36.81
CA ASP A 48 42.29 26.73 -38.16
C ASP A 48 42.02 25.83 -39.39
N GLY A 49 41.58 24.59 -39.19
CA GLY A 49 41.04 23.76 -40.28
C GLY A 49 39.61 24.14 -40.56
N LYS A 50 39.17 23.83 -41.78
CA LYS A 50 37.76 24.13 -42.16
C LYS A 50 36.86 23.07 -41.49
N VAL A 51 36.15 23.40 -40.42
CA VAL A 51 35.27 22.43 -39.73
C VAL A 51 33.85 22.47 -40.29
N GLN A 52 33.42 21.37 -40.88
CA GLN A 52 32.14 21.29 -41.55
C GLN A 52 31.40 20.00 -41.19
N VAL A 53 30.10 19.99 -41.50
CA VAL A 53 29.23 18.86 -41.26
C VAL A 53 28.53 18.49 -42.54
N LEU A 54 28.71 17.26 -42.96
CA LEU A 54 28.06 16.72 -44.12
C LEU A 54 26.80 15.95 -43.70
N LEU A 55 25.62 16.41 -44.15
CA LEU A 55 24.36 15.73 -43.91
C LEU A 55 23.86 15.11 -45.19
N GLY A 56 22.94 14.16 -45.06
CA GLY A 56 22.29 13.57 -46.23
C GLY A 56 23.17 12.65 -47.08
N ALA A 57 24.26 12.17 -46.50
CA ALA A 57 25.27 11.40 -47.21
C ALA A 57 25.10 9.93 -47.04
N HIS A 58 25.54 9.21 -48.08
CA HIS A 58 25.79 7.81 -47.98
C HIS A 58 27.21 7.53 -48.43
N SER A 59 27.52 7.88 -49.68
CA SER A 59 28.89 7.88 -50.14
C SER A 59 29.55 9.19 -49.82
N LEU A 60 30.79 9.14 -49.30
CA LEU A 60 31.57 10.36 -49.03
C LEU A 60 32.07 11.05 -50.31
N SER A 61 32.41 10.27 -51.33
CA SER A 61 32.99 10.81 -52.58
C SER A 61 31.96 11.07 -53.72
N GLN A 62 31.01 10.16 -53.94
CA GLN A 62 30.06 10.27 -55.07
C GLN A 62 28.97 11.32 -54.83
N PRO A 63 28.49 11.96 -55.93
CA PRO A 63 27.45 12.98 -55.79
C PRO A 63 26.08 12.40 -55.53
N GLU A 64 25.28 13.07 -54.71
CA GLU A 64 23.96 12.57 -54.29
C GLU A 64 23.13 13.82 -54.10
N PRO A 65 21.87 13.83 -54.56
CA PRO A 65 21.07 15.07 -54.45
C PRO A 65 20.85 15.55 -53.01
N SER A 66 20.76 14.62 -52.05
CA SER A 66 20.51 14.98 -50.65
C SER A 66 21.78 15.51 -49.91
N LYS A 67 22.97 15.20 -50.41
CA LYS A 67 24.22 15.62 -49.75
C LYS A 67 24.37 17.10 -49.71
N ARG A 68 24.55 17.64 -48.53
CA ARG A 68 24.81 19.04 -48.38
C ARG A 68 25.81 19.30 -47.25
N LEU A 69 26.76 20.19 -47.51
CA LEU A 69 27.86 20.47 -46.59
C LEU A 69 27.53 21.75 -45.85
N TYR A 70 27.60 21.74 -44.52
CA TYR A 70 27.25 22.91 -43.72
C TYR A 70 28.47 23.43 -42.96
N ASP A 71 28.58 24.74 -42.81
CA ASP A 71 29.64 25.30 -41.98
C ASP A 71 29.15 25.27 -40.54
N VAL A 72 30.08 25.34 -39.60
CA VAL A 72 29.78 25.36 -38.19
C VAL A 72 29.94 26.80 -37.63
N LEU A 73 28.86 27.30 -37.05
CA LEU A 73 28.82 28.61 -36.42
C LEU A 73 29.51 28.61 -35.07
N ARG A 74 29.26 27.54 -34.28
CA ARG A 74 29.66 27.45 -32.89
C ARG A 74 29.84 25.98 -32.58
N ALA A 75 30.90 25.64 -31.85
CA ALA A 75 31.14 24.32 -31.35
C ALA A 75 31.23 24.44 -29.84
N VAL A 76 30.51 23.55 -29.14
CA VAL A 76 30.44 23.59 -27.70
C VAL A 76 30.81 22.25 -27.11
N PRO A 77 32.08 22.08 -26.73
CA PRO A 77 32.44 20.85 -26.07
C PRO A 77 31.95 20.87 -24.66
N HIS A 78 31.67 19.71 -24.11
CA HIS A 78 31.29 19.63 -22.71
C HIS A 78 32.44 20.21 -21.91
N PRO A 79 32.14 21.12 -20.97
CA PRO A 79 33.22 21.84 -20.28
C PRO A 79 34.15 20.98 -19.43
N ASP A 80 33.72 19.80 -19.01
CA ASP A 80 34.59 18.90 -18.25
C ASP A 80 35.31 17.84 -19.12
N SER A 81 35.17 17.91 -20.46
CA SER A 81 35.96 17.01 -21.33
C SER A 81 37.43 17.40 -21.32
N GLN A 82 38.31 16.42 -21.45
CA GLN A 82 39.75 16.65 -21.42
C GLN A 82 40.42 15.68 -22.38
N PRO A 83 41.53 16.08 -23.01
CA PRO A 83 42.13 15.16 -23.97
C PRO A 83 42.63 13.83 -23.42
N ASP A 84 42.91 13.75 -22.11
CA ASP A 84 43.47 12.52 -21.52
C ASP A 84 42.46 11.63 -20.78
N THR A 85 41.16 11.92 -20.88
CA THR A 85 40.11 11.12 -20.23
C THR A 85 39.05 10.72 -21.25
N ILE A 86 38.24 9.75 -20.82
CA ILE A 86 37.11 9.28 -21.63
C ILE A 86 35.78 9.88 -21.16
N ASP A 87 35.84 10.75 -20.16
CA ASP A 87 34.66 11.27 -19.49
C ASP A 87 34.13 12.50 -20.18
N HIS A 88 32.81 12.60 -20.23
CA HIS A 88 32.14 13.80 -20.71
C HIS A 88 32.50 14.12 -22.17
N ASP A 89 32.73 13.09 -22.99
CA ASP A 89 33.23 13.30 -24.35
C ASP A 89 32.11 13.63 -25.32
N LEU A 90 31.43 14.75 -25.09
CA LEU A 90 30.37 15.23 -25.98
C LEU A 90 30.67 16.60 -26.55
N LEU A 91 30.19 16.84 -27.77
CA LEU A 91 30.39 18.07 -28.49
C LEU A 91 29.10 18.40 -29.20
N LEU A 92 28.65 19.64 -29.08
CA LEU A 92 27.51 20.09 -29.83
C LEU A 92 27.94 21.10 -30.88
N LEU A 93 27.58 20.86 -32.14
CA LEU A 93 27.95 21.72 -33.25
C LEU A 93 26.70 22.44 -33.77
N GLN A 94 26.70 23.76 -33.71
CA GLN A 94 25.64 24.57 -34.28
C GLN A 94 25.96 24.84 -35.74
N LEU A 95 25.05 24.48 -36.63
CA LEU A 95 25.25 24.72 -38.04
C LEU A 95 25.03 26.20 -38.38
N SER A 96 25.64 26.64 -39.47
N SER A 96 25.64 26.64 -39.48
CA SER A 96 25.48 28.03 -40.00
CA SER A 96 25.47 28.04 -39.97
C SER A 96 24.05 28.42 -40.28
C SER A 96 24.05 28.42 -40.28
N GLU A 97 23.20 27.43 -40.58
CA GLU A 97 21.78 27.65 -40.80
C GLU A 97 20.99 26.40 -40.48
N LYS A 98 19.70 26.55 -40.30
CA LYS A 98 18.80 25.39 -40.12
C LYS A 98 19.04 24.44 -41.24
N ALA A 99 19.20 23.15 -40.91
CA ALA A 99 19.42 22.13 -41.96
C ALA A 99 18.13 21.93 -42.74
N THR A 100 18.26 21.67 -44.04
CA THR A 100 17.11 21.46 -44.90
C THR A 100 16.66 20.03 -44.66
N LEU A 101 15.46 19.90 -44.07
CA LEU A 101 14.92 18.59 -43.73
C LEU A 101 14.27 17.94 -44.93
N GLY A 102 14.27 16.62 -44.93
CA GLY A 102 13.86 15.85 -46.09
C GLY A 102 13.91 14.37 -45.78
N PRO A 103 13.48 13.54 -46.73
CA PRO A 103 13.59 12.09 -46.55
C PRO A 103 14.97 11.61 -46.12
N ALA A 104 16.04 12.28 -46.55
CA ALA A 104 17.39 11.86 -46.21
C ALA A 104 18.11 12.68 -45.10
N VAL A 105 17.42 13.65 -44.50
CA VAL A 105 17.99 14.50 -43.51
C VAL A 105 16.92 14.83 -42.47
N ARG A 106 17.06 14.28 -41.27
CA ARG A 106 16.02 14.34 -40.25
C ARG A 106 16.69 14.11 -38.89
N PRO A 107 16.36 14.89 -37.86
CA PRO A 107 16.89 14.62 -36.54
C PRO A 107 16.44 13.28 -35.93
N LEU A 108 17.29 12.73 -35.06
CA LEU A 108 17.02 11.52 -34.34
C LEU A 108 16.70 11.92 -32.90
N PRO A 109 15.50 11.60 -32.40
CA PRO A 109 15.22 11.71 -30.97
C PRO A 109 16.22 10.96 -30.09
N TRP A 110 16.60 11.57 -28.97
CA TRP A 110 17.65 11.03 -28.10
C TRP A 110 17.07 10.82 -26.67
N GLN A 111 17.58 9.81 -25.96
CA GLN A 111 17.09 9.42 -24.68
C GLN A 111 17.30 10.46 -23.65
N ARG A 112 16.23 10.99 -23.06
N ARG A 112 16.23 10.99 -23.06
CA ARG A 112 16.34 11.94 -21.94
CA ARG A 112 16.30 11.95 -21.96
C ARG A 112 16.21 11.29 -20.58
C ARG A 112 16.21 11.29 -20.58
N VAL A 113 15.73 10.05 -20.53
CA VAL A 113 15.43 9.38 -19.26
C VAL A 113 16.62 8.51 -18.91
N ASP A 114 17.27 8.79 -17.80
CA ASP A 114 18.47 8.11 -17.36
C ASP A 114 18.19 6.69 -16.83
N ARG A 115 18.16 5.74 -17.75
CA ARG A 115 17.99 4.31 -17.44
C ARG A 115 18.96 3.51 -18.31
N ASP A 116 19.71 2.60 -17.69
CA ASP A 116 20.62 1.77 -18.42
C ASP A 116 19.90 0.90 -19.40
N VAL A 117 20.49 0.76 -20.58
CA VAL A 117 20.01 -0.22 -21.53
C VAL A 117 20.36 -1.60 -20.97
N ALA A 118 19.41 -2.52 -20.99
CA ALA A 118 19.63 -3.84 -20.47
C ALA A 118 20.73 -4.62 -21.24
N PRO A 119 21.56 -5.41 -20.54
CA PRO A 119 22.59 -6.23 -21.15
C PRO A 119 22.07 -7.20 -22.16
N GLY A 120 22.78 -7.37 -23.25
CA GLY A 120 22.38 -8.24 -24.35
C GLY A 120 21.56 -7.52 -25.40
N THR A 121 21.01 -6.35 -25.09
CA THR A 121 20.21 -5.60 -26.04
C THR A 121 21.09 -5.27 -27.23
N LEU A 122 20.59 -5.52 -28.43
CA LEU A 122 21.33 -5.23 -29.64
C LEU A 122 21.09 -3.79 -30.10
N CYS A 123 22.18 -3.04 -30.17
CA CYS A 123 22.17 -1.65 -30.56
C CYS A 123 22.90 -1.44 -31.88
N ASP A 124 22.35 -0.54 -32.67
CA ASP A 124 22.87 -0.27 -34.00
C ASP A 124 23.93 0.88 -33.93
N VAL A 125 25.11 0.62 -34.45
CA VAL A 125 26.17 1.59 -34.56
C VAL A 125 26.58 1.77 -35.98
N ALA A 126 26.76 2.98 -36.42
CA ALA A 126 27.05 3.32 -37.81
C ALA A 126 28.15 4.35 -37.93
N GLY A 127 28.91 4.25 -39.00
CA GLY A 127 29.92 5.24 -39.33
C GLY A 127 30.77 4.95 -40.54
N TRP A 128 31.64 5.91 -40.87
CA TRP A 128 32.56 5.79 -42.00
C TRP A 128 33.97 5.49 -41.53
N GLY A 129 34.13 4.95 -40.33
CA GLY A 129 35.44 4.59 -39.83
C GLY A 129 36.02 3.38 -40.56
N ILE A 130 37.22 2.99 -40.19
CA ILE A 130 37.89 1.88 -40.86
C ILE A 130 37.18 0.55 -40.64
N VAL A 131 37.29 -0.37 -41.60
CA VAL A 131 36.52 -1.61 -41.65
C VAL A 131 37.32 -2.90 -41.46
N ASN A 132 38.64 -2.80 -41.36
CA ASN A 132 39.46 -3.95 -41.08
C ASN A 132 40.78 -3.52 -40.42
N HIS A 133 41.63 -4.52 -40.13
CA HIS A 133 42.90 -4.30 -39.45
C HIS A 133 44.00 -3.81 -40.37
N ALA A 134 43.76 -3.82 -41.67
CA ALA A 134 44.67 -3.21 -42.65
C ALA A 134 44.38 -1.73 -42.95
N GLY A 135 43.51 -1.09 -42.17
CA GLY A 135 43.28 0.33 -42.33
C GLY A 135 42.40 0.78 -43.48
N ARG A 136 41.66 -0.13 -44.10
CA ARG A 136 40.78 0.24 -45.22
C ARG A 136 39.65 1.17 -44.77
N ARG A 137 39.52 2.31 -45.44
CA ARG A 137 38.46 3.28 -45.17
C ARG A 137 37.36 3.08 -46.23
N PRO A 138 36.09 3.02 -45.78
CA PRO A 138 35.03 2.79 -46.75
C PRO A 138 34.59 4.06 -47.38
N ASP A 139 34.06 3.95 -48.59
CA ASP A 139 33.41 5.10 -49.24
C ASP A 139 32.00 5.31 -48.70
N SER A 140 31.26 4.21 -48.49
CA SER A 140 29.88 4.30 -48.05
C SER A 140 29.66 3.98 -46.56
N LEU A 141 28.59 4.52 -45.99
CA LEU A 141 28.26 4.31 -44.59
C LEU A 141 28.10 2.83 -44.22
N GLN A 142 28.73 2.43 -43.12
CA GLN A 142 28.66 1.10 -42.59
C GLN A 142 27.85 1.09 -41.27
N HIS A 143 27.37 -0.09 -40.89
CA HIS A 143 26.72 -0.29 -39.63
C HIS A 143 26.86 -1.70 -39.13
N VAL A 144 26.59 -1.87 -37.84
CA VAL A 144 26.68 -3.18 -37.18
C VAL A 144 25.83 -3.21 -35.94
N LEU A 145 25.31 -4.38 -35.59
CA LEU A 145 24.54 -4.55 -34.33
C LEU A 145 25.44 -5.12 -33.28
N LEU A 146 25.48 -4.48 -32.12
CA LEU A 146 26.34 -4.87 -31.03
C LEU A 146 25.55 -5.09 -29.77
N PRO A 147 25.83 -6.19 -29.06
CA PRO A 147 25.13 -6.40 -27.79
C PRO A 147 25.73 -5.55 -26.68
N VAL A 148 24.88 -4.89 -25.91
CA VAL A 148 25.29 -4.16 -24.75
C VAL A 148 25.87 -5.13 -23.71
N LEU A 149 26.94 -4.70 -23.06
CA LEU A 149 27.67 -5.51 -22.08
C LEU A 149 27.41 -4.87 -20.75
N ASP A 150 27.16 -5.64 -19.70
CA ASP A 150 26.82 -4.98 -18.43
C ASP A 150 28.07 -4.35 -17.80
N ARG A 151 27.86 -3.25 -17.09
CA ARG A 151 28.91 -2.38 -16.63
C ARG A 151 29.88 -3.12 -15.70
N ALA A 152 29.37 -3.98 -14.82
CA ALA A 152 30.24 -4.73 -13.90
C ALA A 152 31.24 -5.63 -14.63
N THR A 153 30.78 -6.36 -15.66
CA THR A 153 31.71 -7.14 -16.52
C THR A 153 32.68 -6.24 -17.27
N CYS A 154 32.17 -5.15 -17.82
CA CYS A 154 32.99 -4.17 -18.53
C CYS A 154 34.11 -3.60 -17.59
N ASN A 155 33.82 -3.49 -16.31
CA ASN A 155 34.74 -2.91 -15.31
C ASN A 155 35.73 -3.88 -14.67
N ARG A 156 35.68 -5.16 -14.97
CA ARG A 156 36.69 -6.13 -14.48
C ARG A 156 38.09 -5.69 -14.85
N ARG A 157 39.07 -6.15 -14.07
CA ARG A 157 40.51 -5.85 -14.28
C ARG A 157 41.03 -6.22 -15.68
N THR A 158 40.60 -7.37 -16.19
CA THR A 158 40.97 -7.82 -17.56
C THR A 158 40.31 -7.01 -18.70
N HIS A 159 39.29 -6.19 -18.37
CA HIS A 159 38.61 -5.36 -19.34
C HIS A 159 39.01 -3.88 -19.12
N HIS A 160 38.14 -3.00 -18.64
CA HIS A 160 38.49 -1.56 -18.53
C HIS A 160 38.77 -1.08 -17.11
N ASP A 161 38.70 -1.98 -16.14
CA ASP A 161 39.33 -1.79 -14.82
C ASP A 161 38.82 -0.58 -13.99
N GLY A 162 37.50 -0.56 -13.77
CA GLY A 162 36.85 0.50 -13.01
C GLY A 162 36.64 1.81 -13.74
N ALA A 163 37.11 1.95 -14.99
CA ALA A 163 36.99 3.22 -15.74
C ALA A 163 35.55 3.58 -16.22
N ILE A 164 34.66 2.59 -16.26
CA ILE A 164 33.29 2.75 -16.77
C ILE A 164 32.37 3.27 -15.65
N THR A 165 32.11 4.57 -15.69
CA THR A 165 31.23 5.25 -14.78
C THR A 165 29.78 5.00 -15.16
N GLU A 166 28.87 5.48 -14.33
CA GLU A 166 27.41 5.48 -14.63
C GLU A 166 27.05 6.30 -15.89
N ARG A 167 27.96 7.11 -16.41
CA ARG A 167 27.72 7.96 -17.57
C ARG A 167 28.24 7.33 -18.86
N LEU A 168 28.73 6.11 -18.78
CA LEU A 168 29.25 5.36 -19.94
C LEU A 168 28.56 4.00 -20.03
N MET A 169 28.45 3.46 -21.23
CA MET A 169 28.01 2.08 -21.42
C MET A 169 28.95 1.39 -22.39
N CYS A 170 28.91 0.08 -22.39
CA CYS A 170 29.77 -0.72 -23.21
C CYS A 170 29.00 -1.67 -24.07
N ALA A 171 29.63 -2.09 -25.14
CA ALA A 171 29.12 -3.10 -26.00
C ALA A 171 30.21 -4.09 -26.36
N GLU A 172 29.84 -5.32 -26.65
CA GLU A 172 30.83 -6.33 -27.05
C GLU A 172 31.62 -5.89 -28.24
N SER A 173 32.86 -6.27 -28.26
CA SER A 173 33.82 -5.84 -29.27
C SER A 173 34.52 -7.07 -29.90
N ASN A 174 33.88 -8.22 -29.93
CA ASN A 174 34.54 -9.44 -30.44
C ASN A 174 34.44 -9.52 -31.97
N ARG A 175 35.49 -9.12 -32.67
CA ARG A 175 35.54 -9.07 -34.16
C ARG A 175 34.52 -8.11 -34.82
N ARG A 176 33.63 -7.51 -34.04
CA ARG A 176 32.65 -6.53 -34.48
C ARG A 176 32.82 -5.37 -33.52
N ASP A 177 33.00 -4.16 -34.05
CA ASP A 177 33.39 -3.06 -33.20
C ASP A 177 33.37 -1.74 -33.94
N SER A 178 33.18 -0.66 -33.18
CA SER A 178 33.44 0.68 -33.64
C SER A 178 34.98 0.87 -33.67
N CYS A 179 35.47 1.65 -34.63
CA CYS A 179 36.92 1.86 -34.77
C CYS A 179 37.23 3.30 -35.19
N LYS A 180 38.52 3.57 -35.45
CA LYS A 180 39.00 4.89 -35.84
C LYS A 180 38.14 5.53 -36.94
N GLY A 181 37.62 6.72 -36.66
CA GLY A 181 36.72 7.44 -37.55
C GLY A 181 35.22 7.23 -37.31
N ASP A 182 34.88 6.30 -36.37
CA ASP A 182 33.52 6.13 -35.94
C ASP A 182 33.17 7.02 -34.75
N SER A 183 34.19 7.57 -34.06
CA SER A 183 33.93 8.45 -32.89
C SER A 183 32.90 9.51 -33.14
N GLY A 184 32.04 9.73 -32.17
CA GLY A 184 31.03 10.78 -32.28
C GLY A 184 29.76 10.33 -32.97
N GLY A 185 29.77 9.13 -33.55
CA GLY A 185 28.55 8.61 -34.17
C GLY A 185 27.61 7.94 -33.19
N PRO A 186 26.46 7.49 -33.70
CA PRO A 186 25.37 7.03 -32.86
C PRO A 186 25.41 5.57 -32.46
N LEU A 187 25.00 5.30 -31.22
CA LEU A 187 24.57 3.98 -30.76
C LEU A 187 23.07 4.11 -30.54
N VAL A 188 22.29 3.38 -31.33
CA VAL A 188 20.84 3.45 -31.33
C VAL A 188 20.24 2.15 -30.79
N CYS A 189 19.42 2.25 -29.75
CA CYS A 189 18.74 1.10 -29.15
C CYS A 189 17.29 1.48 -28.98
N GLY A 190 16.39 0.59 -29.39
CA GLY A 190 14.94 0.86 -29.39
C GLY A 190 14.56 2.02 -30.30
N GLY A 191 15.30 2.24 -31.41
CA GLY A 191 15.07 3.38 -32.26
C GLY A 191 15.37 4.79 -31.75
N VAL A 192 16.13 4.85 -30.64
CA VAL A 192 16.44 6.08 -29.94
C VAL A 192 17.95 6.17 -29.73
N LEU A 193 18.52 7.36 -29.81
CA LEU A 193 19.93 7.58 -29.54
C LEU A 193 20.20 7.39 -28.07
N GLU A 194 21.01 6.40 -27.73
CA GLU A 194 21.40 6.13 -26.35
C GLU A 194 22.86 6.47 -26.06
N GLY A 195 23.71 6.36 -27.08
CA GLY A 195 25.13 6.51 -26.91
C GLY A 195 25.80 7.27 -28.04
N VAL A 196 26.95 7.82 -27.72
CA VAL A 196 27.86 8.43 -28.69
C VAL A 196 29.19 7.72 -28.57
N VAL A 197 29.68 7.21 -29.69
CA VAL A 197 30.95 6.42 -29.71
C VAL A 197 32.10 7.25 -29.13
N THR A 198 32.87 6.70 -28.21
CA THR A 198 34.12 7.33 -27.75
C THR A 198 35.15 6.19 -27.72
N SER A 199 36.42 6.52 -27.46
CA SER A 199 37.48 5.54 -27.22
C SER A 199 38.48 6.11 -26.21
N GLY A 200 38.99 5.25 -25.34
CA GLY A 200 40.18 5.52 -24.57
C GLY A 200 41.44 4.88 -25.12
N SER A 201 41.32 4.06 -26.13
CA SER A 201 42.37 3.07 -26.47
C SER A 201 42.33 2.88 -27.95
N ARG A 202 43.47 2.65 -28.58
CA ARG A 202 43.53 2.38 -30.01
C ARG A 202 43.01 1.03 -30.46
N VAL A 203 43.02 0.02 -29.63
CA VAL A 203 42.65 -1.37 -30.07
C VAL A 203 41.16 -1.51 -30.45
N CYS A 204 40.92 -2.24 -31.53
CA CYS A 204 39.64 -2.41 -32.14
C CYS A 204 39.43 -3.90 -32.33
N GLY A 205 38.23 -4.39 -32.00
CA GLY A 205 37.86 -5.75 -32.32
C GLY A 205 38.43 -6.79 -31.38
N ASN A 206 38.94 -6.35 -30.23
CA ASN A 206 39.48 -7.24 -29.19
C ASN A 206 38.43 -7.39 -28.11
N ARG A 207 37.91 -8.60 -27.96
CA ARG A 207 36.92 -9.00 -26.91
C ARG A 207 37.25 -8.53 -25.50
N LYS A 208 38.54 -8.46 -25.19
CA LYS A 208 39.00 -8.04 -23.85
C LYS A 208 38.86 -6.53 -23.62
N LYS A 209 38.69 -5.74 -24.70
CA LYS A 209 38.53 -4.29 -24.59
C LYS A 209 37.24 -3.84 -25.30
N PRO A 210 36.08 -3.95 -24.61
CA PRO A 210 34.80 -3.56 -25.16
C PRO A 210 34.75 -2.12 -25.67
N GLY A 211 33.85 -1.85 -26.59
CA GLY A 211 33.61 -0.51 -27.02
C GLY A 211 32.96 0.28 -25.93
N ILE A 212 33.18 1.60 -25.94
CA ILE A 212 32.71 2.47 -24.90
C ILE A 212 31.89 3.55 -25.58
N TYR A 213 30.76 3.91 -24.98
CA TYR A 213 29.84 4.85 -25.56
C TYR A 213 29.38 5.79 -24.42
N THR A 214 29.34 7.08 -24.72
CA THR A 214 28.86 8.03 -23.75
C THR A 214 27.34 8.01 -23.75
N ARG A 215 26.74 7.94 -22.57
CA ARG A 215 25.29 7.84 -22.45
C ARG A 215 24.70 9.20 -22.52
N VAL A 216 23.93 9.50 -23.58
CA VAL A 216 23.43 10.85 -23.74
C VAL A 216 22.43 11.25 -22.65
N ALA A 217 21.69 10.30 -22.14
CA ALA A 217 20.66 10.55 -21.09
C ALA A 217 21.31 11.13 -19.83
N SER A 218 22.51 10.68 -19.59
CA SER A 218 23.32 11.17 -18.50
C SER A 218 23.66 12.66 -18.63
N TYR A 219 23.56 13.23 -19.82
CA TYR A 219 23.89 14.64 -20.06
C TYR A 219 22.68 15.42 -20.55
N ALA A 220 21.48 14.93 -20.25
CA ALA A 220 20.26 15.53 -20.78
C ALA A 220 20.10 16.99 -20.41
N ALA A 221 20.43 17.37 -19.20
CA ALA A 221 20.26 18.80 -18.83
C ALA A 221 21.24 19.70 -19.59
N TRP A 222 22.46 19.23 -19.75
CA TRP A 222 23.46 20.02 -20.48
C TRP A 222 23.08 20.18 -21.95
N ILE A 223 22.64 19.08 -22.57
CA ILE A 223 22.24 19.13 -23.97
C ILE A 223 21.09 20.12 -24.17
N ASP A 224 20.04 20.02 -23.38
CA ASP A 224 18.89 20.96 -23.47
C ASP A 224 19.30 22.40 -23.34
N SER A 225 20.17 22.66 -22.37
CA SER A 225 20.62 24.03 -22.07
C SER A 225 21.38 24.63 -23.23
N VAL A 226 22.27 23.86 -23.84
CA VAL A 226 22.99 24.36 -25.02
C VAL A 226 22.03 24.54 -26.20
N LEU A 227 21.11 23.61 -26.44
CA LEU A 227 20.11 23.79 -27.52
C LEU A 227 19.18 24.96 -27.37
N ALA A 228 19.03 25.51 -26.18
CA ALA A 228 18.30 26.77 -25.97
C ALA A 228 19.17 28.03 -25.98
N ILE B 1 -1.56 21.55 5.10
CA ILE B 1 -1.18 22.79 4.31
C ILE B 1 -1.48 24.05 5.15
N LEU B 2 -0.43 24.75 5.52
CA LEU B 2 -0.53 26.02 6.21
C LEU B 2 -0.70 27.14 5.16
N GLY B 3 -1.60 28.08 5.42
CA GLY B 3 -1.78 29.24 4.56
C GLY B 3 -2.33 28.97 3.17
N GLY B 4 -3.07 27.88 3.04
CA GLY B 4 -3.68 27.48 1.77
C GLY B 4 -5.17 27.67 1.81
N ARG B 5 -5.85 26.94 0.94
CA ARG B 5 -7.27 27.12 0.70
C ARG B 5 -7.81 25.75 0.43
N GLU B 6 -9.09 25.55 0.67
CA GLU B 6 -9.78 24.35 0.21
C GLU B 6 -9.67 24.26 -1.31
N ALA B 7 -9.34 23.09 -1.82
CA ALA B 7 -9.27 22.83 -3.23
C ALA B 7 -10.64 22.65 -3.80
N GLU B 8 -10.73 22.68 -5.12
CA GLU B 8 -11.96 22.37 -5.81
C GLU B 8 -12.09 20.85 -5.77
N ALA B 9 -13.26 20.38 -5.34
CA ALA B 9 -13.52 18.96 -5.24
C ALA B 9 -13.18 18.23 -6.54
N HIS B 10 -12.33 17.23 -6.44
CA HIS B 10 -11.93 16.34 -7.56
C HIS B 10 -11.20 16.99 -8.74
N ALA B 11 -10.66 18.18 -8.53
CA ALA B 11 -9.85 18.84 -9.57
C ALA B 11 -8.46 18.24 -9.64
N ARG B 12 -8.06 17.50 -8.61
CA ARG B 12 -6.79 16.75 -8.56
C ARG B 12 -7.09 15.25 -8.45
N PRO B 13 -7.48 14.63 -9.53
CA PRO B 13 -7.93 13.24 -9.50
C PRO B 13 -6.84 12.19 -9.20
N TYR B 14 -5.60 12.64 -9.10
CA TYR B 14 -4.46 11.81 -8.74
C TYR B 14 -4.25 11.72 -7.25
N MET B 15 -4.94 12.59 -6.50
CA MET B 15 -4.64 12.77 -5.10
C MET B 15 -5.10 11.56 -4.31
N ALA B 16 -4.23 11.06 -3.44
CA ALA B 16 -4.54 9.87 -2.66
C ALA B 16 -4.32 10.17 -1.20
N SER B 17 -5.19 9.59 -0.35
CA SER B 17 -4.95 9.57 1.09
C SER B 17 -4.48 8.20 1.53
N VAL B 18 -3.29 8.14 2.12
CA VAL B 18 -2.73 6.89 2.60
C VAL B 18 -3.18 6.79 4.03
N GLN B 19 -3.87 5.71 4.35
CA GLN B 19 -4.56 5.54 5.61
C GLN B 19 -4.03 4.37 6.45
N LEU B 20 -3.96 4.61 7.76
CA LEU B 20 -3.56 3.61 8.76
C LEU B 20 -4.68 3.54 9.81
N ASN B 21 -5.29 2.36 9.95
CA ASN B 21 -6.35 2.12 10.94
C ASN B 21 -7.53 3.08 10.73
N GLY B 22 -7.97 3.20 9.48
CA GLY B 22 -9.08 4.02 9.08
C GLY B 22 -8.95 5.54 9.17
N ALA B 23 -7.74 6.05 9.41
CA ALA B 23 -7.50 7.48 9.52
C ALA B 23 -6.44 7.91 8.53
N HIS B 24 -6.61 9.13 8.01
CA HIS B 24 -5.62 9.73 7.17
C HIS B 24 -4.27 9.80 7.86
N LEU B 25 -3.24 9.27 7.22
CA LEU B 25 -1.87 9.40 7.70
C LEU B 25 -0.96 10.29 6.83
N CYS B 26 -0.96 10.03 5.52
CA CYS B 26 -0.05 10.64 4.56
C CYS B 26 -0.75 10.92 3.24
N GLY B 27 -0.22 11.87 2.49
CA GLY B 27 -0.61 12.03 1.12
C GLY B 27 0.05 10.98 0.23
N GLY B 28 -0.47 10.85 -0.97
CA GLY B 28 0.12 10.05 -2.02
C GLY B 28 -0.42 10.50 -3.36
N VAL B 29 0.12 9.91 -4.44
CA VAL B 29 -0.21 10.28 -5.79
C VAL B 29 -0.35 9.02 -6.63
N LEU B 30 -1.48 8.91 -7.31
CA LEU B 30 -1.74 7.81 -8.19
C LEU B 30 -0.84 8.04 -9.45
N VAL B 31 0.09 7.13 -9.70
CA VAL B 31 1.04 7.25 -10.84
C VAL B 31 0.91 6.18 -11.89
N ALA B 32 0.15 5.12 -11.60
CA ALA B 32 -0.32 4.17 -12.60
C ALA B 32 -1.61 3.56 -12.09
N GLU B 33 -2.28 2.79 -12.91
CA GLU B 33 -3.59 2.20 -12.55
C GLU B 33 -3.57 1.53 -11.18
N GLN B 34 -2.46 0.83 -10.89
CA GLN B 34 -2.34 0.01 -9.70
C GLN B 34 -1.29 0.49 -8.67
N TRP B 35 -0.73 1.68 -8.86
CA TRP B 35 0.36 2.15 -7.98
C TRP B 35 0.23 3.57 -7.52
N VAL B 36 0.53 3.76 -6.25
CA VAL B 36 0.50 5.06 -5.61
C VAL B 36 1.89 5.33 -5.05
N LEU B 37 2.42 6.53 -5.31
CA LEU B 37 3.72 6.92 -4.83
C LEU B 37 3.50 7.78 -3.60
N SER B 38 4.26 7.50 -2.55
CA SER B 38 4.17 8.30 -1.34
C SER B 38 5.55 8.37 -0.74
N ALA B 39 5.64 8.69 0.55
CA ALA B 39 6.94 8.78 1.25
C ALA B 39 7.19 7.58 2.15
N ALA B 40 8.46 7.15 2.24
CA ALA B 40 8.82 5.98 3.07
C ALA B 40 8.63 6.20 4.56
N HIS B 41 8.91 7.38 5.06
CA HIS B 41 8.68 7.70 6.49
C HIS B 41 7.26 7.44 7.02
N CYS B 42 6.28 7.48 6.15
CA CYS B 42 4.88 7.13 6.45
C CYS B 42 4.63 5.73 6.96
N LEU B 43 5.37 4.75 6.46
CA LEU B 43 5.16 3.32 6.75
C LEU B 43 6.06 2.75 7.83
N GLU B 44 7.08 3.49 8.28
CA GLU B 44 7.91 3.03 9.42
C GLU B 44 7.22 2.38 10.66
N ASP B 45 6.29 3.11 11.20
CA ASP B 45 5.51 2.77 12.39
C ASP B 45 4.22 1.99 12.09
N ALA B 46 4.06 1.42 10.90
CA ALA B 46 2.78 0.90 10.49
C ALA B 46 2.54 -0.45 11.12
N ALA B 47 3.55 -1.32 11.01
CA ALA B 47 3.65 -2.59 11.75
C ALA B 47 2.31 -3.18 12.18
N ASP B 48 1.72 -4.01 11.32
CA ASP B 48 0.43 -4.72 11.63
C ASP B 48 -0.83 -3.82 11.67
N GLY B 49 -0.73 -2.52 11.37
CA GLY B 49 -1.90 -1.70 11.13
C GLY B 49 -2.47 -1.92 9.74
N LYS B 50 -3.75 -1.63 9.57
CA LYS B 50 -4.43 -1.82 8.28
C LYS B 50 -3.99 -0.64 7.36
N VAL B 51 -3.09 -0.91 6.40
CA VAL B 51 -2.67 0.11 5.42
C VAL B 51 -3.56 0.14 4.19
N GLN B 52 -4.22 1.27 3.96
CA GLN B 52 -5.13 1.43 2.83
C GLN B 52 -4.90 2.75 2.11
N VAL B 53 -5.47 2.85 0.90
CA VAL B 53 -5.35 4.02 0.06
C VAL B 53 -6.75 4.45 -0.35
N LEU B 54 -7.08 5.69 -0.02
CA LEU B 54 -8.34 6.28 -0.42
C LEU B 54 -8.14 7.12 -1.69
N LEU B 55 -8.81 6.75 -2.77
CA LEU B 55 -8.80 7.50 -4.02
C LEU B 55 -10.11 8.18 -4.25
N GLY B 56 -10.14 9.18 -5.10
CA GLY B 56 -11.40 9.83 -5.47
C GLY B 56 -12.03 10.69 -4.38
N ALA B 57 -11.24 11.10 -3.39
CA ALA B 57 -11.74 11.80 -2.24
C ALA B 57 -11.57 13.29 -2.34
N HIS B 58 -12.50 13.99 -1.67
CA HIS B 58 -12.32 15.36 -1.34
C HIS B 58 -12.49 15.54 0.15
N SER B 59 -13.65 15.20 0.68
CA SER B 59 -13.83 15.10 2.12
C SER B 59 -13.41 13.72 2.59
N LEU B 60 -12.67 13.68 3.70
CA LEU B 60 -12.30 12.39 4.32
C LEU B 60 -13.48 11.69 5.01
N SER B 61 -14.41 12.46 5.60
CA SER B 61 -15.54 11.91 6.35
C SER B 61 -16.85 11.74 5.57
N GLN B 62 -17.22 12.73 4.74
CA GLN B 62 -18.51 12.73 4.01
C GLN B 62 -18.54 11.75 2.84
N PRO B 63 -19.74 11.20 2.53
CA PRO B 63 -19.83 10.23 1.41
C PRO B 63 -19.80 10.91 0.05
N GLU B 64 -19.17 10.28 -0.92
CA GLU B 64 -18.99 10.86 -2.26
C GLU B 64 -18.98 9.68 -3.20
N PRO B 65 -19.66 9.76 -4.34
CA PRO B 65 -19.72 8.57 -5.24
C PRO B 65 -18.37 8.08 -5.74
N SER B 66 -17.42 8.97 -5.94
CA SER B 66 -16.10 8.59 -6.48
C SER B 66 -15.15 7.98 -5.40
N LYS B 67 -15.43 8.21 -4.11
CA LYS B 67 -14.56 7.71 -3.04
C LYS B 67 -14.55 6.21 -2.99
N ARG B 68 -13.37 5.64 -3.05
CA ARG B 68 -13.23 4.24 -2.89
C ARG B 68 -11.93 3.90 -2.15
N LEU B 69 -12.02 2.96 -1.22
CA LEU B 69 -10.90 2.60 -0.34
C LEU B 69 -10.30 1.33 -0.90
N TYR B 70 -8.98 1.31 -1.09
CA TYR B 70 -8.30 0.16 -1.65
C TYR B 70 -7.34 -0.44 -0.60
N ASP B 71 -7.20 -1.75 -0.60
CA ASP B 71 -6.18 -2.38 0.23
C ASP B 71 -4.87 -2.32 -0.52
N VAL B 72 -3.78 -2.46 0.22
CA VAL B 72 -2.43 -2.49 -0.34
C VAL B 72 -1.90 -3.92 -0.37
N LEU B 73 -1.56 -4.38 -1.56
CA LEU B 73 -1.01 -5.70 -1.80
C LEU B 73 0.45 -5.78 -1.38
N ARG B 74 1.21 -4.73 -1.72
CA ARG B 74 2.66 -4.68 -1.59
C ARG B 74 3.06 -3.25 -1.37
N ALA B 75 3.99 -3.01 -0.45
CA ALA B 75 4.57 -1.68 -0.24
C ALA B 75 6.08 -1.82 -0.46
N VAL B 76 6.65 -0.94 -1.27
CA VAL B 76 8.06 -1.02 -1.63
C VAL B 76 8.77 0.28 -1.33
N PRO B 77 9.41 0.37 -0.15
CA PRO B 77 10.16 1.57 0.13
C PRO B 77 11.45 1.54 -0.63
N HIS B 78 11.96 2.71 -0.96
CA HIS B 78 13.25 2.78 -1.61
C HIS B 78 14.27 2.11 -0.69
N PRO B 79 15.09 1.21 -1.24
CA PRO B 79 15.96 0.40 -0.37
C PRO B 79 17.02 1.17 0.40
N ASP B 80 17.38 2.38 -0.04
CA ASP B 80 18.33 3.22 0.71
C ASP B 80 17.67 4.24 1.64
N SER B 81 16.34 4.21 1.79
CA SER B 81 15.67 5.06 2.80
C SER B 81 16.00 4.57 4.21
N GLN B 82 16.07 5.50 5.16
CA GLN B 82 16.37 5.17 6.56
C GLN B 82 15.60 6.10 7.45
N PRO B 83 15.17 5.66 8.64
CA PRO B 83 14.38 6.57 9.47
C PRO B 83 15.09 7.83 9.93
N ASP B 84 16.42 7.85 9.95
CA ASP B 84 17.20 9.00 10.46
C ASP B 84 17.80 9.90 9.39
N THR B 85 17.40 9.75 8.12
CA THR B 85 17.82 10.63 7.01
C THR B 85 16.62 11.12 6.24
N ILE B 86 16.86 12.13 5.39
CA ILE B 86 15.84 12.68 4.51
C ILE B 86 15.99 12.15 3.07
N ASP B 87 16.97 11.27 2.86
CA ASP B 87 17.35 10.84 1.52
C ASP B 87 16.50 9.65 1.07
N HIS B 88 16.20 9.65 -0.22
CA HIS B 88 15.56 8.51 -0.85
C HIS B 88 14.19 8.19 -0.23
N ASP B 89 13.46 9.20 0.23
CA ASP B 89 12.24 9.00 0.98
C ASP B 89 11.05 8.77 0.04
N LEU B 90 11.10 7.69 -0.74
CA LEU B 90 10.00 7.30 -1.61
C LEU B 90 9.46 5.92 -1.27
N LEU B 91 8.17 5.74 -1.51
CA LEU B 91 7.46 4.49 -1.23
C LEU B 91 6.49 4.27 -2.36
N LEU B 92 6.49 3.06 -2.91
CA LEU B 92 5.51 2.69 -3.91
C LEU B 92 4.53 1.68 -3.32
N LEU B 93 3.23 1.97 -3.43
CA LEU B 93 2.18 1.11 -2.90
C LEU B 93 1.40 0.49 -4.04
N GLN B 94 1.42 -0.84 -4.12
CA GLN B 94 0.62 -1.57 -5.11
C GLN B 94 -0.76 -1.80 -4.51
N LEU B 95 -1.79 -1.37 -5.22
CA LEU B 95 -3.16 -1.59 -4.78
C LEU B 95 -3.57 -3.05 -5.01
N SER B 96 -4.53 -3.51 -4.24
CA SER B 96 -5.09 -4.89 -4.36
C SER B 96 -5.70 -5.17 -5.72
N GLU B 97 -6.11 -4.13 -6.44
CA GLU B 97 -6.58 -4.26 -7.82
C GLU B 97 -6.39 -2.96 -8.57
N LYS B 98 -6.45 -3.04 -9.89
CA LYS B 98 -6.43 -1.83 -10.73
C LYS B 98 -7.49 -0.87 -10.24
N ALA B 99 -7.12 0.38 -10.07
CA ALA B 99 -8.08 1.40 -9.62
C ALA B 99 -9.09 1.66 -10.73
N THR B 100 -10.33 1.95 -10.34
CA THR B 100 -11.38 2.27 -11.29
C THR B 100 -11.19 3.71 -11.73
N LEU B 101 -10.82 3.90 -12.99
CA LEU B 101 -10.53 5.24 -13.50
C LEU B 101 -11.80 5.96 -13.89
N GLY B 102 -11.75 7.29 -13.82
CA GLY B 102 -12.95 8.11 -13.99
C GLY B 102 -12.58 9.57 -13.89
N PRO B 103 -13.54 10.46 -14.09
CA PRO B 103 -13.28 11.89 -13.93
C PRO B 103 -12.59 12.27 -12.63
N ALA B 104 -12.86 11.55 -11.54
CA ALA B 104 -12.27 11.88 -10.25
C ALA B 104 -11.10 10.99 -9.78
N VAL B 105 -10.66 10.04 -10.62
CA VAL B 105 -9.60 9.13 -10.29
C VAL B 105 -8.81 8.86 -11.56
N ARG B 106 -7.57 9.36 -11.62
CA ARG B 106 -6.76 9.33 -12.82
C ARG B 106 -5.30 9.48 -12.41
N PRO B 107 -4.38 8.68 -12.98
CA PRO B 107 -2.97 8.88 -12.69
C PRO B 107 -2.41 10.24 -13.19
N LEU B 108 -1.39 10.72 -12.49
CA LEU B 108 -0.70 11.93 -12.85
C LEU B 108 0.65 11.52 -13.45
N PRO B 109 0.91 11.89 -14.70
CA PRO B 109 2.27 11.77 -15.26
C PRO B 109 3.34 12.48 -14.40
N TRP B 110 4.50 11.82 -14.30
CA TRP B 110 5.56 12.29 -13.41
C TRP B 110 6.85 12.50 -14.24
N GLN B 111 7.66 13.47 -13.82
CA GLN B 111 8.84 13.89 -14.56
C GLN B 111 9.87 12.82 -14.62
N ARG B 112 10.22 12.36 -15.80
CA ARG B 112 11.33 11.39 -15.94
C ARG B 112 12.65 12.04 -16.28
N VAL B 113 12.64 13.30 -16.72
CA VAL B 113 13.85 13.96 -17.20
C VAL B 113 14.43 14.76 -16.03
N ASP B 114 15.64 14.41 -15.63
CA ASP B 114 16.32 15.02 -14.50
C ASP B 114 16.83 16.45 -14.81
N ARG B 115 15.95 17.42 -14.63
CA ARG B 115 16.25 18.84 -14.81
C ARG B 115 15.62 19.61 -13.65
N ASP B 116 16.38 20.46 -12.99
CA ASP B 116 15.86 21.25 -11.91
C ASP B 116 14.77 22.19 -12.37
N VAL B 117 13.75 22.32 -11.57
CA VAL B 117 12.75 23.36 -11.78
C VAL B 117 13.42 24.68 -11.45
N ALA B 118 13.23 25.66 -12.29
CA ALA B 118 13.84 26.98 -12.07
C ALA B 118 13.30 27.67 -10.78
N PRO B 119 14.17 28.38 -10.04
CA PRO B 119 13.78 29.19 -8.88
C PRO B 119 12.72 30.18 -9.17
N GLY B 120 11.79 30.33 -8.25
CA GLY B 120 10.67 31.27 -8.41
C GLY B 120 9.44 30.62 -9.04
N THR B 121 9.60 29.46 -9.69
CA THR B 121 8.49 28.78 -10.33
C THR B 121 7.48 28.41 -9.27
N LEU B 122 6.22 28.69 -9.51
CA LEU B 122 5.17 28.38 -8.57
C LEU B 122 4.63 26.96 -8.79
N CYS B 123 4.75 26.14 -7.75
CA CYS B 123 4.33 24.76 -7.77
C CYS B 123 3.16 24.52 -6.82
N ASP B 124 2.25 23.66 -7.24
CA ASP B 124 1.05 23.36 -6.50
C ASP B 124 1.29 22.17 -5.54
N VAL B 125 0.99 22.35 -4.26
CA VAL B 125 1.09 21.30 -3.28
C VAL B 125 -0.25 21.12 -2.60
N ALA B 126 -0.68 19.88 -2.45
CA ALA B 126 -1.97 19.57 -1.84
C ALA B 126 -1.88 18.50 -0.77
N GLY B 127 -2.80 18.55 0.16
CA GLY B 127 -2.96 17.49 1.15
C GLY B 127 -3.99 17.75 2.25
N TRP B 128 -4.16 16.76 3.10
CA TRP B 128 -5.09 16.83 4.22
C TRP B 128 -4.34 17.02 5.54
N GLY B 129 -3.12 17.52 5.49
CA GLY B 129 -2.36 17.77 6.71
C GLY B 129 -2.91 18.94 7.49
N ILE B 130 -2.29 19.26 8.60
CA ILE B 130 -2.78 20.31 9.48
C ILE B 130 -2.68 21.69 8.82
N VAL B 131 -3.59 22.60 9.19
CA VAL B 131 -3.76 23.90 8.52
C VAL B 131 -3.41 25.13 9.37
N ASN B 132 -3.03 24.92 10.63
CA ASN B 132 -2.54 26.03 11.45
C ASN B 132 -1.63 25.49 12.56
N HIS B 133 -1.13 26.40 13.40
CA HIS B 133 -0.19 26.07 14.47
C HIS B 133 -0.88 25.52 15.71
N ALA B 134 -2.21 25.58 15.76
CA ALA B 134 -2.99 24.90 16.81
C ALA B 134 -3.38 23.45 16.47
N GLY B 135 -2.82 22.88 15.41
CA GLY B 135 -3.04 21.46 15.10
C GLY B 135 -4.35 21.10 14.45
N ARG B 136 -5.11 22.07 13.94
CA ARG B 136 -6.39 21.75 13.29
C ARG B 136 -6.23 20.90 12.05
N ARG B 137 -6.94 19.79 11.98
CA ARG B 137 -6.92 18.91 10.79
C ARG B 137 -8.17 19.20 9.96
N PRO B 138 -8.02 19.38 8.64
CA PRO B 138 -9.18 19.70 7.82
C PRO B 138 -9.89 18.44 7.40
N ASP B 139 -11.17 18.57 7.14
CA ASP B 139 -11.97 17.51 6.56
C ASP B 139 -11.73 17.38 5.05
N SER B 140 -11.64 18.52 4.37
CA SER B 140 -11.51 18.55 2.91
C SER B 140 -10.09 18.88 2.42
N LEU B 141 -9.75 18.42 1.23
CA LEU B 141 -8.42 18.63 0.63
C LEU B 141 -8.06 20.08 0.51
N GLN B 142 -6.85 20.41 0.95
CA GLN B 142 -6.30 21.75 0.82
C GLN B 142 -5.17 21.78 -0.23
N HIS B 143 -4.86 22.99 -0.71
CA HIS B 143 -3.74 23.22 -1.59
C HIS B 143 -3.18 24.61 -1.44
N VAL B 144 -1.96 24.79 -1.95
CA VAL B 144 -1.27 26.08 -1.91
C VAL B 144 -0.23 26.13 -3.01
N LEU B 145 0.05 27.33 -3.53
CA LEU B 145 1.12 27.54 -4.51
C LEU B 145 2.35 28.04 -3.81
N LEU B 146 3.48 27.38 -4.05
CA LEU B 146 4.72 27.70 -3.37
C LEU B 146 5.81 27.97 -4.39
N PRO B 147 6.61 29.03 -4.21
CA PRO B 147 7.73 29.26 -5.11
C PRO B 147 8.90 28.33 -4.78
N VAL B 148 9.48 27.73 -5.81
CA VAL B 148 10.68 26.95 -5.69
C VAL B 148 11.83 27.88 -5.26
N LEU B 149 12.67 27.38 -4.36
CA LEU B 149 13.77 28.14 -3.79
C LEU B 149 15.03 27.50 -4.35
N ASP B 150 16.03 28.28 -4.73
CA ASP B 150 17.20 27.63 -5.33
C ASP B 150 18.03 26.92 -4.26
N ARG B 151 18.67 25.84 -4.70
CA ARG B 151 19.31 24.89 -3.82
C ARG B 151 20.43 25.56 -2.99
N ALA B 152 21.20 26.44 -3.59
CA ALA B 152 22.29 27.15 -2.86
C ALA B 152 21.77 27.99 -1.69
N THR B 153 20.69 28.73 -1.88
CA THR B 153 20.03 29.44 -0.74
C THR B 153 19.46 28.47 0.27
N CYS B 154 18.83 27.41 -0.21
CA CYS B 154 18.28 26.38 0.67
C CYS B 154 19.39 25.74 1.54
N ASN B 155 20.60 25.64 1.00
CA ASN B 155 21.74 25.00 1.66
C ASN B 155 22.58 25.88 2.59
N ARG B 156 22.29 27.18 2.68
CA ARG B 156 22.98 28.05 3.63
C ARG B 156 22.89 27.53 5.05
N ARG B 157 23.86 27.92 5.88
CA ARG B 157 23.96 27.49 7.30
C ARG B 157 22.69 27.82 8.13
N THR B 158 22.12 29.01 7.92
CA THR B 158 20.87 29.45 8.56
C THR B 158 19.61 28.70 8.09
N HIS B 159 19.72 27.96 6.97
CA HIS B 159 18.61 27.18 6.42
C HIS B 159 18.88 25.66 6.68
N HIS B 160 19.16 24.84 5.67
CA HIS B 160 19.31 23.39 5.88
C HIS B 160 20.75 22.88 5.85
N ASP B 161 21.71 23.78 5.65
CA ASP B 161 23.12 23.54 5.98
C ASP B 161 23.81 22.38 5.22
N GLY B 162 23.76 22.44 3.89
CA GLY B 162 24.36 21.44 3.03
C GLY B 162 23.58 20.14 2.87
N ALA B 163 22.44 19.99 3.57
CA ALA B 163 21.67 18.72 3.52
C ALA B 163 20.91 18.47 2.19
N ILE B 164 20.70 19.52 1.39
CA ILE B 164 19.92 19.45 0.15
C ILE B 164 20.82 19.00 -1.01
N THR B 165 20.70 17.72 -1.36
CA THR B 165 21.42 17.10 -2.44
C THR B 165 20.74 17.44 -3.76
N GLU B 166 21.35 16.99 -4.84
CA GLU B 166 20.76 17.11 -6.20
C GLU B 166 19.43 16.31 -6.35
N ARG B 167 19.10 15.43 -5.39
CA ARG B 167 17.91 14.62 -5.44
C ARG B 167 16.74 15.21 -4.64
N LEU B 168 16.95 16.41 -4.10
CA LEU B 168 15.95 17.13 -3.32
C LEU B 168 15.76 18.53 -3.90
N MET B 169 14.58 19.11 -3.71
CA MET B 169 14.35 20.51 -4.04
C MET B 169 13.61 21.15 -2.89
N CYS B 170 13.65 22.47 -2.87
CA CYS B 170 12.99 23.22 -1.81
C CYS B 170 12.03 24.21 -2.34
N ALA B 171 11.09 24.57 -1.49
CA ALA B 171 10.16 25.64 -1.77
C ALA B 171 10.05 26.55 -0.55
N GLU B 172 9.74 27.81 -0.79
CA GLU B 172 9.58 28.76 0.32
C GLU B 172 8.54 28.28 1.31
N SER B 173 8.79 28.58 2.57
CA SER B 173 7.97 28.10 3.67
C SER B 173 7.51 29.27 4.56
N ASN B 174 7.40 30.47 4.03
CA ASN B 174 7.07 31.64 4.86
C ASN B 174 5.55 31.78 5.06
N ARG B 175 5.05 31.30 6.20
CA ARG B 175 3.60 31.27 6.52
C ARG B 175 2.71 30.42 5.59
N ARG B 176 3.29 29.88 4.52
CA ARG B 176 2.63 28.96 3.60
C ARG B 176 3.58 27.78 3.50
N ASP B 177 3.07 26.59 3.75
CA ASP B 177 3.96 25.45 3.83
C ASP B 177 3.16 24.15 3.87
N SER B 178 3.84 23.07 3.47
CA SER B 178 3.39 21.72 3.73
C SER B 178 3.67 21.44 5.22
N CYS B 179 2.79 20.65 5.87
CA CYS B 179 2.96 20.33 7.27
C CYS B 179 2.59 18.88 7.58
N LYS B 180 2.59 18.51 8.87
CA LYS B 180 2.27 17.18 9.32
C LYS B 180 1.01 16.61 8.68
N GLY B 181 1.13 15.47 8.03
CA GLY B 181 0.04 14.85 7.28
C GLY B 181 0.01 15.14 5.78
N ASP B 182 0.85 16.08 5.33
CA ASP B 182 1.02 16.33 3.89
C ASP B 182 2.13 15.48 3.27
N SER B 183 2.98 14.87 4.09
CA SER B 183 4.06 13.98 3.63
C SER B 183 3.61 12.97 2.61
N GLY B 184 4.39 12.78 1.56
CA GLY B 184 4.05 11.80 0.54
C GLY B 184 3.15 12.34 -0.55
N GLY B 185 2.61 13.55 -0.38
CA GLY B 185 1.79 14.13 -1.41
C GLY B 185 2.59 14.87 -2.49
N PRO B 186 1.86 15.41 -3.47
CA PRO B 186 2.50 15.91 -4.69
C PRO B 186 2.93 17.35 -4.65
N LEU B 187 4.06 17.63 -5.27
CA LEU B 187 4.45 18.96 -5.72
C LEU B 187 4.38 18.93 -7.23
N VAL B 188 3.47 19.71 -7.79
CA VAL B 188 3.19 19.74 -9.22
C VAL B 188 3.64 21.08 -9.83
N CYS B 189 4.53 21.02 -10.84
CA CYS B 189 5.00 22.18 -11.56
C CYS B 189 4.88 21.85 -13.04
N GLY B 190 4.34 22.78 -13.82
CA GLY B 190 4.13 22.60 -15.25
C GLY B 190 3.14 21.47 -15.56
N GLY B 191 2.14 21.27 -14.69
CA GLY B 191 1.22 20.17 -14.79
C GLY B 191 1.71 18.73 -14.61
N VAL B 192 2.92 18.58 -14.07
CA VAL B 192 3.62 17.32 -13.95
C VAL B 192 4.11 17.15 -12.51
N LEU B 193 4.13 15.93 -12.02
CA LEU B 193 4.65 15.63 -10.69
C LEU B 193 6.16 15.78 -10.71
N GLU B 194 6.67 16.73 -9.92
CA GLU B 194 8.11 16.96 -9.80
C GLU B 194 8.68 16.51 -8.46
N GLY B 195 7.85 16.61 -7.43
CA GLY B 195 8.27 16.37 -6.07
C GLY B 195 7.28 15.59 -5.24
N VAL B 196 7.79 14.94 -4.20
CA VAL B 196 7.00 14.28 -3.19
C VAL B 196 7.41 14.90 -1.85
N VAL B 197 6.43 15.40 -1.10
CA VAL B 197 6.68 16.08 0.16
C VAL B 197 7.45 15.16 1.14
N THR B 198 8.52 15.65 1.75
CA THR B 198 9.19 14.94 2.84
C THR B 198 9.51 16.00 3.88
N SER B 199 10.04 15.61 5.04
CA SER B 199 10.51 16.54 6.08
C SER B 199 11.69 15.92 6.81
N GLY B 200 12.68 16.76 7.17
CA GLY B 200 13.68 16.39 8.14
C GLY B 200 13.43 16.90 9.56
N SER B 201 12.42 17.75 9.71
CA SER B 201 12.26 18.56 10.91
C SER B 201 10.81 18.74 11.16
N ARG B 202 10.39 18.86 12.42
CA ARG B 202 9.00 19.11 12.74
C ARG B 202 8.44 20.51 12.40
N VAL B 203 9.30 21.53 12.39
CA VAL B 203 8.85 22.92 12.21
C VAL B 203 8.20 23.24 10.85
N CYS B 204 7.12 24.00 10.89
CA CYS B 204 6.30 24.30 9.74
C CYS B 204 6.09 25.79 9.67
N GLY B 205 6.13 26.36 8.47
CA GLY B 205 5.76 27.76 8.25
C GLY B 205 6.81 28.74 8.68
N ASN B 206 8.03 28.29 8.91
CA ASN B 206 9.18 29.10 9.28
C ASN B 206 10.03 29.30 8.06
N ARG B 207 10.10 30.55 7.58
CA ARG B 207 10.95 30.98 6.43
C ARG B 207 12.38 30.46 6.44
N LYS B 208 12.95 30.30 7.64
CA LYS B 208 14.33 29.85 7.79
C LYS B 208 14.49 28.36 7.55
N LYS B 209 13.39 27.59 7.54
CA LYS B 209 13.42 26.14 7.28
C LYS B 209 12.46 25.79 6.12
N PRO B 210 12.92 25.97 4.87
CA PRO B 210 12.12 25.68 3.68
C PRO B 210 11.59 24.27 3.64
N GLY B 211 10.49 24.08 2.93
CA GLY B 211 9.96 22.76 2.69
C GLY B 211 10.91 22.00 1.77
N ILE B 212 10.89 20.68 1.92
CA ILE B 212 11.81 19.83 1.20
C ILE B 212 10.96 18.82 0.45
N TYR B 213 11.32 18.55 -0.79
CA TYR B 213 10.57 17.67 -1.64
C TYR B 213 11.55 16.77 -2.38
N THR B 214 11.23 15.48 -2.43
CA THR B 214 12.06 14.54 -3.14
C THR B 214 11.76 14.65 -4.61
N ARG B 215 12.81 14.75 -5.43
CA ARG B 215 12.64 14.91 -6.86
C ARG B 215 12.43 13.59 -7.50
N VAL B 216 11.24 13.37 -8.05
CA VAL B 216 10.93 12.05 -8.60
C VAL B 216 11.80 11.68 -9.82
N ALA B 217 12.18 12.68 -10.59
CA ALA B 217 13.00 12.49 -11.82
C ALA B 217 14.34 11.83 -11.47
N SER B 218 14.83 12.21 -10.31
CA SER B 218 16.04 11.67 -9.76
C SER B 218 15.96 10.17 -9.49
N TYR B 219 14.76 9.61 -9.39
CA TYR B 219 14.56 8.19 -9.09
C TYR B 219 13.82 7.49 -10.22
N ALA B 220 13.90 8.04 -11.43
CA ALA B 220 13.13 7.52 -12.55
C ALA B 220 13.37 6.06 -12.85
N ALA B 221 14.61 5.62 -12.78
CA ALA B 221 14.91 4.19 -13.07
C ALA B 221 14.30 3.27 -12.03
N TRP B 222 14.40 3.67 -10.78
CA TRP B 222 13.86 2.85 -9.70
C TRP B 222 12.34 2.75 -9.79
N ILE B 223 11.67 3.88 -10.05
CA ILE B 223 10.23 3.88 -10.17
C ILE B 223 9.77 2.96 -11.29
N ASP B 224 10.36 3.11 -12.48
CA ASP B 224 10.01 2.21 -13.63
C ASP B 224 10.16 0.76 -13.32
N SER B 225 11.26 0.42 -12.66
CA SER B 225 11.60 -0.98 -12.35
C SER B 225 10.60 -1.58 -11.40
N VAL B 226 10.19 -0.84 -10.37
CA VAL B 226 9.15 -1.33 -9.47
C VAL B 226 7.81 -1.44 -10.19
N LEU B 227 7.43 -0.46 -10.99
CA LEU B 227 6.18 -0.54 -11.77
C LEU B 227 6.09 -1.67 -12.78
N ALA B 228 7.21 -2.25 -13.16
CA ALA B 228 7.22 -3.49 -13.98
C ALA B 228 7.31 -4.78 -13.17
N ILE C 1 19.04 3.54 20.80
CA ILE C 1 20.29 4.03 21.44
C ILE C 1 21.49 3.71 20.52
N LEU C 2 22.10 4.75 19.99
CA LEU C 2 23.32 4.62 19.21
C LEU C 2 24.53 4.61 20.20
N GLY C 3 25.49 3.72 19.97
CA GLY C 3 26.71 3.67 20.75
C GLY C 3 26.57 3.28 22.23
N GLY C 4 25.51 2.52 22.53
CA GLY C 4 25.26 2.04 23.87
C GLY C 4 25.52 0.54 23.94
N ARG C 5 24.98 -0.07 24.98
CA ARG C 5 25.26 -1.43 25.33
C ARG C 5 23.95 -2.04 25.78
N GLU C 6 23.81 -3.34 25.66
CA GLU C 6 22.72 -4.05 26.26
C GLU C 6 22.75 -3.84 27.77
N ALA C 7 21.60 -3.51 28.36
CA ALA C 7 21.49 -3.30 29.77
C ALA C 7 21.42 -4.65 30.49
N GLU C 8 21.55 -4.60 31.80
CA GLU C 8 21.30 -5.74 32.64
C GLU C 8 19.80 -5.94 32.70
N ALA C 9 19.35 -7.16 32.43
CA ALA C 9 17.93 -7.50 32.46
C ALA C 9 17.28 -7.05 33.74
N HIS C 10 16.23 -6.25 33.59
CA HIS C 10 15.37 -5.77 34.70
C HIS C 10 16.06 -4.88 35.77
N ALA C 11 17.22 -4.32 35.43
CA ALA C 11 17.89 -3.37 36.31
C ALA C 11 17.22 -2.00 36.30
N ARG C 12 16.37 -1.75 35.30
CA ARG C 12 15.55 -0.54 35.19
C ARG C 12 14.07 -0.93 35.21
N PRO C 13 13.56 -1.22 36.42
CA PRO C 13 12.20 -1.74 36.53
C PRO C 13 11.08 -0.75 36.21
N TYR C 14 11.44 0.48 35.95
CA TYR C 14 10.50 1.53 35.57
C TYR C 14 10.29 1.59 34.06
N MET C 15 11.13 0.89 33.32
CA MET C 15 11.20 1.04 31.90
C MET C 15 9.97 0.41 31.26
N ALA C 16 9.34 1.16 30.35
CA ALA C 16 8.12 0.71 29.71
C ALA C 16 8.30 0.81 28.22
N SER C 17 7.72 -0.17 27.50
CA SER C 17 7.58 -0.08 26.05
C SER C 17 6.16 0.26 25.66
N VAL C 18 5.99 1.38 24.98
CA VAL C 18 4.67 1.84 24.56
C VAL C 18 4.51 1.24 23.17
N GLN C 19 3.44 0.48 23.00
CA GLN C 19 3.20 -0.33 21.83
C GLN C 19 1.94 0.08 21.06
N LEU C 20 2.09 0.05 19.73
CA LEU C 20 1.01 0.35 18.78
C LEU C 20 0.93 -0.79 17.79
N ASN C 21 -0.24 -1.45 17.73
CA ASN C 21 -0.48 -2.55 16.77
C ASN C 21 0.54 -3.67 16.96
N GLY C 22 0.70 -4.08 18.22
CA GLY C 22 1.59 -5.19 18.59
C GLY C 22 3.08 -4.95 18.56
N ALA C 23 3.55 -3.74 18.23
CA ALA C 23 4.98 -3.48 18.02
C ALA C 23 5.45 -2.36 18.89
N HIS C 24 6.69 -2.44 19.32
CA HIS C 24 7.33 -1.35 20.06
C HIS C 24 7.29 -0.06 19.23
N LEU C 25 6.75 1.01 19.82
CA LEU C 25 6.77 2.33 19.21
C LEU C 25 7.67 3.36 19.92
N CYS C 26 7.50 3.46 21.23
CA CYS C 26 8.12 4.49 22.06
C CYS C 26 8.54 3.94 23.40
N GLY C 27 9.51 4.59 24.02
CA GLY C 27 9.79 4.36 25.41
C GLY C 27 8.77 5.04 26.31
N GLY C 28 8.77 4.63 27.57
CA GLY C 28 7.98 5.27 28.61
C GLY C 28 8.56 4.90 29.97
N VAL C 29 8.05 5.54 31.03
CA VAL C 29 8.54 5.40 32.38
C VAL C 29 7.35 5.27 33.32
N LEU C 30 7.33 4.21 34.09
CA LEU C 30 6.33 3.99 35.10
C LEU C 30 6.60 5.00 36.23
N VAL C 31 5.66 5.91 36.46
CA VAL C 31 5.79 6.99 37.49
C VAL C 31 4.83 6.87 38.67
N ALA C 32 3.81 6.03 38.53
CA ALA C 32 2.98 5.60 39.64
C ALA C 32 2.40 4.23 39.28
N GLU C 33 1.71 3.60 40.22
CA GLU C 33 1.26 2.21 40.00
C GLU C 33 0.48 2.05 38.72
N GLN C 34 -0.32 3.04 38.38
CA GLN C 34 -1.24 3.01 37.24
C GLN C 34 -0.91 4.02 36.10
N TRP C 35 0.23 4.66 36.15
CA TRP C 35 0.57 5.69 35.15
C TRP C 35 1.95 5.62 34.58
N VAL C 36 2.03 5.83 33.29
CA VAL C 36 3.28 5.80 32.54
C VAL C 36 3.41 7.12 31.83
N LEU C 37 4.59 7.74 31.94
CA LEU C 37 4.88 8.99 31.30
C LEU C 37 5.66 8.69 30.04
N SER C 38 5.28 9.32 28.94
CA SER C 38 5.95 9.12 27.68
C SER C 38 5.91 10.45 26.95
N ALA C 39 6.11 10.42 25.64
CA ALA C 39 6.08 11.66 24.81
C ALA C 39 4.81 11.77 24.00
N ALA C 40 4.30 12.99 23.83
CA ALA C 40 3.03 13.22 23.09
C ALA C 40 3.13 12.88 21.62
N HIS C 41 4.25 13.16 20.98
CA HIS C 41 4.45 12.80 19.57
C HIS C 41 4.21 11.33 19.19
N CYS C 42 4.40 10.44 20.15
CA CYS C 42 4.13 9.00 20.02
C CYS C 42 2.67 8.64 19.67
N LEU C 43 1.72 9.37 20.21
CA LEU C 43 0.29 9.05 20.08
C LEU C 43 -0.44 9.79 18.96
N GLU C 44 0.16 10.85 18.39
CA GLU C 44 -0.33 11.42 17.12
C GLU C 44 -0.20 10.24 16.18
N ASP C 45 -1.22 9.97 15.37
CA ASP C 45 -1.22 8.83 14.41
C ASP C 45 -1.51 7.44 15.02
N ALA C 46 -2.00 7.44 16.26
CA ALA C 46 -2.50 6.21 16.88
C ALA C 46 -3.85 5.88 16.28
N ALA C 47 -4.73 6.87 16.29
CA ALA C 47 -6.06 6.83 15.68
C ALA C 47 -6.65 5.42 15.53
N ASP C 48 -7.35 4.93 16.56
CA ASP C 48 -8.01 3.59 16.55
C ASP C 48 -7.07 2.35 16.49
N GLY C 49 -5.78 2.55 16.69
CA GLY C 49 -4.85 1.43 16.87
C GLY C 49 -4.91 0.88 18.28
N LYS C 50 -4.40 -0.33 18.42
CA LYS C 50 -4.31 -0.95 19.77
C LYS C 50 -3.14 -0.30 20.53
N VAL C 51 -3.43 0.62 21.47
CA VAL C 51 -2.35 1.25 22.29
C VAL C 51 -2.15 0.45 23.58
N GLN C 52 -0.96 -0.09 23.76
CA GLN C 52 -0.63 -0.87 24.93
C GLN C 52 0.72 -0.47 25.54
N VAL C 53 0.93 -0.89 26.79
CA VAL C 53 2.15 -0.63 27.54
C VAL C 53 2.68 -1.97 28.03
N LEU C 54 3.91 -2.29 27.65
CA LEU C 54 4.60 -3.46 28.10
C LEU C 54 5.52 -3.10 29.28
N LEU C 55 5.26 -3.68 30.45
CA LEU C 55 6.12 -3.52 31.62
C LEU C 55 6.87 -4.78 31.90
N GLY C 56 7.93 -4.68 32.67
CA GLY C 56 8.70 -5.85 33.12
C GLY C 56 9.53 -6.52 32.04
N ALA C 57 9.81 -5.80 30.96
CA ALA C 57 10.48 -6.39 29.80
C ALA C 57 11.96 -6.11 29.79
N HIS C 58 12.67 -7.06 29.18
CA HIS C 58 14.01 -6.85 28.74
C HIS C 58 14.09 -7.13 27.26
N SER C 59 13.77 -8.36 26.86
CA SER C 59 13.56 -8.68 25.47
C SER C 59 12.13 -8.37 25.06
N LEU C 60 11.97 -7.74 23.90
CA LEU C 60 10.64 -7.49 23.32
C LEU C 60 9.96 -8.75 22.81
N SER C 61 10.73 -9.69 22.25
CA SER C 61 10.19 -10.91 21.63
C SER C 61 10.13 -12.15 22.56
N GLN C 62 11.18 -12.40 23.34
CA GLN C 62 11.30 -13.61 24.17
C GLN C 62 10.41 -13.58 25.41
N PRO C 63 9.96 -14.76 25.87
CA PRO C 63 9.10 -14.82 27.07
C PRO C 63 9.92 -14.64 28.35
N GLU C 64 9.33 -13.96 29.32
CA GLU C 64 9.98 -13.63 30.58
C GLU C 64 8.85 -13.58 31.57
N PRO C 65 9.03 -14.15 32.79
CA PRO C 65 7.89 -14.22 33.72
C PRO C 65 7.33 -12.85 34.14
N SER C 66 8.18 -11.83 34.21
CA SER C 66 7.79 -10.51 34.62
C SER C 66 7.06 -9.68 33.54
N LYS C 67 7.20 -10.05 32.27
CA LYS C 67 6.58 -9.31 31.16
C LYS C 67 5.09 -9.38 31.22
N ARG C 68 4.46 -8.22 31.24
CA ARG C 68 3.03 -8.16 31.17
C ARG C 68 2.58 -6.95 30.34
N LEU C 69 1.59 -7.19 29.50
CA LEU C 69 1.09 -6.21 28.54
C LEU C 69 -0.19 -5.60 29.11
N TYR C 70 -0.27 -4.29 29.17
CA TYR C 70 -1.42 -3.60 29.76
C TYR C 70 -2.14 -2.77 28.69
N ASP C 71 -3.47 -2.70 28.77
CA ASP C 71 -4.22 -1.79 27.91
C ASP C 71 -4.18 -0.42 28.56
N VAL C 72 -4.46 0.59 27.75
CA VAL C 72 -4.52 1.98 28.18
C VAL C 72 -5.97 2.45 28.32
N LEU C 73 -6.32 2.87 29.51
CA LEU C 73 -7.66 3.39 29.83
C LEU C 73 -7.86 4.81 29.30
N ARG C 74 -6.84 5.63 29.46
CA ARG C 74 -6.86 7.07 29.20
C ARG C 74 -5.48 7.52 28.83
N ALA C 75 -5.38 8.36 27.80
CA ALA C 75 -4.11 8.97 27.42
C ALA C 75 -4.29 10.46 27.48
N VAL C 76 -3.36 11.15 28.13
CA VAL C 76 -3.48 12.59 28.37
C VAL C 76 -2.25 13.30 27.89
N PRO C 77 -2.28 13.83 26.66
CA PRO C 77 -1.17 14.62 26.20
C PRO C 77 -1.22 15.97 26.86
N HIS C 78 -0.07 16.57 27.05
CA HIS C 78 -0.03 17.92 27.58
C HIS C 78 -0.81 18.82 26.63
N PRO C 79 -1.72 19.65 27.18
CA PRO C 79 -2.65 20.40 26.31
C PRO C 79 -2.00 21.41 25.38
N ASP C 80 -0.79 21.87 25.67
CA ASP C 80 -0.09 22.79 24.77
C ASP C 80 0.90 22.08 23.80
N SER C 81 0.94 20.74 23.79
CA SER C 81 1.76 20.03 22.80
C SER C 81 1.17 20.16 21.42
N GLN C 82 2.02 20.20 20.39
CA GLN C 82 1.55 20.34 19.01
C GLN C 82 2.46 19.50 18.12
N PRO C 83 1.92 18.93 17.04
CA PRO C 83 2.78 18.10 16.20
C PRO C 83 3.98 18.79 15.57
N ASP C 84 3.93 20.13 15.42
CA ASP C 84 5.00 20.88 14.74
C ASP C 84 5.99 21.60 15.64
N THR C 85 5.95 21.34 16.95
CA THR C 85 6.91 21.92 17.93
C THR C 85 7.52 20.82 18.78
N ILE C 86 8.57 21.18 19.50
CA ILE C 86 9.22 20.29 20.46
C ILE C 86 8.82 20.61 21.90
N ASP C 87 7.90 21.55 22.08
CA ASP C 87 7.55 22.07 23.39
C ASP C 87 6.44 21.23 24.02
N HIS C 88 6.55 21.06 25.32
CA HIS C 88 5.50 20.43 26.09
C HIS C 88 5.21 19.00 25.63
N ASP C 89 6.23 18.28 25.18
CA ASP C 89 6.04 16.96 24.57
C ASP C 89 5.94 15.86 25.64
N LEU C 90 4.91 15.95 26.47
CA LEU C 90 4.64 14.91 27.48
C LEU C 90 3.29 14.27 27.31
N LEU C 91 3.21 13.00 27.70
CA LEU C 91 2.01 12.20 27.58
C LEU C 91 1.91 11.33 28.82
N LEU C 92 0.75 11.33 29.46
CA LEU C 92 0.50 10.44 30.57
C LEU C 92 -0.49 9.37 30.18
N LEU C 93 -0.13 8.10 30.37
CA LEU C 93 -0.96 6.98 30.01
C LEU C 93 -1.44 6.27 31.29
N GLN C 94 -2.74 6.22 31.48
CA GLN C 94 -3.35 5.48 32.58
C GLN C 94 -3.54 4.04 32.13
N LEU C 95 -2.99 3.11 32.88
CA LEU C 95 -3.17 1.69 32.58
C LEU C 95 -4.58 1.24 32.99
N SER C 96 -5.05 0.17 32.34
CA SER C 96 -6.32 -0.48 32.66
C SER C 96 -6.49 -0.92 34.11
N GLU C 97 -5.37 -1.19 34.77
CA GLU C 97 -5.36 -1.52 36.20
C GLU C 97 -4.02 -1.22 36.83
N LYS C 98 -3.99 -1.14 38.15
CA LYS C 98 -2.73 -0.98 38.89
C LYS C 98 -1.77 -2.05 38.41
N ALA C 99 -0.54 -1.65 38.08
CA ALA C 99 0.46 -2.60 37.61
C ALA C 99 0.90 -3.50 38.74
N THR C 100 1.21 -4.75 38.42
CA THR C 100 1.69 -5.73 39.39
C THR C 100 3.14 -5.44 39.63
N LEU C 101 3.45 -5.00 40.85
CA LEU C 101 4.80 -4.61 41.21
C LEU C 101 5.63 -5.85 41.57
N GLY C 102 6.93 -5.73 41.37
CA GLY C 102 7.85 -6.83 41.60
C GLY C 102 9.28 -6.39 41.39
N PRO C 103 10.22 -7.32 41.52
CA PRO C 103 11.63 -6.99 41.25
C PRO C 103 11.87 -6.28 39.92
N ALA C 104 11.08 -6.62 38.89
CA ALA C 104 11.22 -6.10 37.56
C ALA C 104 10.22 -5.01 37.15
N VAL C 105 9.33 -4.56 38.06
CA VAL C 105 8.32 -3.58 37.76
C VAL C 105 8.13 -2.72 38.99
N ARG C 106 8.53 -1.45 38.90
CA ARG C 106 8.55 -0.55 40.06
C ARG C 106 8.54 0.90 39.48
N PRO C 107 7.71 1.80 40.02
CA PRO C 107 7.79 3.19 39.59
C PRO C 107 9.09 3.90 39.94
N LEU C 108 9.47 4.88 39.12
CA LEU C 108 10.63 5.69 39.32
C LEU C 108 10.16 7.05 39.79
N PRO C 109 10.58 7.48 40.99
CA PRO C 109 10.39 8.87 41.39
C PRO C 109 10.98 9.88 40.38
N TRP C 110 10.26 11.00 40.21
CA TRP C 110 10.56 12.01 39.22
C TRP C 110 10.73 13.39 39.95
N GLN C 111 11.60 14.23 39.39
CA GLN C 111 12.02 15.47 40.00
C GLN C 111 10.87 16.44 40.06
N ARG C 112 10.48 16.85 41.27
CA ARG C 112 9.46 17.88 41.43
C ARG C 112 10.03 19.30 41.61
N VAL C 113 11.32 19.39 41.90
CA VAL C 113 11.95 20.69 42.18
C VAL C 113 12.57 21.21 40.89
N ASP C 114 12.09 22.32 40.39
CA ASP C 114 12.54 22.90 39.13
C ASP C 114 13.91 23.55 39.23
N ARG C 115 14.95 22.75 39.08
CA ARG C 115 16.34 23.19 39.07
C ARG C 115 17.06 22.49 37.92
N ASP C 116 17.81 23.25 37.14
CA ASP C 116 18.55 22.65 36.04
C ASP C 116 19.59 21.69 36.54
N VAL C 117 19.72 20.57 35.84
CA VAL C 117 20.80 19.65 36.11
C VAL C 117 22.07 20.34 35.60
N ALA C 118 23.11 20.31 36.42
CA ALA C 118 24.35 20.95 36.06
C ALA C 118 25.01 20.31 34.81
N PRO C 119 25.63 21.14 33.94
CA PRO C 119 26.41 20.67 32.79
C PRO C 119 27.50 19.71 33.17
N GLY C 120 27.68 18.68 32.36
CA GLY C 120 28.68 17.65 32.64
C GLY C 120 28.15 16.48 33.45
N THR C 121 26.98 16.63 34.09
CA THR C 121 26.38 15.56 34.86
C THR C 121 26.07 14.42 33.91
N LEU C 122 26.46 13.22 34.31
CA LEU C 122 26.22 12.04 33.48
C LEU C 122 24.87 11.43 33.81
N CYS C 123 24.02 11.36 32.79
CA CYS C 123 22.67 10.83 32.94
C CYS C 123 22.50 9.56 32.11
N ASP C 124 21.72 8.64 32.66
CA ASP C 124 21.46 7.36 32.01
C ASP C 124 20.21 7.47 31.09
N VAL C 125 20.36 7.09 29.83
CA VAL C 125 19.23 6.99 28.95
C VAL C 125 19.10 5.58 28.41
N ALA C 126 17.90 5.05 28.38
CA ALA C 126 17.64 3.70 27.91
C ALA C 126 16.47 3.62 26.96
N GLY C 127 16.51 2.61 26.09
CA GLY C 127 15.39 2.33 25.21
C GLY C 127 15.64 1.21 24.20
N TRP C 128 14.59 0.90 23.44
CA TRP C 128 14.64 -0.12 22.40
C TRP C 128 14.66 0.48 21.03
N GLY C 129 15.14 1.72 20.91
CA GLY C 129 15.23 2.37 19.60
C GLY C 129 16.35 1.80 18.80
N ILE C 130 16.52 2.31 17.58
CA ILE C 130 17.53 1.77 16.66
C ILE C 130 18.96 2.00 17.19
N VAL C 131 19.87 1.09 16.83
CA VAL C 131 21.23 1.07 17.38
C VAL C 131 22.35 1.38 16.39
N ASN C 132 22.00 1.60 15.11
CA ASN C 132 22.96 2.04 14.13
C ASN C 132 22.24 2.81 13.00
N HIS C 133 23.03 3.26 12.02
CA HIS C 133 22.52 4.08 10.91
C HIS C 133 21.94 3.24 9.81
N ALA C 134 22.04 1.92 9.88
CA ALA C 134 21.30 1.02 8.97
C ALA C 134 19.92 0.62 9.49
N GLY C 135 19.42 1.26 10.56
CA GLY C 135 18.07 1.02 11.03
C GLY C 135 17.84 -0.26 11.82
N ARG C 136 18.90 -0.93 12.27
CA ARG C 136 18.73 -2.18 13.05
C ARG C 136 18.04 -1.90 14.39
N ARG C 137 16.97 -2.64 14.66
CA ARG C 137 16.24 -2.55 15.92
C ARG C 137 16.71 -3.68 16.85
N PRO C 138 16.98 -3.36 18.12
CA PRO C 138 17.45 -4.41 19.02
C PRO C 138 16.29 -5.14 19.61
N ASP C 139 16.53 -6.39 19.99
CA ASP C 139 15.55 -7.16 20.74
C ASP C 139 15.54 -6.78 22.22
N SER C 140 16.71 -6.56 22.80
CA SER C 140 16.85 -6.29 24.21
C SER C 140 17.13 -4.81 24.54
N LEU C 141 16.74 -4.38 25.74
CA LEU C 141 16.90 -3.00 26.19
C LEU C 141 18.36 -2.54 26.15
N GLN C 142 18.57 -1.36 25.56
CA GLN C 142 19.87 -0.74 25.51
C GLN C 142 19.93 0.50 26.42
N HIS C 143 21.15 0.90 26.77
CA HIS C 143 21.36 2.12 27.52
C HIS C 143 22.69 2.76 27.24
N VAL C 144 22.83 4.01 27.66
CA VAL C 144 24.07 4.77 27.47
C VAL C 144 24.12 5.93 28.47
N LEU C 145 25.31 6.31 28.91
CA LEU C 145 25.51 7.46 29.81
C LEU C 145 25.89 8.68 28.97
N LEU C 146 25.17 9.79 29.13
CA LEU C 146 25.38 10.96 28.32
C LEU C 146 25.63 12.16 29.25
N PRO C 147 26.63 13.00 28.93
CA PRO C 147 26.77 14.24 29.68
C PRO C 147 25.75 15.27 29.27
N VAL C 148 25.13 15.91 30.28
CA VAL C 148 24.27 17.04 30.05
C VAL C 148 25.13 18.19 29.50
N LEU C 149 24.55 18.92 28.55
CA LEU C 149 25.23 19.95 27.81
C LEU C 149 24.58 21.24 28.22
N ASP C 150 25.34 22.31 28.43
CA ASP C 150 24.67 23.52 28.92
C ASP C 150 23.84 24.19 27.85
N ARG C 151 22.74 24.82 28.29
CA ARG C 151 21.71 25.31 27.40
C ARG C 151 22.26 26.36 26.44
N ALA C 152 23.14 27.25 26.89
CA ALA C 152 23.75 28.28 26.03
C ALA C 152 24.52 27.69 24.86
N THR C 153 25.34 26.67 25.09
CA THR C 153 26.01 25.94 23.98
C THR C 153 25.02 25.23 23.08
N CYS C 154 24.03 24.59 23.69
CA CYS C 154 22.97 23.91 22.95
C CYS C 154 22.22 24.89 22.03
N ASN C 155 22.08 26.13 22.45
CA ASN C 155 21.33 27.17 21.73
C ASN C 155 22.08 27.96 20.66
N ARG C 156 23.39 27.72 20.49
CA ARG C 156 24.16 28.36 19.42
C ARG C 156 23.53 28.08 18.05
N ARG C 157 23.80 28.98 17.10
CA ARG C 157 23.26 28.90 15.72
C ARG C 157 23.62 27.59 15.00
N THR C 158 24.85 27.11 15.17
CA THR C 158 25.32 25.83 14.62
C THR C 158 24.68 24.57 15.28
N HIS C 159 24.02 24.75 16.43
CA HIS C 159 23.36 23.68 17.16
C HIS C 159 21.82 23.83 16.99
N HIS C 160 21.05 24.17 18.03
CA HIS C 160 19.57 24.22 17.92
C HIS C 160 18.98 25.62 17.83
N ASP C 161 19.83 26.64 17.88
CA ASP C 161 19.48 27.99 17.42
C ASP C 161 18.34 28.69 18.19
N GLY C 162 18.50 28.79 19.50
CA GLY C 162 17.50 29.43 20.37
C GLY C 162 16.28 28.59 20.69
N ALA C 163 16.13 27.38 20.12
CA ALA C 163 14.94 26.55 20.34
C ALA C 163 14.84 25.90 21.75
N ILE C 164 15.95 25.83 22.49
CA ILE C 164 16.01 25.21 23.81
C ILE C 164 15.57 26.20 24.90
N THR C 165 14.33 26.06 25.34
CA THR C 165 13.74 26.86 26.38
C THR C 165 14.23 26.37 27.74
N GLU C 166 13.84 27.08 28.77
CA GLU C 166 14.06 26.66 30.19
C GLU C 166 13.35 25.33 30.55
N ARG C 167 12.42 24.85 29.71
CA ARG C 167 11.67 23.62 29.96
C ARG C 167 12.28 22.41 29.22
N LEU C 168 13.43 22.61 28.57
CA LEU C 168 14.15 21.57 27.86
C LEU C 168 15.59 21.50 28.33
N MET C 169 16.22 20.34 28.20
CA MET C 169 17.67 20.22 28.44
C MET C 169 18.26 19.41 27.32
N CYS C 170 19.58 19.46 27.20
CA CYS C 170 20.28 18.75 26.18
C CYS C 170 21.35 17.89 26.74
N ALA C 171 21.75 16.88 25.95
CA ALA C 171 22.87 16.06 26.27
C ALA C 171 23.72 15.85 25.02
N GLU C 172 25.01 15.54 25.21
CA GLU C 172 25.88 15.28 24.08
C GLU C 172 25.36 14.20 23.17
N SER C 173 25.59 14.37 21.88
CA SER C 173 25.09 13.44 20.89
C SER C 173 26.21 12.94 19.97
N ASN C 174 27.46 12.94 20.42
CA ASN C 174 28.57 12.59 19.52
C ASN C 174 28.76 11.08 19.46
N ARG C 175 28.24 10.45 18.39
CA ARG C 175 28.29 8.97 18.21
C ARG C 175 27.58 8.12 19.31
N ARG C 176 27.08 8.76 20.35
CA ARG C 176 26.26 8.16 21.38
C ARG C 176 25.04 9.05 21.48
N ASP C 177 23.86 8.46 21.31
CA ASP C 177 22.67 9.27 21.22
C ASP C 177 21.42 8.45 21.35
N SER C 178 20.34 9.10 21.77
CA SER C 178 19.00 8.57 21.67
C SER C 178 18.58 8.70 20.19
N CYS C 179 17.81 7.73 19.70
CA CYS C 179 17.40 7.70 18.29
C CYS C 179 15.95 7.19 18.13
N LYS C 180 15.54 6.99 16.88
CA LYS C 180 14.15 6.59 16.57
C LYS C 180 13.70 5.39 17.38
N GLY C 181 12.60 5.53 18.10
CA GLY C 181 12.10 4.50 19.02
C GLY C 181 12.51 4.64 20.48
N ASP C 182 13.42 5.59 20.76
CA ASP C 182 13.76 5.93 22.13
C ASP C 182 12.88 7.04 22.72
N SER C 183 12.15 7.76 21.87
CA SER C 183 11.24 8.85 22.31
C SER C 183 10.35 8.44 23.46
N GLY C 184 10.20 9.32 24.43
CA GLY C 184 9.31 9.02 25.55
C GLY C 184 9.98 8.27 26.69
N GLY C 185 11.21 7.78 26.47
CA GLY C 185 11.92 7.11 27.52
C GLY C 185 12.67 8.05 28.46
N PRO C 186 13.28 7.48 29.50
CA PRO C 186 13.82 8.25 30.60
C PRO C 186 15.24 8.72 30.43
N LEU C 187 15.48 9.94 30.92
CA LEU C 187 16.81 10.46 31.21
C LEU C 187 16.88 10.54 32.72
N VAL C 188 17.76 9.74 33.30
CA VAL C 188 17.84 9.58 34.76
C VAL C 188 19.18 10.09 35.26
N CYS C 189 19.12 11.05 36.20
CA CYS C 189 20.34 11.63 36.81
C CYS C 189 20.16 11.45 38.34
N GLY C 190 21.14 10.80 38.94
CA GLY C 190 21.12 10.51 40.37
C GLY C 190 19.95 9.65 40.85
N GLY C 191 19.55 8.70 40.02
CA GLY C 191 18.39 7.83 40.32
C GLY C 191 17.00 8.48 40.28
N VAL C 192 16.91 9.65 39.68
CA VAL C 192 15.69 10.41 39.60
C VAL C 192 15.42 10.78 38.14
N LEU C 193 14.18 10.65 37.72
CA LEU C 193 13.77 11.00 36.37
C LEU C 193 13.83 12.49 36.22
N GLU C 194 14.71 12.98 35.33
CA GLU C 194 14.83 14.40 35.06
C GLU C 194 14.30 14.80 33.69
N GLY C 195 14.36 13.87 32.74
CA GLY C 195 14.01 14.15 31.36
C GLY C 195 13.26 13.05 30.67
N VAL C 196 12.53 13.43 29.63
CA VAL C 196 11.86 12.48 28.74
C VAL C 196 12.36 12.79 27.34
N VAL C 197 12.87 11.76 26.65
CA VAL C 197 13.43 11.91 25.32
C VAL C 197 12.42 12.53 24.35
N THR C 198 12.80 13.56 23.61
CA THR C 198 11.98 14.08 22.51
C THR C 198 12.93 14.35 21.37
N SER C 199 12.40 14.70 20.18
CA SER C 199 13.21 15.05 19.00
C SER C 199 12.48 16.09 18.18
N GLY C 200 13.23 17.07 17.67
CA GLY C 200 12.71 17.98 16.66
C GLY C 200 13.10 17.62 15.22
N SER C 201 14.02 16.70 15.10
CA SER C 201 14.77 16.46 13.86
C SER C 201 15.04 14.99 13.78
N ARG C 202 15.10 14.44 12.57
CA ARG C 202 15.42 13.05 12.38
C ARG C 202 16.87 12.62 12.67
N VAL C 203 17.83 13.54 12.53
CA VAL C 203 19.26 13.20 12.65
C VAL C 203 19.71 12.70 14.03
N CYS C 204 20.54 11.69 14.05
CA CYS C 204 20.98 10.99 15.22
C CYS C 204 22.48 10.88 15.20
N GLY C 205 23.13 11.04 16.37
CA GLY C 205 24.56 10.77 16.51
C GLY C 205 25.45 11.84 15.93
N ASN C 206 24.90 13.01 15.62
CA ASN C 206 25.62 14.15 15.09
C ASN C 206 25.88 15.13 16.23
N ARG C 207 27.14 15.30 16.59
CA ARG C 207 27.62 16.28 17.63
C ARG C 207 27.02 17.67 17.53
N LYS C 208 26.74 18.11 16.31
CA LYS C 208 26.20 19.44 16.03
C LYS C 208 24.71 19.54 16.37
N LYS C 209 24.03 18.42 16.55
CA LYS C 209 22.61 18.38 16.92
C LYS C 209 22.39 17.55 18.18
N PRO C 210 22.63 18.12 19.36
CA PRO C 210 22.47 17.44 20.65
C PRO C 210 21.09 16.84 20.85
N GLY C 211 21.02 15.82 21.68
CA GLY C 211 19.74 15.26 22.05
C GLY C 211 18.99 16.24 22.91
N ILE C 212 17.66 16.16 22.86
CA ILE C 212 16.81 17.10 23.55
C ILE C 212 15.91 16.27 24.45
N TYR C 213 15.69 16.76 25.67
CA TYR C 213 14.91 16.05 26.65
C TYR C 213 13.99 17.06 27.33
N THR C 214 12.73 16.69 27.50
CA THR C 214 11.81 17.55 28.20
C THR C 214 12.04 17.40 29.69
N ARG C 215 12.12 18.53 30.39
CA ARG C 215 12.40 18.52 31.82
C ARG C 215 11.13 18.29 32.58
N VAL C 216 11.01 17.15 33.26
CA VAL C 216 9.75 16.83 33.93
C VAL C 216 9.42 17.80 35.10
N ALA C 217 10.45 18.31 35.76
CA ALA C 217 10.28 19.24 36.90
C ALA C 217 9.53 20.50 36.46
N SER C 218 9.80 20.89 35.24
CA SER C 218 9.13 21.99 34.62
C SER C 218 7.61 21.81 34.48
N TYR C 219 7.14 20.57 34.54
CA TYR C 219 5.71 20.26 34.38
C TYR C 219 5.15 19.60 35.63
N ALA C 220 5.79 19.82 36.77
CA ALA C 220 5.41 19.11 37.99
C ALA C 220 3.98 19.31 38.40
N ALA C 221 3.46 20.53 38.24
CA ALA C 221 2.05 20.77 38.65
C ALA C 221 1.08 20.02 37.76
N TRP C 222 1.37 20.00 36.46
CA TRP C 222 0.48 19.31 35.54
C TRP C 222 0.47 17.81 35.78
N ILE C 223 1.66 17.23 36.01
CA ILE C 223 1.75 15.79 36.28
C ILE C 223 0.96 15.43 37.53
N ASP C 224 1.16 16.13 38.64
CA ASP C 224 0.41 15.87 39.88
C ASP C 224 -1.09 15.91 39.69
N SER C 225 -1.54 16.93 38.96
CA SER C 225 -2.96 17.16 38.74
C SER C 225 -3.60 16.02 37.95
N VAL C 226 -2.92 15.56 36.90
CA VAL C 226 -3.41 14.42 36.14
C VAL C 226 -3.39 13.14 36.98
N LEU C 227 -2.33 12.90 37.73
CA LEU C 227 -2.30 11.72 38.62
C LEU C 227 -3.36 11.67 39.71
N ALA C 228 -3.99 12.79 40.04
CA ALA C 228 -5.18 12.77 40.91
C ALA C 228 -6.55 12.68 40.06
N ILE D 1 16.05 -27.46 14.91
CA ILE D 1 16.78 -26.29 15.45
C ILE D 1 18.03 -26.74 16.22
N LEU D 2 19.19 -26.42 15.67
CA LEU D 2 20.47 -26.66 16.34
C LEU D 2 20.77 -25.48 17.30
N GLY D 3 21.22 -25.77 18.50
CA GLY D 3 21.63 -24.76 19.48
C GLY D 3 20.53 -23.89 20.03
N GLY D 4 19.30 -24.40 20.05
CA GLY D 4 18.16 -23.65 20.56
C GLY D 4 17.70 -24.13 21.91
N ARG D 5 16.44 -23.88 22.20
CA ARG D 5 15.85 -24.15 23.49
C ARG D 5 14.42 -24.54 23.22
N GLU D 6 13.82 -25.32 24.10
CA GLU D 6 12.39 -25.55 24.06
C GLU D 6 11.65 -24.21 24.19
N ALA D 7 10.65 -24.01 23.34
CA ALA D 7 9.83 -22.81 23.38
C ALA D 7 8.84 -22.89 24.50
N GLU D 8 8.24 -21.75 24.80
CA GLU D 8 7.14 -21.71 25.75
C GLU D 8 5.92 -22.25 25.01
N ALA D 9 5.25 -23.22 25.62
CA ALA D 9 4.09 -23.86 25.03
C ALA D 9 3.07 -22.83 24.57
N HIS D 10 2.71 -22.90 23.29
CA HIS D 10 1.67 -22.07 22.67
C HIS D 10 1.94 -20.54 22.61
N ALA D 11 3.19 -20.14 22.81
CA ALA D 11 3.57 -18.74 22.67
C ALA D 11 3.70 -18.35 21.20
N ARG D 12 3.77 -19.34 20.29
CA ARG D 12 3.76 -19.13 18.86
C ARG D 12 2.56 -19.78 18.20
N PRO D 13 1.39 -19.17 18.38
CA PRO D 13 0.14 -19.81 17.96
C PRO D 13 -0.06 -19.97 16.44
N TYR D 14 0.85 -19.47 15.66
CA TYR D 14 0.83 -19.57 14.20
C TYR D 14 1.58 -20.81 13.71
N MET D 15 2.29 -21.43 14.62
CA MET D 15 3.17 -22.54 14.27
C MET D 15 2.39 -23.77 13.83
N ALA D 16 2.78 -24.36 12.72
CA ALA D 16 2.11 -25.54 12.20
C ALA D 16 3.10 -26.63 11.91
N SER D 17 2.69 -27.89 12.16
CA SER D 17 3.45 -29.06 11.73
C SER D 17 2.78 -29.70 10.54
N VAL D 18 3.51 -29.78 9.43
CA VAL D 18 3.00 -30.39 8.20
C VAL D 18 3.41 -31.83 8.29
N GLN D 19 2.42 -32.71 8.21
CA GLN D 19 2.62 -34.15 8.46
C GLN D 19 2.30 -35.04 7.26
N LEU D 20 3.15 -36.06 7.09
CA LEU D 20 2.98 -37.09 6.06
C LEU D 20 2.95 -38.46 6.77
N ASN D 21 1.83 -39.16 6.64
CA ASN D 21 1.64 -40.52 7.17
C ASN D 21 1.90 -40.55 8.69
N GLY D 22 1.29 -39.62 9.41
CA GLY D 22 1.39 -39.56 10.87
C GLY D 22 2.73 -39.12 11.50
N ALA D 23 3.66 -38.64 10.68
CA ALA D 23 4.93 -38.12 11.19
C ALA D 23 5.10 -36.68 10.77
N HIS D 24 5.68 -35.89 11.68
CA HIS D 24 6.15 -34.57 11.35
C HIS D 24 7.12 -34.60 10.16
N LEU D 25 6.82 -33.82 9.12
CA LEU D 25 7.70 -33.66 7.96
C LEU D 25 8.37 -32.27 7.86
N CYS D 26 7.55 -31.22 7.97
CA CYS D 26 7.97 -29.84 7.72
C CYS D 26 7.28 -28.89 8.66
N GLY D 27 7.89 -27.73 8.87
CA GLY D 27 7.22 -26.63 9.53
C GLY D 27 6.28 -25.95 8.56
N GLY D 28 5.38 -25.14 9.13
CA GLY D 28 4.52 -24.27 8.37
C GLY D 28 4.04 -23.16 9.28
N VAL D 29 3.34 -22.21 8.65
CA VAL D 29 2.86 -21.02 9.33
C VAL D 29 1.41 -20.79 8.90
N LEU D 30 0.53 -20.70 9.89
CA LEU D 30 -0.84 -20.38 9.63
C LEU D 30 -0.86 -18.88 9.25
N VAL D 31 -1.28 -18.57 8.03
CA VAL D 31 -1.29 -17.18 7.50
C VAL D 31 -2.67 -16.61 7.22
N ALA D 32 -3.69 -17.47 7.19
CA ALA D 32 -5.08 -17.05 7.26
C ALA D 32 -5.87 -18.22 7.88
N GLU D 33 -7.15 -18.01 8.13
CA GLU D 33 -7.94 -19.01 8.83
C GLU D 33 -7.84 -20.40 8.22
N GLN D 34 -7.78 -20.47 6.90
CA GLN D 34 -7.82 -21.72 6.15
C GLN D 34 -6.54 -22.04 5.36
N TRP D 35 -5.47 -21.26 5.55
CA TRP D 35 -4.25 -21.46 4.75
C TRP D 35 -2.97 -21.47 5.55
N VAL D 36 -2.10 -22.38 5.20
CA VAL D 36 -0.82 -22.56 5.84
C VAL D 36 0.24 -22.46 4.77
N LEU D 37 1.28 -21.66 5.06
CA LEU D 37 2.37 -21.44 4.12
C LEU D 37 3.50 -22.32 4.59
N SER D 38 4.13 -23.01 3.65
CA SER D 38 5.25 -23.87 3.96
C SER D 38 6.20 -23.84 2.77
N ALA D 39 7.08 -24.82 2.67
CA ALA D 39 8.03 -24.90 1.55
C ALA D 39 7.65 -25.96 0.50
N ALA D 40 7.90 -25.68 -0.77
CA ALA D 40 7.53 -26.60 -1.86
C ALA D 40 8.31 -27.90 -1.84
N HIS D 41 9.60 -27.86 -1.51
CA HIS D 41 10.42 -29.09 -1.46
C HIS D 41 9.91 -30.17 -0.49
N CYS D 42 9.11 -29.78 0.53
CA CYS D 42 8.42 -30.69 1.43
C CYS D 42 7.50 -31.73 0.76
N LEU D 43 6.81 -31.35 -0.32
CA LEU D 43 5.83 -32.21 -0.97
C LEU D 43 6.33 -33.07 -2.14
N GLU D 44 7.49 -32.74 -2.69
CA GLU D 44 8.21 -33.71 -3.56
C GLU D 44 8.41 -34.91 -2.66
N ASP D 45 8.12 -36.12 -3.13
CA ASP D 45 8.25 -37.38 -2.35
C ASP D 45 7.13 -37.65 -1.32
N ALA D 46 6.04 -36.89 -1.42
CA ALA D 46 4.79 -37.23 -0.75
C ALA D 46 4.16 -38.38 -1.52
N ALA D 47 4.05 -38.19 -2.85
CA ALA D 47 3.48 -39.15 -3.77
C ALA D 47 2.36 -40.00 -3.16
N ASP D 48 1.15 -39.44 -3.10
CA ASP D 48 -0.07 -40.13 -2.58
C ASP D 48 -0.06 -40.52 -1.09
N GLY D 49 0.85 -39.95 -0.30
CA GLY D 49 0.79 -40.05 1.17
C GLY D 49 -0.29 -39.08 1.71
N LYS D 50 -0.78 -39.37 2.91
CA LYS D 50 -1.76 -38.57 3.57
C LYS D 50 -1.08 -37.32 4.14
N VAL D 51 -1.32 -36.16 3.48
CA VAL D 51 -0.83 -34.85 3.97
C VAL D 51 -1.82 -34.20 4.92
N GLN D 52 -1.36 -33.96 6.15
CA GLN D 52 -2.15 -33.22 7.14
C GLN D 52 -1.36 -32.11 7.81
N VAL D 53 -2.08 -31.23 8.52
CA VAL D 53 -1.50 -30.10 9.20
C VAL D 53 -1.97 -30.11 10.64
N LEU D 54 -1.00 -30.13 11.55
CA LEU D 54 -1.26 -30.08 12.95
C LEU D 54 -1.11 -28.65 13.46
N LEU D 55 -2.18 -28.06 14.00
CA LEU D 55 -2.15 -26.73 14.60
C LEU D 55 -2.32 -26.81 16.08
N GLY D 56 -2.01 -25.73 16.79
CA GLY D 56 -2.18 -25.66 18.23
C GLY D 56 -1.29 -26.55 19.07
N ALA D 57 -0.17 -26.98 18.48
CA ALA D 57 0.70 -27.98 19.08
C ALA D 57 1.87 -27.38 19.78
N HIS D 58 2.33 -28.10 20.81
CA HIS D 58 3.63 -27.89 21.39
C HIS D 58 4.39 -29.20 21.35
N SER D 59 3.85 -30.22 22.03
CA SER D 59 4.36 -31.57 21.87
C SER D 59 3.68 -32.24 20.69
N LEU D 60 4.48 -32.94 19.87
CA LEU D 60 3.94 -33.72 18.75
C LEU D 60 3.20 -34.98 19.20
N SER D 61 3.66 -35.62 20.28
CA SER D 61 3.08 -36.89 20.77
C SER D 61 2.01 -36.74 21.89
N GLN D 62 2.25 -35.88 22.86
N GLN D 62 2.25 -35.87 22.87
CA GLN D 62 1.35 -35.74 24.03
CA GLN D 62 1.36 -35.74 24.04
C GLN D 62 0.01 -35.02 23.70
C GLN D 62 0.02 -35.03 23.71
N PRO D 63 -1.06 -35.38 24.41
CA PRO D 63 -2.36 -34.73 24.17
C PRO D 63 -2.42 -33.33 24.79
N GLU D 64 -3.08 -32.40 24.09
CA GLU D 64 -3.16 -31.00 24.51
C GLU D 64 -4.51 -30.54 24.01
N PRO D 65 -5.25 -29.77 24.80
CA PRO D 65 -6.63 -29.38 24.37
C PRO D 65 -6.69 -28.59 23.06
N SER D 66 -5.67 -27.77 22.79
CA SER D 66 -5.63 -26.92 21.60
C SER D 66 -5.21 -27.67 20.32
N LYS D 67 -4.56 -28.84 20.45
CA LYS D 67 -4.10 -29.59 19.28
C LYS D 67 -5.22 -30.06 18.44
N ARG D 68 -5.18 -29.75 17.16
CA ARG D 68 -6.11 -30.31 16.22
C ARG D 68 -5.46 -30.61 14.86
N LEU D 69 -5.80 -31.75 14.27
CA LEU D 69 -5.22 -32.21 13.03
C LEU D 69 -6.20 -31.89 11.91
N TYR D 70 -5.73 -31.25 10.84
CA TYR D 70 -6.57 -30.88 9.72
C TYR D 70 -6.15 -31.61 8.45
N ASP D 71 -7.11 -31.96 7.61
CA ASP D 71 -6.78 -32.53 6.31
C ASP D 71 -6.49 -31.37 5.36
N VAL D 72 -5.78 -31.67 4.28
CA VAL D 72 -5.49 -30.70 3.25
C VAL D 72 -6.38 -30.88 2.02
N LEU D 73 -7.15 -29.85 1.69
CA LEU D 73 -8.04 -29.83 0.55
C LEU D 73 -7.28 -29.65 -0.76
N ARG D 74 -6.28 -28.76 -0.74
CA ARG D 74 -5.52 -28.32 -1.89
C ARG D 74 -4.15 -27.91 -1.49
N ALA D 75 -3.14 -28.31 -2.24
CA ALA D 75 -1.77 -27.87 -2.03
C ALA D 75 -1.29 -27.17 -3.28
N VAL D 76 -0.76 -25.95 -3.14
CA VAL D 76 -0.41 -25.12 -4.28
C VAL D 76 1.04 -24.68 -4.19
N PRO D 77 1.94 -25.40 -4.86
CA PRO D 77 3.31 -24.97 -4.87
C PRO D 77 3.46 -23.81 -5.82
N HIS D 78 4.44 -22.96 -5.54
CA HIS D 78 4.72 -21.87 -6.44
C HIS D 78 5.05 -22.46 -7.81
N PRO D 79 4.42 -21.93 -8.88
CA PRO D 79 4.58 -22.57 -10.19
C PRO D 79 5.99 -22.57 -10.78
N ASP D 80 6.86 -21.68 -10.33
CA ASP D 80 8.26 -21.68 -10.77
C ASP D 80 9.22 -22.42 -9.83
N SER D 81 8.71 -23.09 -8.79
CA SER D 81 9.58 -23.96 -7.96
C SER D 81 10.01 -25.20 -8.77
N GLN D 82 11.20 -25.69 -8.50
CA GLN D 82 11.75 -26.88 -9.14
C GLN D 82 12.57 -27.65 -8.12
N PRO D 83 12.63 -28.99 -8.24
CA PRO D 83 13.39 -29.71 -7.23
C PRO D 83 14.89 -29.40 -7.17
N ASP D 84 15.48 -28.88 -8.25
CA ASP D 84 16.92 -28.63 -8.32
C ASP D 84 17.36 -27.18 -8.09
N THR D 85 16.45 -26.31 -7.65
CA THR D 85 16.78 -24.91 -7.29
C THR D 85 16.26 -24.57 -5.89
N ILE D 86 16.71 -23.44 -5.37
CA ILE D 86 16.24 -22.93 -4.08
C ILE D 86 15.28 -21.75 -4.28
N ASP D 87 14.91 -21.48 -5.54
CA ASP D 87 14.11 -20.31 -5.85
C ASP D 87 12.63 -20.63 -5.76
N HIS D 88 11.86 -19.66 -5.28
CA HIS D 88 10.41 -19.75 -5.28
C HIS D 88 9.92 -20.98 -4.46
N ASP D 89 10.63 -21.30 -3.38
CA ASP D 89 10.35 -22.48 -2.59
C ASP D 89 9.20 -22.24 -1.60
N LEU D 90 8.01 -21.90 -2.11
CA LEU D 90 6.83 -21.70 -1.28
C LEU D 90 5.71 -22.66 -1.68
N LEU D 91 4.90 -23.01 -0.68
CA LEU D 91 3.78 -23.91 -0.81
C LEU D 91 2.64 -23.37 0.02
N LEU D 92 1.46 -23.30 -0.56
CA LEU D 92 0.29 -22.93 0.20
C LEU D 92 -0.64 -24.13 0.36
N LEU D 93 -1.01 -24.44 1.59
CA LEU D 93 -1.88 -25.56 1.90
C LEU D 93 -3.24 -25.05 2.38
N GLN D 94 -4.30 -25.40 1.64
CA GLN D 94 -5.65 -25.09 2.06
C GLN D 94 -6.14 -26.19 2.98
N LEU D 95 -6.59 -25.82 4.18
CA LEU D 95 -7.14 -26.77 5.11
C LEU D 95 -8.56 -27.15 4.67
N SER D 96 -9.00 -28.37 5.06
CA SER D 96 -10.37 -28.85 4.84
C SER D 96 -11.45 -27.95 5.39
N GLU D 97 -11.14 -27.17 6.42
CA GLU D 97 -12.05 -26.18 6.95
C GLU D 97 -11.33 -25.04 7.66
N LYS D 98 -12.02 -23.92 7.86
CA LYS D 98 -11.47 -22.84 8.67
C LYS D 98 -10.96 -23.40 9.99
N ALA D 99 -9.76 -23.02 10.37
CA ALA D 99 -9.17 -23.48 11.62
C ALA D 99 -9.89 -22.81 12.80
N THR D 100 -10.02 -23.55 13.89
CA THR D 100 -10.65 -23.04 15.11
C THR D 100 -9.64 -22.15 15.81
N LEU D 101 -9.94 -20.85 15.86
CA LEU D 101 -9.02 -19.89 16.46
C LEU D 101 -9.15 -19.86 17.98
N GLY D 102 -8.08 -19.45 18.62
CA GLY D 102 -8.08 -19.15 20.04
C GLY D 102 -6.68 -18.79 20.52
N PRO D 103 -6.48 -18.72 21.83
CA PRO D 103 -5.17 -18.36 22.37
C PRO D 103 -4.00 -19.14 21.79
N ALA D 104 -4.20 -20.41 21.44
CA ALA D 104 -3.11 -21.23 20.91
C ALA D 104 -3.08 -21.46 19.38
N VAL D 105 -4.03 -20.85 18.67
CA VAL D 105 -4.13 -21.01 17.22
C VAL D 105 -4.59 -19.69 16.63
N ARG D 106 -3.69 -19.02 15.93
CA ARG D 106 -3.92 -17.64 15.47
C ARG D 106 -3.00 -17.42 14.26
N PRO D 107 -3.55 -16.84 13.18
CA PRO D 107 -2.66 -16.59 12.00
C PRO D 107 -1.64 -15.52 12.26
N LEU D 108 -0.52 -15.61 11.59
CA LEU D 108 0.52 -14.57 11.54
C LEU D 108 0.47 -13.99 10.15
N PRO D 109 0.05 -12.73 10.02
CA PRO D 109 -0.07 -12.17 8.62
C PRO D 109 1.35 -12.06 8.00
N TRP D 110 1.46 -12.26 6.70
CA TRP D 110 2.75 -12.17 6.03
C TRP D 110 3.17 -10.71 5.82
N GLN D 111 4.49 -10.45 5.84
CA GLN D 111 5.04 -9.10 5.64
C GLN D 111 4.68 -8.65 4.21
N ARG D 112 4.00 -7.52 4.12
N ARG D 112 4.00 -7.52 4.12
CA ARG D 112 3.68 -6.92 2.84
CA ARG D 112 3.66 -6.91 2.85
C ARG D 112 4.65 -5.85 2.39
C ARG D 112 4.65 -5.85 2.39
N VAL D 113 5.51 -5.37 3.29
CA VAL D 113 6.47 -4.31 2.97
C VAL D 113 7.76 -4.94 2.52
N ASP D 114 8.15 -4.72 1.27
CA ASP D 114 9.35 -5.33 0.71
C ASP D 114 10.55 -4.49 1.12
N ARG D 115 11.09 -4.75 2.30
CA ARG D 115 12.27 -4.10 2.78
C ARG D 115 13.21 -5.13 3.41
N ASP D 116 14.48 -5.14 3.03
CA ASP D 116 15.42 -6.04 3.65
C ASP D 116 15.59 -5.73 5.11
N VAL D 117 15.65 -6.81 5.89
CA VAL D 117 15.88 -6.69 7.33
C VAL D 117 17.35 -6.30 7.46
N ALA D 118 17.63 -5.35 8.31
CA ALA D 118 19.00 -4.91 8.55
C ALA D 118 19.91 -6.02 9.12
N PRO D 119 21.19 -6.08 8.67
CA PRO D 119 22.16 -7.07 9.17
C PRO D 119 22.35 -7.00 10.65
N GLY D 120 22.45 -8.15 11.29
CA GLY D 120 22.59 -8.21 12.74
C GLY D 120 21.28 -8.30 13.48
N THR D 121 20.15 -8.00 12.81
CA THR D 121 18.84 -8.08 13.46
C THR D 121 18.60 -9.49 13.89
N LEU D 122 18.15 -9.68 15.12
CA LEU D 122 17.87 -11.00 15.65
C LEU D 122 16.46 -11.43 15.30
N CYS D 123 16.35 -12.52 14.56
CA CYS D 123 15.07 -13.10 14.16
C CYS D 123 14.85 -14.45 14.80
N ASP D 124 13.61 -14.70 15.16
CA ASP D 124 13.21 -15.91 15.84
C ASP D 124 12.81 -16.97 14.80
N VAL D 125 13.42 -18.14 14.92
CA VAL D 125 13.08 -19.27 14.07
C VAL D 125 12.69 -20.43 14.98
N ALA D 126 11.59 -21.09 14.64
CA ALA D 126 11.08 -22.19 15.41
C ALA D 126 10.77 -23.42 14.54
N GLY D 127 10.88 -24.58 15.15
CA GLY D 127 10.45 -25.81 14.51
C GLY D 127 10.73 -27.09 15.29
N TRP D 128 10.26 -28.19 14.72
CA TRP D 128 10.45 -29.51 15.31
C TRP D 128 11.51 -30.30 14.57
N GLY D 129 12.40 -29.63 13.88
CA GLY D 129 13.48 -30.31 13.15
C GLY D 129 14.51 -30.83 14.11
N ILE D 130 15.54 -31.46 13.55
CA ILE D 130 16.57 -32.11 14.37
C ILE D 130 17.36 -31.11 15.19
N VAL D 131 17.85 -31.54 16.36
CA VAL D 131 18.53 -30.66 17.32
C VAL D 131 20.03 -30.94 17.51
N ASN D 132 20.57 -31.96 16.83
CA ASN D 132 21.99 -32.23 16.89
C ASN D 132 22.47 -32.96 15.62
N HIS D 133 23.77 -33.31 15.57
CA HIS D 133 24.37 -33.95 14.40
C HIS D 133 24.08 -35.46 14.32
N ALA D 134 23.54 -36.04 15.39
CA ALA D 134 23.07 -37.43 15.34
C ALA D 134 21.62 -37.60 14.88
N GLY D 135 20.98 -36.53 14.37
CA GLY D 135 19.64 -36.64 13.82
C GLY D 135 18.49 -36.75 14.82
N ARG D 136 18.73 -36.46 16.09
CA ARG D 136 17.67 -36.57 17.11
C ARG D 136 16.55 -35.57 16.86
N ARG D 137 15.30 -36.04 16.81
CA ARG D 137 14.14 -35.18 16.62
C ARG D 137 13.48 -34.93 17.99
N PRO D 138 13.14 -33.66 18.29
CA PRO D 138 12.55 -33.35 19.58
C PRO D 138 11.07 -33.60 19.55
N ASP D 139 10.52 -33.85 20.72
CA ASP D 139 9.07 -33.98 20.88
C ASP D 139 8.39 -32.62 20.92
N SER D 140 9.00 -31.66 21.61
CA SER D 140 8.40 -30.33 21.78
C SER D 140 9.06 -29.26 20.88
N LEU D 141 8.29 -28.22 20.56
CA LEU D 141 8.74 -27.13 19.69
C LEU D 141 9.98 -26.45 20.21
N GLN D 142 10.97 -26.28 19.33
CA GLN D 142 12.18 -25.55 19.66
C GLN D 142 12.21 -24.18 18.94
N HIS D 143 13.04 -23.28 19.46
CA HIS D 143 13.30 -22.01 18.81
C HIS D 143 14.68 -21.49 19.11
N VAL D 144 15.09 -20.53 18.31
CA VAL D 144 16.41 -19.90 18.47
C VAL D 144 16.39 -18.51 17.82
N LEU D 145 17.20 -17.59 18.34
CA LEU D 145 17.38 -16.29 17.74
C LEU D 145 18.63 -16.28 16.88
N LEU D 146 18.50 -15.83 15.64
CA LEU D 146 19.58 -15.84 14.69
C LEU D 146 19.79 -14.46 14.13
N PRO D 147 21.05 -14.00 14.04
CA PRO D 147 21.30 -12.72 13.38
C PRO D 147 21.23 -12.81 11.88
N VAL D 148 20.53 -11.86 11.26
CA VAL D 148 20.47 -11.74 9.81
C VAL D 148 21.87 -11.39 9.29
N LEU D 149 22.22 -12.00 8.16
CA LEU D 149 23.52 -11.83 7.53
C LEU D 149 23.28 -11.05 6.28
N ASP D 150 24.14 -10.08 5.95
CA ASP D 150 23.85 -9.27 4.76
C ASP D 150 24.11 -10.10 3.49
N ARG D 151 23.35 -9.79 2.44
CA ARG D 151 23.27 -10.59 1.24
C ARG D 151 24.63 -10.70 0.54
N ALA D 152 25.40 -9.60 0.50
CA ALA D 152 26.73 -9.62 -0.12
C ALA D 152 27.70 -10.62 0.53
N THR D 153 27.73 -10.67 1.86
CA THR D 153 28.53 -11.69 2.59
C THR D 153 27.98 -13.09 2.33
N CYS D 154 26.66 -13.22 2.37
CA CYS D 154 26.02 -14.49 2.11
C CYS D 154 26.38 -15.02 0.68
N ASN D 155 26.57 -14.11 -0.27
CA ASN D 155 26.84 -14.44 -1.67
C ASN D 155 28.31 -14.67 -2.04
N ARG D 156 29.26 -14.48 -1.11
CA ARG D 156 30.66 -14.78 -1.40
C ARG D 156 30.85 -16.22 -1.86
N ARG D 157 31.94 -16.46 -2.60
CA ARG D 157 32.26 -17.79 -3.17
C ARG D 157 32.37 -18.91 -2.12
N THR D 158 32.98 -18.59 -0.97
CA THR D 158 33.08 -19.53 0.18
C THR D 158 31.75 -19.82 0.90
N HIS D 159 30.71 -19.02 0.63
CA HIS D 159 29.39 -19.18 1.22
C HIS D 159 28.43 -19.74 0.15
N HIS D 160 27.45 -18.98 -0.36
CA HIS D 160 26.45 -19.55 -1.31
C HIS D 160 26.64 -19.12 -2.76
N ASP D 161 27.67 -18.30 -3.03
CA ASP D 161 28.22 -18.12 -4.37
C ASP D 161 27.25 -17.53 -5.43
N GLY D 162 26.70 -16.36 -5.11
CA GLY D 162 25.77 -15.66 -6.00
C GLY D 162 24.36 -16.20 -6.04
N ALA D 163 24.07 -17.30 -5.31
CA ALA D 163 22.72 -17.91 -5.36
C ALA D 163 21.60 -17.12 -4.64
N ILE D 164 21.99 -16.19 -3.75
CA ILE D 164 21.04 -15.42 -2.93
C ILE D 164 20.54 -14.18 -3.71
N THR D 165 19.33 -14.31 -4.26
CA THR D 165 18.66 -13.27 -4.99
C THR D 165 18.05 -12.27 -4.03
N GLU D 166 17.46 -11.21 -4.57
CA GLU D 166 16.66 -10.24 -3.79
C GLU D 166 15.41 -10.85 -3.10
N ARG D 167 15.03 -12.07 -3.48
CA ARG D 167 13.85 -12.75 -2.93
C ARG D 167 14.24 -13.72 -1.80
N LEU D 168 15.51 -13.76 -1.42
CA LEU D 168 16.02 -14.61 -0.36
C LEU D 168 16.77 -13.78 0.67
N MET D 169 16.83 -14.23 1.92
CA MET D 169 17.68 -13.62 2.95
C MET D 169 18.39 -14.71 3.70
N CYS D 170 19.45 -14.33 4.41
CA CYS D 170 20.23 -15.29 5.15
C CYS D 170 20.36 -14.93 6.58
N ALA D 171 20.66 -15.93 7.39
CA ALA D 171 20.96 -15.73 8.80
C ALA D 171 22.17 -16.56 9.17
N GLU D 172 22.95 -16.11 10.14
CA GLU D 172 24.13 -16.85 10.58
C GLU D 172 23.74 -18.26 11.00
N SER D 173 24.66 -19.16 10.74
CA SER D 173 24.49 -20.56 11.00
C SER D 173 25.62 -21.13 11.87
N ASN D 174 26.24 -20.31 12.69
CA ASN D 174 27.39 -20.75 13.50
C ASN D 174 26.93 -21.44 14.77
N ARG D 175 26.91 -22.77 14.78
CA ARG D 175 26.45 -23.61 15.91
C ARG D 175 24.98 -23.42 16.34
N ARG D 176 24.27 -22.47 15.72
CA ARG D 176 22.85 -22.23 15.90
C ARG D 176 22.30 -22.16 14.50
N ASP D 177 21.21 -22.87 14.22
CA ASP D 177 20.78 -22.99 12.85
C ASP D 177 19.43 -23.70 12.75
N SER D 178 18.72 -23.43 11.67
CA SER D 178 17.59 -24.25 11.25
C SER D 178 18.18 -25.52 10.61
N CYS D 179 17.51 -26.66 10.77
CA CYS D 179 17.98 -27.91 10.20
CA CYS D 179 17.98 -27.92 10.21
C CYS D 179 16.84 -28.77 9.64
N LYS D 180 17.18 -29.97 9.18
CA LYS D 180 16.21 -30.89 8.58
C LYS D 180 14.93 -31.03 9.39
N GLY D 181 13.79 -30.74 8.76
CA GLY D 181 12.49 -30.72 9.44
C GLY D 181 12.02 -29.37 9.95
N ASP D 182 12.90 -28.37 9.89
CA ASP D 182 12.50 -26.97 10.14
C ASP D 182 12.04 -26.26 8.88
N SER D 183 12.33 -26.83 7.71
CA SER D 183 11.92 -26.30 6.40
C SER D 183 10.45 -25.95 6.38
N GLY D 184 10.13 -24.80 5.80
CA GLY D 184 8.76 -24.37 5.71
C GLY D 184 8.26 -23.60 6.92
N GLY D 185 9.03 -23.57 8.00
CA GLY D 185 8.63 -22.82 9.17
C GLY D 185 8.99 -21.33 9.12
N PRO D 186 8.60 -20.57 10.13
CA PRO D 186 8.68 -19.11 10.12
C PRO D 186 10.02 -18.56 10.59
N LEU D 187 10.45 -17.48 9.93
CA LEU D 187 11.46 -16.57 10.43
C LEU D 187 10.75 -15.27 10.76
N VAL D 188 10.74 -14.94 12.04
CA VAL D 188 9.99 -13.80 12.56
C VAL D 188 10.95 -12.76 13.10
N CYS D 189 10.86 -11.53 12.59
CA CYS D 189 11.68 -10.37 13.02
C CYS D 189 10.75 -9.27 13.43
N GLY D 190 10.91 -8.82 14.68
CA GLY D 190 10.03 -7.82 15.29
C GLY D 190 8.57 -8.20 15.34
N GLY D 191 8.28 -9.46 15.60
CA GLY D 191 6.88 -9.97 15.61
C GLY D 191 6.17 -10.06 14.25
N VAL D 192 6.91 -9.99 13.16
CA VAL D 192 6.34 -10.04 11.82
C VAL D 192 7.04 -11.14 11.01
N LEU D 193 6.25 -11.89 10.25
CA LEU D 193 6.77 -12.96 9.41
C LEU D 193 7.53 -12.35 8.26
N GLU D 194 8.83 -12.60 8.20
CA GLU D 194 9.69 -12.10 7.11
C GLU D 194 10.14 -13.22 6.18
N GLY D 195 10.24 -14.44 6.69
CA GLY D 195 10.84 -15.52 5.96
C GLY D 195 10.21 -16.87 6.18
N VAL D 196 10.47 -17.77 5.24
CA VAL D 196 10.11 -19.16 5.35
C VAL D 196 11.39 -19.95 5.13
N VAL D 197 11.72 -20.84 6.07
CA VAL D 197 12.95 -21.63 6.01
C VAL D 197 13.02 -22.43 4.72
N THR D 198 14.14 -22.40 4.01
CA THR D 198 14.29 -23.22 2.79
C THR D 198 14.71 -24.68 3.01
N SER D 199 14.29 -25.53 2.11
CA SER D 199 14.46 -27.02 2.26
C SER D 199 15.65 -27.55 1.50
N GLY D 200 16.08 -26.78 0.50
CA GLY D 200 17.37 -27.02 -0.16
C GLY D 200 18.29 -27.66 0.84
N SER D 201 18.74 -28.89 0.54
CA SER D 201 19.28 -29.80 1.56
C SER D 201 20.82 -29.63 1.82
N ARG D 202 21.17 -29.52 3.08
CA ARG D 202 22.29 -28.65 3.47
C ARG D 202 22.91 -29.07 4.82
N VAL D 203 24.23 -28.89 4.94
CA VAL D 203 24.94 -28.99 6.23
C VAL D 203 24.45 -27.98 7.29
N CYS D 204 24.39 -28.46 8.53
CA CYS D 204 23.75 -27.76 9.62
C CYS D 204 24.72 -27.27 10.70
N GLY D 205 24.61 -25.99 11.01
CA GLY D 205 25.46 -25.43 12.02
C GLY D 205 26.88 -25.10 11.55
N ASN D 206 27.08 -25.06 10.23
CA ASN D 206 28.36 -24.74 9.62
C ASN D 206 28.29 -23.25 9.19
N ARG D 207 29.12 -22.42 9.85
CA ARG D 207 29.25 -20.99 9.59
C ARG D 207 29.44 -20.61 8.13
N LYS D 208 30.10 -21.48 7.37
CA LYS D 208 30.37 -21.24 5.95
C LYS D 208 29.14 -21.41 5.07
N LYS D 209 28.09 -22.06 5.58
CA LYS D 209 26.83 -22.25 4.81
C LYS D 209 25.63 -21.72 5.61
N PRO D 210 25.40 -20.39 5.57
CA PRO D 210 24.31 -19.74 6.27
C PRO D 210 22.95 -20.35 5.95
N GLY D 211 22.01 -20.19 6.86
CA GLY D 211 20.64 -20.57 6.60
C GLY D 211 20.06 -19.61 5.55
N ILE D 212 19.10 -20.11 4.80
CA ILE D 212 18.49 -19.37 3.72
C ILE D 212 17.01 -19.37 3.99
N TYR D 213 16.36 -18.21 3.75
CA TYR D 213 14.97 -18.02 4.06
C TYR D 213 14.34 -17.29 2.88
N THR D 214 13.19 -17.76 2.44
CA THR D 214 12.47 -17.11 1.37
C THR D 214 11.73 -15.93 1.93
N ARG D 215 11.86 -14.78 1.28
CA ARG D 215 11.29 -13.52 1.79
C ARG D 215 9.85 -13.46 1.35
N VAL D 216 8.92 -13.52 2.31
CA VAL D 216 7.53 -13.59 1.96
C VAL D 216 7.02 -12.34 1.24
N ALA D 217 7.59 -11.17 1.56
CA ALA D 217 7.13 -9.91 0.93
C ALA D 217 7.30 -9.94 -0.57
N SER D 218 8.35 -10.60 -0.95
CA SER D 218 8.68 -10.79 -2.34
C SER D 218 7.62 -11.60 -3.10
N TYR D 219 6.77 -12.36 -2.41
CA TYR D 219 5.74 -13.18 -3.02
C TYR D 219 4.36 -12.78 -2.58
N ALA D 220 4.21 -11.53 -2.14
CA ALA D 220 2.93 -11.07 -1.61
C ALA D 220 1.83 -11.13 -2.64
N ALA D 221 2.12 -10.81 -3.89
CA ALA D 221 1.08 -10.86 -4.93
C ALA D 221 0.63 -12.28 -5.20
N TRP D 222 1.58 -13.20 -5.24
CA TRP D 222 1.25 -14.60 -5.49
C TRP D 222 0.39 -15.18 -4.35
N ILE D 223 0.76 -14.89 -3.12
CA ILE D 223 0.00 -15.37 -1.97
C ILE D 223 -1.45 -14.85 -2.02
N ASP D 224 -1.64 -13.56 -2.20
CA ASP D 224 -3.00 -12.98 -2.31
C ASP D 224 -3.84 -13.62 -3.40
N SER D 225 -3.21 -13.83 -4.55
CA SER D 225 -3.90 -14.39 -5.73
C SER D 225 -4.37 -15.81 -5.47
N VAL D 226 -3.54 -16.64 -4.83
CA VAL D 226 -3.95 -17.99 -4.46
C VAL D 226 -5.06 -17.95 -3.40
N LEU D 227 -4.93 -17.10 -2.39
CA LEU D 227 -5.98 -16.99 -1.38
C LEU D 227 -7.36 -16.52 -1.91
N ALA D 228 -7.41 -15.90 -3.09
CA ALA D 228 -8.66 -15.54 -3.75
C ALA D 228 -9.12 -16.57 -4.79
N ILE E 1 -37.66 -23.94 -25.99
CA ILE E 1 -37.56 -23.48 -27.40
C ILE E 1 -38.97 -23.41 -28.04
N LEU E 2 -39.39 -22.18 -28.32
CA LEU E 2 -40.63 -21.95 -29.05
C LEU E 2 -40.36 -22.04 -30.56
N GLY E 3 -41.25 -22.70 -31.29
CA GLY E 3 -41.18 -22.76 -32.76
C GLY E 3 -40.00 -23.53 -33.34
N GLY E 4 -39.50 -24.49 -32.57
CA GLY E 4 -38.39 -25.33 -33.00
C GLY E 4 -38.82 -26.73 -33.35
N ARG E 5 -37.87 -27.64 -33.28
CA ARG E 5 -38.04 -29.01 -33.70
C ARG E 5 -37.21 -29.85 -32.74
N GLU E 6 -37.59 -31.10 -32.56
CA GLU E 6 -36.74 -32.06 -31.87
C GLU E 6 -35.40 -32.16 -32.61
N ALA E 7 -34.32 -32.14 -31.85
CA ALA E 7 -32.98 -32.28 -32.39
C ALA E 7 -32.69 -33.71 -32.71
N GLU E 8 -31.62 -33.91 -33.46
CA GLU E 8 -31.10 -35.24 -33.69
C GLU E 8 -30.39 -35.66 -32.41
N ALA E 9 -30.75 -36.85 -31.92
CA ALA E 9 -30.19 -37.36 -30.68
C ALA E 9 -28.67 -37.33 -30.73
N HIS E 10 -28.08 -36.68 -29.72
CA HIS E 10 -26.62 -36.61 -29.51
C HIS E 10 -25.79 -35.91 -30.60
N ALA E 11 -26.45 -35.12 -31.46
CA ALA E 11 -25.75 -34.34 -32.45
C ALA E 11 -25.11 -33.10 -31.84
N ARG E 12 -25.51 -32.73 -30.61
CA ARG E 12 -24.94 -31.66 -29.83
C ARG E 12 -24.30 -32.17 -28.54
N PRO E 13 -23.16 -32.83 -28.65
CA PRO E 13 -22.57 -33.51 -27.52
C PRO E 13 -22.07 -32.64 -26.35
N TYR E 14 -22.13 -31.36 -26.52
CA TYR E 14 -21.73 -30.36 -25.50
CA TYR E 14 -21.73 -30.36 -25.50
C TYR E 14 -22.91 -29.97 -24.61
N MET E 15 -24.10 -30.38 -25.01
CA MET E 15 -25.29 -29.90 -24.37
C MET E 15 -25.44 -30.53 -22.97
N ALA E 16 -25.75 -29.70 -21.99
CA ALA E 16 -25.91 -30.15 -20.63
C ALA E 16 -27.23 -29.71 -20.06
N SER E 17 -27.84 -30.55 -19.23
CA SER E 17 -29.01 -30.16 -18.42
C SER E 17 -28.60 -29.95 -16.96
N VAL E 18 -28.81 -28.76 -16.46
CA VAL E 18 -28.50 -28.44 -15.07
C VAL E 18 -29.76 -28.72 -14.30
N GLN E 19 -29.65 -29.59 -13.32
CA GLN E 19 -30.81 -30.13 -12.59
C GLN E 19 -30.81 -29.81 -11.10
N LEU E 20 -32.01 -29.51 -10.60
CA LEU E 20 -32.26 -29.28 -9.17
C LEU E 20 -33.35 -30.26 -8.71
N ASN E 21 -33.00 -31.14 -7.78
CA ASN E 21 -33.95 -32.11 -7.18
C ASN E 21 -34.59 -32.99 -8.25
N GLY E 22 -33.74 -33.54 -9.13
CA GLY E 22 -34.18 -34.43 -10.20
C GLY E 22 -35.02 -33.89 -11.34
N ALA E 23 -35.15 -32.56 -11.43
CA ALA E 23 -35.84 -31.92 -12.55
C ALA E 23 -34.88 -31.01 -13.29
N HIS E 24 -35.02 -31.01 -14.61
CA HIS E 24 -34.37 -30.03 -15.45
C HIS E 24 -34.70 -28.60 -14.97
N LEU E 25 -33.66 -27.81 -14.72
CA LEU E 25 -33.80 -26.38 -14.39
C LEU E 25 -33.31 -25.43 -15.50
N CYS E 26 -32.10 -25.67 -15.98
CA CYS E 26 -31.38 -24.77 -16.89
C CYS E 26 -30.58 -25.54 -17.89
N GLY E 27 -30.30 -24.92 -19.03
CA GLY E 27 -29.33 -25.44 -19.97
C GLY E 27 -27.91 -25.13 -19.45
N GLY E 28 -26.95 -25.83 -20.05
CA GLY E 28 -25.56 -25.55 -19.84
C GLY E 28 -24.78 -26.11 -21.02
N VAL E 29 -23.48 -25.81 -21.01
CA VAL E 29 -22.57 -26.18 -22.09
C VAL E 29 -21.29 -26.71 -21.48
N LEU E 30 -20.94 -27.92 -21.85
CA LEU E 30 -19.67 -28.48 -21.45
C LEU E 30 -18.58 -27.73 -22.22
N VAL E 31 -17.71 -27.03 -21.51
CA VAL E 31 -16.62 -26.20 -22.10
C VAL E 31 -15.21 -26.70 -21.84
N ALA E 32 -15.06 -27.60 -20.87
CA ALA E 32 -13.84 -28.37 -20.69
C ALA E 32 -14.23 -29.68 -20.00
N GLU E 33 -13.29 -30.59 -19.85
CA GLU E 33 -13.60 -31.91 -19.32
C GLU E 33 -14.39 -31.88 -18.02
N GLN E 34 -14.06 -30.93 -17.16
CA GLN E 34 -14.62 -30.85 -15.81
C GLN E 34 -15.48 -29.59 -15.55
N TRP E 35 -15.78 -28.80 -16.58
CA TRP E 35 -16.51 -27.56 -16.36
C TRP E 35 -17.66 -27.34 -17.33
N VAL E 36 -18.76 -26.85 -16.78
CA VAL E 36 -19.95 -26.53 -17.52
C VAL E 36 -20.28 -25.09 -17.28
N LEU E 37 -20.58 -24.37 -18.36
CA LEU E 37 -20.90 -22.96 -18.32
C LEU E 37 -22.40 -22.87 -18.40
N SER E 38 -22.98 -22.04 -17.55
CA SER E 38 -24.41 -21.84 -17.55
C SER E 38 -24.66 -20.40 -17.17
N ALA E 39 -25.89 -20.10 -16.76
CA ALA E 39 -26.25 -18.73 -16.31
C ALA E 39 -26.34 -18.61 -14.78
N ALA E 40 -25.93 -17.47 -14.24
CA ALA E 40 -25.92 -17.25 -12.77
C ALA E 40 -27.32 -17.25 -12.16
N HIS E 41 -28.28 -16.67 -12.84
CA HIS E 41 -29.66 -16.61 -12.31
C HIS E 41 -30.30 -17.99 -12.02
N CYS E 42 -29.82 -19.04 -12.67
CA CYS E 42 -30.23 -20.42 -12.42
C CYS E 42 -30.03 -20.93 -10.98
N LEU E 43 -28.95 -20.50 -10.32
CA LEU E 43 -28.64 -20.94 -8.95
C LEU E 43 -29.15 -19.97 -7.85
N GLY E 49 -30.94 -27.32 -2.53
CA GLY E 49 -31.25 -28.56 -3.20
C GLY E 49 -30.01 -29.21 -3.82
N LYS E 50 -30.20 -30.44 -4.26
CA LYS E 50 -29.17 -31.21 -4.92
C LYS E 50 -28.99 -30.67 -6.35
N VAL E 51 -27.88 -29.93 -6.58
CA VAL E 51 -27.53 -29.46 -7.93
C VAL E 51 -26.68 -30.49 -8.68
N GLN E 52 -27.21 -30.95 -9.81
CA GLN E 52 -26.48 -31.88 -10.65
C GLN E 52 -26.52 -31.48 -12.12
N VAL E 53 -25.66 -32.13 -12.90
CA VAL E 53 -25.49 -31.83 -14.32
C VAL E 53 -25.61 -33.13 -15.08
N LEU E 54 -26.56 -33.17 -15.99
CA LEU E 54 -26.78 -34.31 -16.84
C LEU E 54 -26.11 -34.10 -18.19
N LEU E 55 -25.15 -34.94 -18.54
CA LEU E 55 -24.48 -34.90 -19.84
C LEU E 55 -24.88 -36.08 -20.68
N GLY E 56 -24.65 -36.01 -21.97
CA GLY E 56 -24.93 -37.12 -22.88
C GLY E 56 -26.41 -37.45 -23.11
N ALA E 57 -27.27 -36.48 -22.83
CA ALA E 57 -28.71 -36.69 -22.87
C ALA E 57 -29.35 -36.25 -24.14
N HIS E 58 -30.44 -36.93 -24.47
CA HIS E 58 -31.37 -36.46 -25.44
C HIS E 58 -32.75 -36.38 -24.80
N SER E 59 -33.26 -37.53 -24.35
CA SER E 59 -34.45 -37.55 -23.53
C SER E 59 -34.07 -37.37 -22.07
N LEU E 60 -34.81 -36.54 -21.36
CA LEU E 60 -34.62 -36.35 -19.91
C LEU E 60 -35.07 -37.56 -19.09
N SER E 61 -36.14 -38.26 -19.53
CA SER E 61 -36.71 -39.39 -18.77
C SER E 61 -36.22 -40.79 -19.21
N GLN E 62 -36.09 -41.03 -20.53
CA GLN E 62 -35.72 -42.37 -21.03
C GLN E 62 -34.25 -42.74 -20.78
N PRO E 63 -33.94 -44.04 -20.59
CA PRO E 63 -32.54 -44.45 -20.41
C PRO E 63 -31.77 -44.46 -21.74
N GLU E 64 -30.50 -44.07 -21.68
CA GLU E 64 -29.66 -43.93 -22.88
C GLU E 64 -28.28 -44.27 -22.38
N PRO E 65 -27.50 -45.05 -23.15
CA PRO E 65 -26.17 -45.47 -22.65
C PRO E 65 -25.21 -44.31 -22.33
N SER E 66 -25.30 -43.22 -23.08
CA SER E 66 -24.42 -42.07 -22.92
C SER E 66 -24.80 -41.15 -21.74
N LYS E 67 -26.05 -41.22 -21.25
CA LYS E 67 -26.51 -40.36 -20.16
C LYS E 67 -25.79 -40.63 -18.89
N ARG E 68 -25.22 -39.60 -18.31
CA ARG E 68 -24.62 -39.72 -17.01
C ARG E 68 -24.84 -38.45 -16.17
N LEU E 69 -25.15 -38.63 -14.90
CA LEU E 69 -25.47 -37.55 -13.99
C LEU E 69 -24.25 -37.26 -13.15
N TYR E 70 -23.82 -36.00 -13.08
CA TYR E 70 -22.64 -35.61 -12.32
C TYR E 70 -23.00 -34.68 -11.17
N ASP E 71 -22.31 -34.80 -10.04
CA ASP E 71 -22.51 -33.86 -8.94
C ASP E 71 -21.64 -32.65 -9.23
N VAL E 72 -21.98 -31.54 -8.57
CA VAL E 72 -21.21 -30.31 -8.68
C VAL E 72 -20.32 -30.08 -7.46
N LEU E 73 -19.02 -29.99 -7.69
CA LEU E 73 -18.02 -29.75 -6.65
C LEU E 73 -18.03 -28.28 -6.20
N ARG E 74 -18.13 -27.38 -7.17
CA ARG E 74 -18.00 -25.95 -7.00
C ARG E 74 -18.81 -25.23 -8.01
N ALA E 75 -19.51 -24.18 -7.62
CA ALA E 75 -20.21 -23.29 -8.53
C ALA E 75 -19.63 -21.90 -8.38
N VAL E 76 -19.28 -21.26 -9.50
CA VAL E 76 -18.62 -19.96 -9.49
C VAL E 76 -19.39 -18.97 -10.34
N PRO E 77 -20.27 -18.17 -9.72
CA PRO E 77 -20.95 -17.16 -10.47
C PRO E 77 -20.00 -16.03 -10.75
N HIS E 78 -20.23 -15.33 -11.86
CA HIS E 78 -19.43 -14.16 -12.14
C HIS E 78 -19.62 -13.19 -10.98
N PRO E 79 -18.52 -12.64 -10.45
CA PRO E 79 -18.63 -11.82 -9.23
C PRO E 79 -19.44 -10.53 -9.36
N ASP E 80 -19.61 -10.01 -10.56
CA ASP E 80 -20.46 -8.83 -10.78
C ASP E 80 -21.90 -9.15 -11.20
N SER E 81 -22.29 -10.43 -11.22
CA SER E 81 -23.72 -10.77 -11.45
C SER E 81 -24.55 -10.35 -10.21
N GLN E 82 -25.80 -9.97 -10.44
CA GLN E 82 -26.73 -9.59 -9.39
C GLN E 82 -28.12 -10.02 -9.79
N PRO E 83 -28.98 -10.36 -8.82
CA PRO E 83 -30.28 -10.91 -9.23
C PRO E 83 -31.18 -9.98 -10.03
N ASP E 84 -30.99 -8.67 -9.92
CA ASP E 84 -31.88 -7.67 -10.55
C ASP E 84 -31.28 -7.03 -11.82
N THR E 85 -30.19 -7.57 -12.37
CA THR E 85 -29.61 -7.11 -13.65
C THR E 85 -29.44 -8.29 -14.60
N ILE E 86 -29.21 -7.96 -15.86
CA ILE E 86 -28.95 -8.97 -16.90
C ILE E 86 -27.46 -9.04 -17.23
N ASP E 87 -26.63 -8.29 -16.51
CA ASP E 87 -25.21 -8.19 -16.81
C ASP E 87 -24.41 -9.29 -16.17
N HIS E 88 -23.41 -9.76 -16.88
CA HIS E 88 -22.45 -10.71 -16.33
C HIS E 88 -23.13 -12.01 -15.87
N ASP E 89 -24.19 -12.43 -16.57
CA ASP E 89 -24.99 -13.57 -16.12
C ASP E 89 -24.36 -14.90 -16.51
N LEU E 90 -23.16 -15.17 -16.01
CA LEU E 90 -22.46 -16.42 -16.27
C LEU E 90 -22.16 -17.17 -14.96
N LEU E 91 -22.14 -18.50 -15.09
CA LEU E 91 -21.91 -19.39 -13.98
C LEU E 91 -21.03 -20.51 -14.48
N LEU E 92 -19.97 -20.81 -13.75
CA LEU E 92 -19.16 -21.96 -14.08
C LEU E 92 -19.36 -23.05 -13.03
N LEU E 93 -19.68 -24.26 -13.46
CA LEU E 93 -19.92 -25.38 -12.58
C LEU E 93 -18.78 -26.40 -12.76
N GLN E 94 -18.04 -26.65 -11.68
CA GLN E 94 -17.04 -27.69 -11.68
C GLN E 94 -17.70 -29.02 -11.34
N LEU E 95 -17.54 -30.01 -12.20
CA LEU E 95 -18.08 -31.33 -11.95
C LEU E 95 -17.23 -32.06 -10.91
N SER E 96 -17.84 -33.01 -10.21
CA SER E 96 -17.16 -33.88 -9.23
C SER E 96 -15.96 -34.65 -9.79
N GLU E 97 -16.00 -34.91 -11.10
CA GLU E 97 -14.88 -35.56 -11.77
C GLU E 97 -14.89 -35.23 -13.26
N LYS E 98 -13.74 -35.45 -13.92
CA LYS E 98 -13.67 -35.30 -15.36
C LYS E 98 -14.82 -36.10 -16.00
N ALA E 99 -15.52 -35.46 -16.93
CA ALA E 99 -16.60 -36.11 -17.65
C ALA E 99 -16.03 -37.17 -18.60
N THR E 100 -16.77 -38.26 -18.76
CA THR E 100 -16.38 -39.35 -19.65
C THR E 100 -16.72 -38.93 -21.06
N LEU E 101 -15.70 -38.71 -21.88
CA LEU E 101 -15.87 -38.24 -23.24
C LEU E 101 -16.23 -39.38 -24.18
N GLY E 102 -16.89 -39.02 -25.28
CA GLY E 102 -17.32 -40.01 -26.26
C GLY E 102 -18.11 -39.34 -27.37
N PRO E 103 -18.61 -40.11 -28.33
CA PRO E 103 -19.43 -39.53 -29.40
C PRO E 103 -20.56 -38.63 -28.92
N ALA E 104 -21.14 -38.92 -27.78
CA ALA E 104 -22.25 -38.10 -27.25
C ALA E 104 -21.92 -37.09 -26.14
N VAL E 105 -20.64 -36.98 -25.77
CA VAL E 105 -20.22 -36.08 -24.69
C VAL E 105 -18.85 -35.52 -25.08
N ARG E 106 -18.79 -34.24 -25.39
CA ARG E 106 -17.61 -33.59 -25.93
CA ARG E 106 -17.60 -33.59 -25.96
C ARG E 106 -17.72 -32.10 -25.67
N PRO E 107 -16.63 -31.47 -25.14
CA PRO E 107 -16.69 -30.01 -24.90
C PRO E 107 -16.78 -29.19 -26.17
N LEU E 108 -17.42 -28.04 -26.07
CA LEU E 108 -17.47 -27.05 -27.12
C LEU E 108 -16.64 -25.87 -26.65
N PRO E 109 -15.52 -25.60 -27.35
CA PRO E 109 -14.65 -24.49 -26.86
C PRO E 109 -15.37 -23.13 -26.98
N TRP E 110 -15.12 -22.23 -26.07
CA TRP E 110 -15.74 -20.90 -26.12
C TRP E 110 -15.02 -20.00 -27.14
N GLN E 111 -15.76 -19.08 -27.77
CA GLN E 111 -15.20 -18.13 -28.73
C GLN E 111 -14.22 -17.20 -27.98
N ARG E 112 -13.00 -17.18 -28.46
N ARG E 112 -12.99 -17.17 -28.46
CA ARG E 112 -12.01 -16.25 -27.92
CA ARG E 112 -11.99 -16.25 -27.91
C ARG E 112 -11.85 -14.96 -28.69
C ARG E 112 -11.87 -14.93 -28.68
N VAL E 113 -12.41 -14.89 -29.89
CA VAL E 113 -12.29 -13.69 -30.75
C VAL E 113 -13.47 -12.78 -30.51
N ASP E 114 -13.23 -11.59 -29.97
CA ASP E 114 -14.27 -10.66 -29.59
C ASP E 114 -14.69 -9.89 -30.84
N ARG E 115 -15.60 -10.47 -31.62
CA ARG E 115 -16.16 -9.86 -32.78
C ARG E 115 -17.67 -10.08 -32.77
N ASP E 116 -18.45 -9.03 -32.97
CA ASP E 116 -19.90 -9.21 -33.05
C ASP E 116 -20.26 -10.07 -34.23
N VAL E 117 -21.22 -10.96 -34.00
CA VAL E 117 -21.74 -11.78 -35.06
C VAL E 117 -22.57 -10.85 -35.94
N ALA E 118 -22.38 -10.96 -37.25
CA ALA E 118 -23.11 -10.11 -38.18
C ALA E 118 -24.63 -10.34 -38.12
N PRO E 119 -25.44 -9.26 -38.25
CA PRO E 119 -26.90 -9.35 -38.25
C PRO E 119 -27.43 -10.25 -39.31
N GLY E 120 -28.45 -11.03 -38.98
CA GLY E 120 -29.03 -11.96 -39.91
C GLY E 120 -28.38 -13.34 -39.92
N THR E 121 -27.20 -13.47 -39.30
CA THR E 121 -26.53 -14.75 -39.20
C THR E 121 -27.43 -15.68 -38.41
N LEU E 122 -27.59 -16.90 -38.90
CA LEU E 122 -28.41 -17.86 -38.20
C LEU E 122 -27.60 -18.65 -37.21
N CYS E 123 -28.01 -18.55 -35.95
CA CYS E 123 -27.37 -19.26 -34.85
C CYS E 123 -28.28 -20.31 -34.26
N ASP E 124 -27.70 -21.43 -33.88
CA ASP E 124 -28.42 -22.57 -33.37
C ASP E 124 -28.53 -22.46 -31.85
N VAL E 125 -29.77 -22.54 -31.35
N VAL E 125 -29.76 -22.52 -31.35
CA VAL E 125 -30.00 -22.53 -29.92
CA VAL E 125 -30.00 -22.53 -29.92
C VAL E 125 -30.78 -23.81 -29.60
C VAL E 125 -30.76 -23.80 -29.60
N ALA E 126 -30.31 -24.49 -28.54
CA ALA E 126 -30.95 -25.72 -28.11
C ALA E 126 -31.25 -25.71 -26.62
N GLY E 127 -32.30 -26.43 -26.27
CA GLY E 127 -32.60 -26.66 -24.87
C GLY E 127 -33.88 -27.46 -24.62
N TRP E 128 -34.11 -27.70 -23.32
CA TRP E 128 -35.28 -28.44 -22.86
C TRP E 128 -36.30 -27.52 -22.23
N GLY E 129 -36.25 -26.23 -22.55
CA GLY E 129 -37.22 -25.29 -22.01
C GLY E 129 -38.58 -25.47 -22.66
N ILE E 130 -39.53 -24.66 -22.25
CA ILE E 130 -40.92 -24.83 -22.70
C ILE E 130 -41.07 -24.55 -24.20
N VAL E 131 -42.04 -25.21 -24.84
CA VAL E 131 -42.23 -25.17 -26.29
C VAL E 131 -43.49 -24.46 -26.81
N ASN E 132 -44.32 -23.98 -25.89
CA ASN E 132 -45.50 -23.19 -26.26
C ASN E 132 -45.89 -22.23 -25.11
N HIS E 133 -46.97 -21.48 -25.32
CA HIS E 133 -47.41 -20.47 -24.36
C HIS E 133 -48.22 -21.06 -23.19
N ALA E 134 -48.58 -22.35 -23.29
CA ALA E 134 -49.18 -23.05 -22.16
C ALA E 134 -48.17 -23.72 -21.21
N GLY E 135 -46.87 -23.44 -21.37
CA GLY E 135 -45.88 -23.95 -20.44
C GLY E 135 -45.48 -25.42 -20.59
N ARG E 136 -45.84 -26.07 -21.69
CA ARG E 136 -45.53 -27.48 -21.86
C ARG E 136 -44.02 -27.71 -21.99
N ARG E 137 -43.48 -28.63 -21.18
CA ARG E 137 -42.07 -28.96 -21.22
C ARG E 137 -41.83 -30.22 -22.05
N PRO E 138 -40.82 -30.22 -22.93
CA PRO E 138 -40.57 -31.39 -23.76
C PRO E 138 -39.72 -32.38 -23.04
N ASP E 139 -39.84 -33.64 -23.40
CA ASP E 139 -38.97 -34.71 -22.90
C ASP E 139 -37.64 -34.69 -23.63
N SER E 140 -37.64 -34.47 -24.94
CA SER E 140 -36.40 -34.54 -25.73
C SER E 140 -35.88 -33.15 -26.13
N LEU E 141 -34.56 -33.06 -26.35
CA LEU E 141 -33.90 -31.79 -26.71
C LEU E 141 -34.49 -31.16 -27.95
N GLN E 142 -34.77 -29.87 -27.86
CA GLN E 142 -35.24 -29.09 -28.98
C GLN E 142 -34.16 -28.11 -29.44
N HIS E 143 -34.29 -27.65 -30.69
CA HIS E 143 -33.42 -26.63 -31.23
C HIS E 143 -34.14 -25.80 -32.26
N VAL E 144 -33.54 -24.65 -32.53
CA VAL E 144 -34.09 -23.72 -33.52
C VAL E 144 -32.95 -22.83 -34.03
N LEU E 145 -33.06 -22.38 -35.28
CA LEU E 145 -32.13 -21.41 -35.85
C LEU E 145 -32.74 -20.03 -35.74
N LEU E 146 -31.98 -19.09 -35.17
CA LEU E 146 -32.45 -17.76 -34.92
C LEU E 146 -31.53 -16.75 -35.57
N PRO E 147 -32.09 -15.75 -36.25
CA PRO E 147 -31.24 -14.71 -36.80
C PRO E 147 -30.79 -13.73 -35.75
N VAL E 148 -29.50 -13.41 -35.75
CA VAL E 148 -28.96 -12.38 -34.91
C VAL E 148 -29.55 -11.02 -35.29
N LEU E 149 -29.84 -10.22 -34.28
CA LEU E 149 -30.44 -8.91 -34.46
C LEU E 149 -29.38 -7.91 -34.09
N ASP E 150 -29.22 -6.84 -34.86
CA ASP E 150 -28.14 -5.89 -34.54
C ASP E 150 -28.49 -5.10 -33.26
N ARG E 151 -27.42 -4.75 -32.54
CA ARG E 151 -27.53 -4.21 -31.20
C ARG E 151 -28.33 -2.90 -31.18
N ALA E 152 -28.14 -2.03 -32.17
CA ALA E 152 -28.87 -0.76 -32.24
C ALA E 152 -30.39 -0.94 -32.33
N THR E 153 -30.86 -1.88 -33.17
CA THR E 153 -32.29 -2.23 -33.21
C THR E 153 -32.76 -2.86 -31.90
N CYS E 154 -31.95 -3.76 -31.35
CA CYS E 154 -32.24 -4.40 -30.08
C CYS E 154 -32.41 -3.35 -28.94
N ASN E 155 -31.64 -2.25 -29.02
CA ASN E 155 -31.63 -1.20 -28.00
C ASN E 155 -32.68 -0.09 -28.13
N ARG E 156 -33.49 -0.10 -29.19
CA ARG E 156 -34.59 0.87 -29.31
C ARG E 156 -35.51 0.84 -28.11
N ARG E 157 -36.20 1.96 -27.85
CA ARG E 157 -37.11 2.12 -26.70
C ARG E 157 -38.24 1.08 -26.65
N THR E 158 -38.81 0.75 -27.83
CA THR E 158 -39.84 -0.30 -27.97
C THR E 158 -39.33 -1.74 -27.76
N HIS E 159 -38.00 -1.92 -27.76
CA HIS E 159 -37.38 -3.22 -27.56
C HIS E 159 -36.74 -3.26 -26.13
N HIS E 160 -35.42 -3.27 -25.98
CA HIS E 160 -34.80 -3.40 -24.64
C HIS E 160 -34.20 -2.13 -24.07
N ASP E 161 -34.31 -1.03 -24.81
CA ASP E 161 -34.17 0.34 -24.26
C ASP E 161 -32.79 0.67 -23.65
N GLY E 162 -31.74 0.49 -24.44
CA GLY E 162 -30.37 0.77 -24.01
C GLY E 162 -29.73 -0.27 -23.11
N ALA E 163 -30.45 -1.32 -22.73
CA ALA E 163 -29.90 -2.34 -21.80
C ALA E 163 -28.82 -3.27 -22.41
N ILE E 164 -28.75 -3.35 -23.74
CA ILE E 164 -27.84 -4.24 -24.46
C ILE E 164 -26.46 -3.61 -24.63
N THR E 165 -25.53 -4.01 -23.76
CA THR E 165 -24.16 -3.55 -23.76
C THR E 165 -23.39 -4.29 -24.84
N GLU E 166 -22.12 -3.91 -24.99
CA GLU E 166 -21.17 -4.63 -25.86
C GLU E 166 -20.91 -6.10 -25.45
N ARG E 167 -21.33 -6.49 -24.24
CA ARG E 167 -21.11 -7.84 -23.72
C ARG E 167 -22.35 -8.73 -23.92
N LEU E 168 -23.37 -8.22 -24.60
CA LEU E 168 -24.60 -8.95 -24.88
C LEU E 168 -24.91 -8.92 -26.37
N MET E 169 -25.61 -9.92 -26.87
CA MET E 169 -26.14 -9.90 -28.25
C MET E 169 -27.56 -10.35 -28.23
N CYS E 170 -28.27 -10.09 -29.32
CA CYS E 170 -29.67 -10.44 -29.43
C CYS E 170 -29.97 -11.24 -30.62
N ALA E 171 -31.08 -11.96 -30.57
CA ALA E 171 -31.60 -12.72 -31.70
C ALA E 171 -33.08 -12.46 -31.81
N GLU E 172 -33.61 -12.49 -33.03
CA GLU E 172 -35.05 -12.27 -33.24
C GLU E 172 -35.84 -13.31 -32.45
N SER E 173 -36.99 -12.85 -31.98
CA SER E 173 -37.85 -13.61 -31.16
C SER E 173 -39.28 -13.72 -31.71
N ASN E 174 -39.44 -13.62 -33.02
CA ASN E 174 -40.78 -13.62 -33.63
C ASN E 174 -41.29 -15.04 -33.82
N ARG E 175 -42.14 -15.51 -32.90
CA ARG E 175 -42.71 -16.88 -32.93
C ARG E 175 -41.68 -18.04 -32.81
N ARG E 176 -40.39 -17.72 -32.82
CA ARG E 176 -39.29 -18.64 -32.58
C ARG E 176 -38.43 -17.98 -31.54
N ASP E 177 -38.06 -18.69 -30.49
CA ASP E 177 -37.39 -18.05 -29.37
C ASP E 177 -36.90 -19.06 -28.36
N SER E 178 -35.90 -18.67 -27.59
CA SER E 178 -35.53 -19.35 -26.37
C SER E 178 -36.58 -18.97 -25.30
N CYS E 179 -36.91 -19.89 -24.40
CA CYS E 179 -37.89 -19.62 -23.34
CA CYS E 179 -37.90 -19.62 -23.35
C CYS E 179 -37.48 -20.21 -22.00
N LYS E 180 -38.35 -20.10 -21.01
CA LYS E 180 -38.08 -20.56 -19.64
C LYS E 180 -37.54 -21.98 -19.61
N GLY E 181 -36.35 -22.14 -19.01
CA GLY E 181 -35.66 -23.44 -19.02
C GLY E 181 -34.61 -23.62 -20.08
N ASP E 182 -34.53 -22.70 -21.02
CA ASP E 182 -33.41 -22.66 -21.99
C ASP E 182 -32.25 -21.82 -21.48
N SER E 183 -32.45 -20.99 -20.46
CA SER E 183 -31.39 -20.20 -19.83
C SER E 183 -30.15 -20.98 -19.54
N GLY E 184 -29.00 -20.40 -19.83
CA GLY E 184 -27.73 -21.05 -19.57
C GLY E 184 -27.27 -21.96 -20.70
N GLY E 185 -28.10 -22.22 -21.68
CA GLY E 185 -27.69 -23.04 -22.81
C GLY E 185 -26.96 -22.28 -23.91
N PRO E 186 -26.49 -22.99 -24.93
CA PRO E 186 -25.60 -22.44 -25.95
C PRO E 186 -26.32 -21.77 -27.11
N LEU E 187 -25.73 -20.66 -27.58
CA LEU E 187 -26.00 -20.07 -28.86
C LEU E 187 -24.75 -20.31 -29.70
N VAL E 188 -24.92 -21.09 -30.75
CA VAL E 188 -23.81 -21.57 -31.58
C VAL E 188 -23.95 -20.99 -32.98
N CYS E 189 -22.92 -20.28 -33.44
CA CYS E 189 -22.88 -19.69 -34.81
C CYS E 189 -21.60 -20.25 -35.48
N GLY E 190 -21.81 -20.90 -36.62
CA GLY E 190 -20.74 -21.52 -37.38
C GLY E 190 -19.98 -22.61 -36.63
N GLY E 191 -20.70 -23.40 -35.84
CA GLY E 191 -20.06 -24.44 -35.00
C GLY E 191 -19.23 -23.97 -33.81
N VAL E 192 -19.35 -22.71 -33.42
CA VAL E 192 -18.58 -22.14 -32.33
C VAL E 192 -19.53 -21.48 -31.33
N LEU E 193 -19.25 -21.66 -30.04
CA LEU E 193 -20.07 -21.08 -29.00
C LEU E 193 -19.83 -19.60 -28.96
N GLU E 194 -20.88 -18.81 -29.23
CA GLU E 194 -20.81 -17.36 -29.17
C GLU E 194 -21.57 -16.78 -27.98
N GLY E 195 -22.59 -17.49 -27.50
CA GLY E 195 -23.50 -16.95 -26.52
C GLY E 195 -23.99 -17.95 -25.51
N VAL E 196 -24.46 -17.44 -24.38
CA VAL E 196 -25.15 -18.21 -23.38
C VAL E 196 -26.49 -17.51 -23.15
N VAL E 197 -27.58 -18.26 -23.25
CA VAL E 197 -28.93 -17.72 -23.10
C VAL E 197 -29.09 -17.04 -21.75
N THR E 198 -29.63 -15.82 -21.69
CA THR E 198 -29.87 -15.15 -20.39
C THR E 198 -31.18 -15.53 -19.70
N SER E 199 -31.16 -15.45 -18.39
CA SER E 199 -32.30 -15.92 -17.54
C SER E 199 -33.21 -14.77 -17.11
N GLY E 200 -32.67 -13.56 -17.17
CA GLY E 200 -33.47 -12.34 -17.11
C GLY E 200 -34.86 -12.66 -17.62
N SER E 201 -35.87 -12.53 -16.76
CA SER E 201 -37.17 -13.16 -16.94
C SER E 201 -38.19 -12.34 -17.80
N ARG E 202 -38.77 -13.01 -18.77
CA ARG E 202 -39.14 -12.32 -20.03
C ARG E 202 -40.25 -13.02 -20.82
N VAL E 203 -41.11 -12.25 -21.49
CA VAL E 203 -42.07 -12.77 -22.48
C VAL E 203 -41.41 -13.48 -23.68
N CYS E 204 -42.04 -14.56 -24.11
CA CYS E 204 -41.47 -15.50 -25.06
CA CYS E 204 -41.45 -15.51 -25.06
C CYS E 204 -42.19 -15.53 -26.40
N GLY E 205 -41.43 -15.40 -27.46
CA GLY E 205 -41.99 -15.40 -28.79
C GLY E 205 -42.61 -14.08 -29.20
N ASN E 206 -42.31 -13.00 -28.46
CA ASN E 206 -42.83 -11.66 -28.74
C ASN E 206 -41.70 -10.89 -29.46
N ARG E 207 -41.95 -10.56 -30.74
CA ARG E 207 -41.04 -9.81 -31.61
C ARG E 207 -40.48 -8.53 -30.99
N LYS E 208 -41.27 -7.89 -30.15
CA LYS E 208 -40.87 -6.63 -29.50
C LYS E 208 -39.83 -6.84 -28.39
N LYS E 209 -39.67 -8.08 -27.90
CA LYS E 209 -38.69 -8.38 -26.85
C LYS E 209 -37.75 -9.52 -27.29
N PRO E 210 -36.71 -9.18 -28.08
CA PRO E 210 -35.74 -10.15 -28.58
C PRO E 210 -35.09 -10.97 -27.48
N GLY E 211 -34.61 -12.14 -27.84
CA GLY E 211 -33.82 -12.93 -26.91
C GLY E 211 -32.48 -12.24 -26.67
N ILE E 212 -31.90 -12.49 -25.50
CA ILE E 212 -30.67 -11.87 -25.10
C ILE E 212 -29.70 -12.98 -24.76
N TYR E 213 -28.45 -12.83 -25.17
CA TYR E 213 -27.44 -13.86 -24.99
C TYR E 213 -26.16 -13.18 -24.54
N THR E 214 -25.51 -13.77 -23.55
CA THR E 214 -24.26 -13.22 -23.06
C THR E 214 -23.17 -13.67 -23.98
N ARG E 215 -22.31 -12.74 -24.39
CA ARG E 215 -21.25 -13.04 -25.36
C ARG E 215 -20.08 -13.62 -24.61
N VAL E 216 -19.76 -14.89 -24.87
CA VAL E 216 -18.70 -15.53 -24.12
C VAL E 216 -17.32 -14.91 -24.36
N ALA E 217 -17.08 -14.37 -25.56
CA ALA E 217 -15.75 -13.79 -25.88
C ALA E 217 -15.44 -12.63 -24.97
N SER E 218 -16.49 -11.93 -24.62
CA SER E 218 -16.42 -10.82 -23.70
C SER E 218 -15.92 -11.22 -22.31
N TYR E 219 -16.03 -12.51 -21.93
CA TYR E 219 -15.64 -12.99 -20.62
C TYR E 219 -14.54 -14.02 -20.71
N ALA E 220 -13.78 -14.00 -21.80
CA ALA E 220 -12.76 -15.04 -22.02
C ALA E 220 -11.71 -15.05 -20.94
N ALA E 221 -11.30 -13.88 -20.47
CA ALA E 221 -10.28 -13.83 -19.42
C ALA E 221 -10.81 -14.39 -18.10
N TRP E 222 -12.05 -14.08 -17.77
CA TRP E 222 -12.63 -14.58 -16.53
C TRP E 222 -12.75 -16.11 -16.56
N ILE E 223 -13.23 -16.66 -17.68
CA ILE E 223 -13.37 -18.10 -17.81
C ILE E 223 -12.00 -18.78 -17.65
N ASP E 224 -10.97 -18.34 -18.37
CA ASP E 224 -9.63 -18.92 -18.23
C ASP E 224 -9.10 -18.91 -16.81
N SER E 225 -9.31 -17.78 -16.13
CA SER E 225 -8.81 -17.58 -14.76
C SER E 225 -9.48 -18.55 -13.79
N VAL E 226 -10.80 -18.74 -13.92
CA VAL E 226 -11.48 -19.72 -13.07
C VAL E 226 -11.01 -21.16 -13.41
N LEU E 227 -10.89 -21.49 -14.69
CA LEU E 227 -10.40 -22.82 -15.07
C LEU E 227 -8.97 -23.16 -14.62
N ALA E 228 -8.16 -22.16 -14.27
CA ALA E 228 -6.86 -22.38 -13.66
C ALA E 228 -6.91 -22.36 -12.08
N ILE F 1 -31.55 19.08 14.73
CA ILE F 1 -30.47 19.73 13.96
C ILE F 1 -31.02 20.89 13.10
N LEU F 2 -30.64 22.10 13.45
CA LEU F 2 -30.96 23.29 12.69
C LEU F 2 -29.92 23.47 11.57
N GLY F 3 -30.39 23.80 10.38
CA GLY F 3 -29.48 24.11 9.25
C GLY F 3 -28.67 22.96 8.71
N GLY F 4 -29.18 21.73 8.89
CA GLY F 4 -28.51 20.53 8.41
C GLY F 4 -29.16 19.95 7.17
N ARG F 5 -28.94 18.66 6.98
CA ARG F 5 -29.41 17.93 5.83
C ARG F 5 -29.75 16.56 6.30
N GLU F 6 -30.66 15.88 5.61
CA GLU F 6 -30.88 14.46 5.83
C GLU F 6 -29.58 13.70 5.61
N ALA F 7 -29.26 12.79 6.53
CA ALA F 7 -28.08 11.95 6.42
C ALA F 7 -28.32 10.85 5.44
N GLU F 8 -27.25 10.18 5.05
CA GLU F 8 -27.35 8.99 4.24
C GLU F 8 -27.79 7.86 5.16
N ALA F 9 -28.85 7.15 4.76
CA ALA F 9 -29.41 6.09 5.56
C ALA F 9 -28.33 5.10 5.98
N HIS F 10 -28.24 4.89 7.30
CA HIS F 10 -27.32 3.90 7.90
C HIS F 10 -25.81 4.13 7.71
N ALA F 11 -25.42 5.34 7.32
CA ALA F 11 -24.01 5.70 7.21
C ALA F 11 -23.42 6.00 8.57
N ARG F 12 -24.26 6.18 9.59
CA ARG F 12 -23.84 6.34 10.99
C ARG F 12 -24.42 5.22 11.85
N PRO F 13 -23.83 4.03 11.71
CA PRO F 13 -24.41 2.84 12.33
C PRO F 13 -24.37 2.78 13.87
N TYR F 14 -23.75 3.76 14.47
CA TYR F 14 -23.67 3.90 15.92
C TYR F 14 -24.85 4.69 16.50
N MET F 15 -25.60 5.32 15.61
CA MET F 15 -26.61 6.26 16.03
C MET F 15 -27.79 5.56 16.69
N ALA F 16 -28.22 6.07 17.83
CA ALA F 16 -29.30 5.45 18.58
C ALA F 16 -30.36 6.46 18.92
N SER F 17 -31.63 6.05 18.90
CA SER F 17 -32.73 6.88 19.42
C SER F 17 -33.20 6.34 20.78
N VAL F 18 -33.11 7.18 21.79
CA VAL F 18 -33.55 6.81 23.13
C VAL F 18 -35.00 7.23 23.21
N GLN F 19 -35.86 6.28 23.51
CA GLN F 19 -37.31 6.46 23.44
C GLN F 19 -38.02 6.27 24.78
N LEU F 20 -39.05 7.10 25.00
CA LEU F 20 -39.92 7.07 26.18
C LEU F 20 -41.36 7.07 25.70
N ASN F 21 -42.16 6.07 26.07
CA ASN F 21 -43.59 6.01 25.71
C ASN F 21 -43.80 6.07 24.19
N GLY F 22 -43.03 5.24 23.48
CA GLY F 22 -43.13 5.12 22.02
C GLY F 22 -42.55 6.23 21.19
N ALA F 23 -41.99 7.29 21.78
CA ALA F 23 -41.58 8.47 21.05
C ALA F 23 -40.11 8.74 21.25
N HIS F 24 -39.46 9.21 20.19
CA HIS F 24 -38.11 9.69 20.27
C HIS F 24 -37.99 10.79 21.34
N LEU F 25 -37.06 10.59 22.27
CA LEU F 25 -36.76 11.60 23.30
C LEU F 25 -35.36 12.24 23.12
N CYS F 26 -34.34 11.40 22.97
CA CYS F 26 -32.94 11.80 22.98
C CYS F 26 -32.13 11.00 22.00
N GLY F 27 -31.02 11.56 21.55
CA GLY F 27 -30.02 10.82 20.84
C GLY F 27 -29.21 9.96 21.80
N GLY F 28 -28.50 9.01 21.22
CA GLY F 28 -27.53 8.20 21.95
C GLY F 28 -26.54 7.61 20.94
N VAL F 29 -25.51 6.97 21.48
CA VAL F 29 -24.44 6.39 20.69
C VAL F 29 -24.12 5.01 21.23
N LEU F 30 -24.20 4.02 20.34
CA LEU F 30 -23.78 2.69 20.67
C LEU F 30 -22.25 2.71 20.84
N VAL F 31 -21.77 2.41 22.04
CA VAL F 31 -20.32 2.45 22.38
C VAL F 31 -19.71 1.10 22.72
N ALA F 32 -20.55 0.10 22.96
CA ALA F 32 -20.14 -1.30 22.99
C ALA F 32 -21.35 -2.14 22.63
N GLU F 33 -21.17 -3.44 22.49
CA GLU F 33 -22.25 -4.32 22.02
C GLU F 33 -23.55 -4.15 22.80
N GLN F 34 -23.42 -3.96 24.11
CA GLN F 34 -24.58 -3.90 25.01
C GLN F 34 -24.81 -2.54 25.69
N TRP F 35 -24.08 -1.50 25.28
CA TRP F 35 -24.18 -0.21 25.97
C TRP F 35 -24.32 0.98 25.05
N VAL F 36 -25.19 1.90 25.44
CA VAL F 36 -25.45 3.11 24.71
C VAL F 36 -25.20 4.27 25.64
N LEU F 37 -24.46 5.26 25.16
CA LEU F 37 -24.12 6.45 25.93
C LEU F 37 -25.06 7.53 25.49
N SER F 38 -25.62 8.25 26.44
CA SER F 38 -26.51 9.35 26.15
C SER F 38 -26.30 10.41 27.22
N ALA F 39 -27.25 11.32 27.37
CA ALA F 39 -27.17 12.38 28.38
C ALA F 39 -28.09 12.10 29.59
N ALA F 40 -27.65 12.47 30.79
CA ALA F 40 -28.40 12.20 32.03
C ALA F 40 -29.69 12.95 32.12
N HIS F 41 -29.72 14.20 31.68
CA HIS F 41 -30.97 15.01 31.74
C HIS F 41 -32.15 14.41 30.97
N CYS F 42 -31.89 13.55 29.98
CA CYS F 42 -32.92 12.79 29.27
C CYS F 42 -33.83 11.90 30.13
N LEU F 43 -33.25 11.26 31.15
CA LEU F 43 -33.97 10.28 31.98
C LEU F 43 -34.55 10.84 33.28
N GLU F 44 -34.11 12.01 33.70
CA GLU F 44 -34.68 12.80 34.77
C GLU F 44 -36.10 13.05 34.14
N ASP F 45 -37.12 12.88 34.96
CA ASP F 45 -38.54 13.01 34.57
C ASP F 45 -39.16 11.81 33.84
N ALA F 46 -38.42 10.72 33.65
CA ALA F 46 -38.96 9.48 33.17
C ALA F 46 -39.62 8.81 34.33
N ALA F 47 -38.90 8.71 35.46
CA ALA F 47 -39.37 8.06 36.68
C ALA F 47 -40.36 6.91 36.44
N ASP F 48 -39.83 5.71 36.25
CA ASP F 48 -40.64 4.47 35.97
C ASP F 48 -41.42 4.46 34.61
N GLY F 49 -41.05 5.36 33.69
CA GLY F 49 -41.47 5.28 32.30
C GLY F 49 -40.76 4.16 31.53
N LYS F 50 -41.38 3.74 30.44
CA LYS F 50 -40.81 2.68 29.60
C LYS F 50 -39.69 3.28 28.74
N VAL F 51 -38.42 3.04 29.13
CA VAL F 51 -37.25 3.47 28.35
C VAL F 51 -36.82 2.38 27.39
N GLN F 52 -36.81 2.72 26.11
CA GLN F 52 -36.21 1.82 25.10
C GLN F 52 -35.21 2.54 24.19
N VAL F 53 -34.42 1.73 23.48
CA VAL F 53 -33.37 2.22 22.59
C VAL F 53 -33.59 1.62 21.22
N LEU F 54 -33.76 2.49 20.23
CA LEU F 54 -33.90 2.08 18.86
C LEU F 54 -32.56 2.17 18.14
N LEU F 55 -32.06 1.04 17.64
CA LEU F 55 -30.82 0.98 16.86
C LEU F 55 -31.12 0.67 15.44
N GLY F 56 -30.15 0.90 14.55
CA GLY F 56 -30.30 0.57 13.14
C GLY F 56 -31.30 1.42 12.36
N ALA F 57 -31.63 2.60 12.89
CA ALA F 57 -32.70 3.42 12.35
C ALA F 57 -32.19 4.51 11.44
N HIS F 58 -33.04 4.86 10.49
CA HIS F 58 -32.91 6.08 9.76
C HIS F 58 -34.19 6.88 9.88
N SER F 59 -35.30 6.31 9.43
CA SER F 59 -36.61 6.86 9.73
C SER F 59 -37.10 6.35 11.08
N LEU F 60 -37.66 7.26 11.88
CA LEU F 60 -38.28 6.87 13.15
C LEU F 60 -39.59 6.10 13.00
N SER F 61 -40.39 6.45 11.97
CA SER F 61 -41.72 5.86 11.77
C SER F 61 -41.76 4.67 10.78
N GLN F 62 -41.04 4.74 9.66
CA GLN F 62 -41.09 3.71 8.61
C GLN F 62 -40.37 2.41 9.00
N PRO F 63 -40.86 1.26 8.49
CA PRO F 63 -40.17 -0.02 8.75
C PRO F 63 -38.89 -0.16 7.92
N GLU F 64 -37.85 -0.76 8.51
CA GLU F 64 -36.55 -0.90 7.88
C GLU F 64 -36.02 -2.22 8.42
N PRO F 65 -35.38 -3.04 7.58
CA PRO F 65 -34.92 -4.36 8.09
C PRO F 65 -33.95 -4.31 9.27
N SER F 66 -33.10 -3.28 9.31
CA SER F 66 -32.09 -3.15 10.36
C SER F 66 -32.64 -2.59 11.70
N LYS F 67 -33.80 -1.94 11.66
CA LYS F 67 -34.37 -1.34 12.87
C LYS F 67 -34.76 -2.37 13.89
N ARG F 68 -34.26 -2.19 15.09
CA ARG F 68 -34.65 -3.04 16.18
C ARG F 68 -34.72 -2.26 17.50
N LEU F 69 -35.76 -2.54 18.28
CA LEU F 69 -36.04 -1.82 19.51
C LEU F 69 -35.56 -2.68 20.66
N TYR F 70 -34.75 -2.13 21.57
CA TYR F 70 -34.20 -2.87 22.69
C TYR F 70 -34.74 -2.31 24.01
N ASP F 71 -34.99 -3.19 24.97
CA ASP F 71 -35.34 -2.71 26.31
C ASP F 71 -34.05 -2.39 27.05
N VAL F 72 -34.19 -1.57 28.09
CA VAL F 72 -33.06 -1.20 28.93
C VAL F 72 -33.06 -1.99 30.25
N LEU F 73 -31.98 -2.72 30.48
CA LEU F 73 -31.79 -3.50 31.69
C LEU F 73 -31.43 -2.63 32.89
N ARG F 74 -30.55 -1.66 32.64
CA ARG F 74 -29.93 -0.82 33.67
C ARG F 74 -29.61 0.52 33.07
N ALA F 75 -29.91 1.60 33.78
CA ALA F 75 -29.54 2.94 33.35
C ALA F 75 -28.69 3.56 34.43
N VAL F 76 -27.52 4.09 34.06
CA VAL F 76 -26.54 4.56 35.03
C VAL F 76 -26.13 5.99 34.73
N PRO F 77 -26.78 6.95 35.39
CA PRO F 77 -26.36 8.32 35.21
C PRO F 77 -25.08 8.55 35.96
N HIS F 78 -24.28 9.49 35.48
CA HIS F 78 -23.08 9.85 36.18
C HIS F 78 -23.49 10.33 37.57
N PRO F 79 -22.81 9.81 38.62
CA PRO F 79 -23.26 10.10 39.99
C PRO F 79 -23.19 11.57 40.42
N ASP F 80 -22.38 12.39 39.76
CA ASP F 80 -22.33 13.81 40.06
C ASP F 80 -23.22 14.70 39.15
N SER F 81 -24.02 14.07 38.27
CA SER F 81 -25.01 14.85 37.49
C SER F 81 -26.14 15.34 38.42
N GLN F 82 -26.70 16.50 38.12
CA GLN F 82 -27.79 17.09 38.89
C GLN F 82 -28.70 17.82 37.90
N PRO F 83 -30.02 17.87 38.18
CA PRO F 83 -30.88 18.56 37.22
C PRO F 83 -30.61 20.05 37.03
N ASP F 84 -29.95 20.71 37.99
CA ASP F 84 -29.71 22.16 37.92
C ASP F 84 -28.30 22.58 37.41
N THR F 85 -27.49 21.64 36.92
CA THR F 85 -26.16 21.93 36.34
C THR F 85 -26.02 21.30 34.98
N ILE F 86 -24.98 21.72 34.26
CA ILE F 86 -24.64 21.15 32.96
C ILE F 86 -23.45 20.17 33.06
N ASP F 87 -22.99 19.93 34.27
CA ASP F 87 -21.77 19.17 34.50
C ASP F 87 -22.07 17.68 34.58
N HIS F 88 -21.15 16.88 34.06
CA HIS F 88 -21.21 15.43 34.20
C HIS F 88 -22.51 14.85 33.61
N ASP F 89 -22.99 15.43 32.51
CA ASP F 89 -24.26 15.06 31.92
C ASP F 89 -24.14 13.83 31.02
N LEU F 90 -23.71 12.70 31.60
CA LEU F 90 -23.63 11.43 30.87
C LEU F 90 -24.50 10.35 31.49
N LEU F 91 -24.99 9.45 30.64
CA LEU F 91 -25.86 8.37 31.01
C LEU F 91 -25.44 7.15 30.23
N LEU F 92 -25.27 6.02 30.91
CA LEU F 92 -25.01 4.78 30.23
C LEU F 92 -26.20 3.85 30.33
N LEU F 93 -26.68 3.36 29.20
CA LEU F 93 -27.83 2.47 29.16
C LEU F 93 -27.38 1.07 28.74
N GLN F 94 -27.60 0.10 29.61
CA GLN F 94 -27.34 -1.30 29.29
C GLN F 94 -28.56 -1.87 28.60
N LEU F 95 -28.38 -2.43 27.41
CA LEU F 95 -29.46 -3.05 26.68
C LEU F 95 -29.78 -4.43 27.31
N SER F 96 -31.02 -4.88 27.12
N SER F 96 -31.01 -4.90 27.12
CA SER F 96 -31.48 -6.22 27.53
CA SER F 96 -31.42 -6.22 27.63
C SER F 96 -30.65 -7.38 27.00
C SER F 96 -30.74 -7.41 26.95
N GLU F 97 -30.02 -7.17 25.85
CA GLU F 97 -29.12 -8.17 25.29
C GLU F 97 -28.10 -7.51 24.37
N LYS F 98 -27.01 -8.23 24.05
CA LYS F 98 -26.06 -7.76 23.07
C LYS F 98 -26.80 -7.36 21.79
N ALA F 99 -26.49 -6.19 21.26
CA ALA F 99 -27.12 -5.73 20.04
C ALA F 99 -26.62 -6.54 18.86
N THR F 100 -27.50 -6.78 17.89
CA THR F 100 -27.17 -7.55 16.71
C THR F 100 -26.41 -6.64 15.77
N LEU F 101 -25.14 -6.94 15.56
CA LEU F 101 -24.27 -6.10 14.74
C LEU F 101 -24.46 -6.39 13.26
N GLY F 102 -24.15 -5.40 12.45
CA GLY F 102 -24.28 -5.52 11.01
C GLY F 102 -23.94 -4.21 10.32
N PRO F 103 -24.08 -4.15 9.01
CA PRO F 103 -23.76 -2.91 8.28
C PRO F 103 -24.41 -1.65 8.85
N ALA F 104 -25.60 -1.77 9.42
CA ALA F 104 -26.33 -0.63 9.97
C ALA F 104 -26.30 -0.46 11.50
N VAL F 105 -25.58 -1.34 12.21
CA VAL F 105 -25.53 -1.31 13.66
C VAL F 105 -24.12 -1.72 14.08
N ARG F 106 -23.35 -0.78 14.62
CA ARG F 106 -21.94 -0.97 14.92
C ARG F 106 -21.54 0.05 15.97
N PRO F 107 -20.80 -0.37 17.03
CA PRO F 107 -20.35 0.63 18.01
C PRO F 107 -19.33 1.62 17.47
N LEU F 108 -19.34 2.82 18.03
CA LEU F 108 -18.36 3.85 17.75
C LEU F 108 -17.49 3.96 18.97
N PRO F 109 -16.19 3.66 18.83
CA PRO F 109 -15.32 3.72 20.04
C PRO F 109 -15.24 5.15 20.61
N TRP F 110 -15.15 5.26 21.88
CA TRP F 110 -15.10 6.56 22.59
C TRP F 110 -13.67 7.09 22.58
N GLN F 111 -13.47 8.40 22.51
CA GLN F 111 -12.13 8.99 22.58
C GLN F 111 -11.51 8.73 23.94
N ARG F 112 -10.37 8.07 23.96
CA ARG F 112 -9.63 7.86 25.19
C ARG F 112 -8.53 8.89 25.44
N VAL F 113 -8.17 9.66 24.41
CA VAL F 113 -7.08 10.63 24.51
C VAL F 113 -7.64 11.98 24.89
N ASP F 114 -7.29 12.48 26.07
CA ASP F 114 -7.87 13.72 26.59
C ASP F 114 -7.10 14.89 25.99
N ARG F 115 -7.53 15.32 24.80
CA ARG F 115 -6.97 16.45 24.11
C ARG F 115 -8.08 17.31 23.56
N ASP F 116 -8.02 18.62 23.79
CA ASP F 116 -9.05 19.50 23.21
C ASP F 116 -8.96 19.49 21.71
N VAL F 117 -10.13 19.46 21.07
CA VAL F 117 -10.19 19.55 19.65
C VAL F 117 -9.85 20.99 19.30
N ALA F 118 -8.98 21.18 18.30
CA ALA F 118 -8.56 22.50 17.90
C ALA F 118 -9.75 23.36 17.37
N PRO F 119 -9.76 24.68 17.68
CA PRO F 119 -10.83 25.58 17.22
C PRO F 119 -10.93 25.64 15.73
N GLY F 120 -12.15 25.68 15.22
CA GLY F 120 -12.40 25.69 13.79
C GLY F 120 -12.54 24.30 13.18
N THR F 121 -12.14 23.25 13.90
CA THR F 121 -12.26 21.88 13.40
C THR F 121 -13.73 21.60 13.19
N LEU F 122 -14.06 21.03 12.05
CA LEU F 122 -15.44 20.70 11.74
C LEU F 122 -15.77 19.31 12.27
N CYS F 123 -16.76 19.26 13.15
CA CYS F 123 -17.26 18.04 13.73
C CYS F 123 -18.67 17.74 13.30
N ASP F 124 -18.96 16.47 13.10
CA ASP F 124 -20.23 16.00 12.61
C ASP F 124 -21.17 15.71 13.79
N VAL F 125 -22.35 16.32 13.76
N VAL F 125 -22.36 16.32 13.74
CA VAL F 125 -23.36 16.11 14.78
CA VAL F 125 -23.38 16.12 14.76
C VAL F 125 -24.62 15.65 14.08
C VAL F 125 -24.65 15.66 14.09
N ALA F 126 -25.21 14.57 14.60
CA ALA F 126 -26.41 14.00 14.04
C ALA F 126 -27.50 13.81 15.11
N GLY F 127 -28.75 13.88 14.65
CA GLY F 127 -29.86 13.56 15.50
C GLY F 127 -31.24 13.78 14.87
N TRP F 128 -32.27 13.40 15.62
CA TRP F 128 -33.65 13.54 15.20
C TRP F 128 -34.35 14.67 15.91
N GLY F 129 -33.59 15.63 16.41
CA GLY F 129 -34.19 16.78 17.09
C GLY F 129 -34.82 17.73 16.09
N ILE F 130 -35.37 18.81 16.60
CA ILE F 130 -36.11 19.76 15.74
C ILE F 130 -35.21 20.45 14.71
N VAL F 131 -35.77 20.81 13.57
CA VAL F 131 -35.00 21.34 12.42
C VAL F 131 -35.26 22.80 12.06
N ASN F 132 -36.16 23.47 12.78
CA ASN F 132 -36.40 24.90 12.59
C ASN F 132 -36.94 25.53 13.89
N HIS F 133 -37.23 26.83 13.82
CA HIS F 133 -37.68 27.59 14.98
C HIS F 133 -39.17 27.40 15.29
N ALA F 134 -39.91 26.76 14.38
CA ALA F 134 -41.30 26.37 14.65
C ALA F 134 -41.45 24.99 15.30
N GLY F 135 -40.35 24.36 15.73
CA GLY F 135 -40.44 23.08 16.45
C GLY F 135 -40.71 21.84 15.61
N ARG F 136 -40.58 21.92 14.29
CA ARG F 136 -40.87 20.78 13.43
C ARG F 136 -39.86 19.65 13.65
N ARG F 137 -40.36 18.44 13.88
CA ARG F 137 -39.54 17.26 14.08
C ARG F 137 -39.41 16.48 12.78
N PRO F 138 -38.19 16.04 12.42
CA PRO F 138 -38.03 15.30 11.18
C PRO F 138 -38.32 13.84 11.41
N ASP F 139 -38.71 13.16 10.35
CA ASP F 139 -38.86 11.71 10.40
C ASP F 139 -37.51 11.00 10.29
N SER F 140 -36.63 11.50 9.42
CA SER F 140 -35.34 10.85 9.17
C SER F 140 -34.15 11.57 9.83
N LEU F 141 -33.09 10.82 10.10
CA LEU F 141 -31.88 11.35 10.76
C LEU F 141 -31.26 12.50 10.01
N GLN F 142 -30.97 13.57 10.74
CA GLN F 142 -30.28 14.73 10.20
C GLN F 142 -28.84 14.82 10.72
N HIS F 143 -28.02 15.56 9.99
CA HIS F 143 -26.66 15.85 10.44
C HIS F 143 -26.20 17.19 9.92
N VAL F 144 -25.13 17.68 10.54
CA VAL F 144 -24.54 18.97 10.17
C VAL F 144 -23.09 18.99 10.63
N LEU F 145 -22.24 19.73 9.92
CA LEU F 145 -20.86 19.97 10.35
C LEU F 145 -20.76 21.29 11.09
N LEU F 146 -20.20 21.28 12.28
CA LEU F 146 -20.10 22.45 13.12
C LEU F 146 -18.66 22.72 13.49
N PRO F 147 -18.23 24.00 13.37
CA PRO F 147 -16.90 24.32 13.83
C PRO F 147 -16.81 24.43 15.34
N VAL F 148 -15.78 23.80 15.90
CA VAL F 148 -15.50 23.90 17.32
C VAL F 148 -15.12 25.35 17.65
N LEU F 149 -15.57 25.81 18.79
CA LEU F 149 -15.35 27.19 19.26
C LEU F 149 -14.42 27.08 20.44
N ASP F 150 -13.42 27.94 20.54
CA ASP F 150 -12.48 27.78 21.65
C ASP F 150 -13.14 28.19 22.99
N ARG F 151 -12.69 27.53 24.05
CA ARG F 151 -13.31 27.59 25.35
C ARG F 151 -13.35 29.02 25.90
N ALA F 152 -12.27 29.79 25.71
CA ALA F 152 -12.22 31.18 26.19
C ALA F 152 -13.32 32.07 25.57
N THR F 153 -13.53 31.96 24.27
CA THR F 153 -14.66 32.67 23.61
C THR F 153 -16.00 32.14 24.10
N CYS F 154 -16.13 30.83 24.23
CA CYS F 154 -17.34 30.22 24.73
C CYS F 154 -17.69 30.74 26.15
N ASN F 155 -16.65 31.02 26.95
CA ASN F 155 -16.81 31.45 28.35
C ASN F 155 -17.01 32.94 28.59
N ARG F 156 -16.97 33.78 27.55
CA ARG F 156 -17.25 35.21 27.72
C ARG F 156 -18.62 35.44 28.33
N ARG F 157 -18.78 36.60 28.99
CA ARG F 157 -20.04 36.98 29.68
C ARG F 157 -21.29 36.97 28.77
N THR F 158 -21.13 37.46 27.54
CA THR F 158 -22.19 37.46 26.52
C THR F 158 -22.55 36.06 25.97
N HIS F 159 -21.71 35.05 26.26
CA HIS F 159 -21.93 33.68 25.82
C HIS F 159 -22.34 32.83 27.06
N HIS F 160 -21.52 31.91 27.56
CA HIS F 160 -21.94 31.02 28.67
C HIS F 160 -21.31 31.34 30.02
N ASP F 161 -20.48 32.39 30.07
CA ASP F 161 -20.15 33.09 31.32
C ASP F 161 -19.43 32.24 32.39
N GLY F 162 -18.29 31.66 31.99
CA GLY F 162 -17.47 30.85 32.89
C GLY F 162 -17.98 29.43 33.15
N ALA F 163 -19.15 29.05 32.60
CA ALA F 163 -19.72 27.72 32.86
C ALA F 163 -18.99 26.54 32.16
N ILE F 164 -18.19 26.83 31.13
CA ILE F 164 -17.52 25.80 30.32
C ILE F 164 -16.19 25.38 30.97
N THR F 165 -16.23 24.23 31.63
CA THR F 165 -15.08 23.65 32.29
C THR F 165 -14.21 22.94 31.26
N GLU F 166 -13.09 22.42 31.71
CA GLU F 166 -12.20 21.55 30.90
C GLU F 166 -12.88 20.23 30.43
N ARG F 167 -14.04 19.88 31.01
CA ARG F 167 -14.74 18.64 30.66
C ARG F 167 -15.87 18.90 29.65
N LEU F 168 -15.97 20.13 29.16
CA LEU F 168 -16.97 20.53 28.17
C LEU F 168 -16.29 21.18 26.96
N MET F 169 -16.89 21.11 25.79
CA MET F 169 -16.44 21.87 24.62
C MET F 169 -17.62 22.50 23.94
N CYS F 170 -17.36 23.47 23.10
CA CYS F 170 -18.42 24.17 22.39
C CYS F 170 -18.24 24.15 20.93
N ALA F 171 -19.33 24.38 20.22
CA ALA F 171 -19.33 24.52 18.77
C ALA F 171 -20.18 25.71 18.40
N GLU F 172 -19.84 26.38 17.30
CA GLU F 172 -20.64 27.52 16.84
C GLU F 172 -22.07 27.10 16.62
N SER F 173 -22.96 28.05 16.91
CA SER F 173 -24.37 27.84 16.82
C SER F 173 -25.06 28.87 15.94
N ASN F 174 -24.35 29.42 14.96
CA ASN F 174 -24.90 30.48 14.11
C ASN F 174 -25.70 29.88 12.95
N ARG F 175 -27.04 29.87 13.10
CA ARG F 175 -27.97 29.29 12.12
C ARG F 175 -27.81 27.78 11.83
N ARG F 176 -26.79 27.13 12.41
CA ARG F 176 -26.58 25.70 12.36
C ARG F 176 -26.34 25.30 13.79
N ASP F 177 -26.99 24.26 14.27
CA ASP F 177 -26.95 23.97 15.69
C ASP F 177 -27.61 22.64 16.00
N SER F 178 -27.20 22.03 17.10
CA SER F 178 -27.95 20.96 17.74
C SER F 178 -29.14 21.61 18.47
N CYS F 179 -30.29 20.95 18.52
CA CYS F 179 -31.46 21.46 19.22
C CYS F 179 -32.21 20.42 20.02
N LYS F 180 -33.32 20.82 20.60
CA LYS F 180 -34.16 19.94 21.45
C LYS F 180 -34.42 18.59 20.76
N GLY F 181 -34.05 17.50 21.44
CA GLY F 181 -34.14 16.16 20.88
C GLY F 181 -32.85 15.62 20.28
N ASP F 182 -31.84 16.47 20.14
CA ASP F 182 -30.50 16.02 19.75
C ASP F 182 -29.63 15.68 20.96
N SER F 183 -30.03 16.09 22.17
CA SER F 183 -29.32 15.78 23.42
C SER F 183 -28.94 14.33 23.53
N GLY F 184 -27.73 14.05 23.98
CA GLY F 184 -27.28 12.68 24.15
C GLY F 184 -26.68 12.08 22.90
N GLY F 185 -26.80 12.74 21.76
CA GLY F 185 -26.21 12.22 20.53
C GLY F 185 -24.74 12.59 20.36
N PRO F 186 -24.11 12.09 19.30
CA PRO F 186 -22.66 12.16 19.11
C PRO F 186 -22.19 13.43 18.43
N LEU F 187 -21.04 13.93 18.91
CA LEU F 187 -20.21 14.88 18.20
C LEU F 187 -18.95 14.11 17.79
N VAL F 188 -18.78 13.97 16.48
CA VAL F 188 -17.72 13.15 15.90
C VAL F 188 -16.74 14.04 15.15
N CYS F 189 -15.45 13.98 15.53
CA CYS F 189 -14.36 14.75 14.87
C CYS F 189 -13.29 13.74 14.46
N GLY F 190 -12.97 13.76 13.17
CA GLY F 190 -12.02 12.82 12.57
C GLY F 190 -12.44 11.37 12.68
N GLY F 191 -13.75 11.09 12.57
CA GLY F 191 -14.26 9.71 12.72
C GLY F 191 -14.25 9.10 14.13
N VAL F 192 -14.03 9.94 15.15
CA VAL F 192 -13.93 9.49 16.53
C VAL F 192 -14.91 10.29 17.39
N LEU F 193 -15.58 9.60 18.33
CA LEU F 193 -16.51 10.26 19.23
C LEU F 193 -15.74 11.12 20.21
N GLU F 194 -15.97 12.43 20.17
CA GLU F 194 -15.33 13.37 21.09
C GLU F 194 -16.33 13.94 22.12
N GLY F 195 -17.60 14.03 21.75
CA GLY F 195 -18.58 14.71 22.55
C GLY F 195 -19.94 14.07 22.56
N VAL F 196 -20.71 14.42 23.58
CA VAL F 196 -22.10 14.06 23.69
C VAL F 196 -22.87 15.36 23.88
N VAL F 197 -23.87 15.60 23.05
CA VAL F 197 -24.66 16.83 23.08
C VAL F 197 -25.30 17.03 24.46
N THR F 198 -25.20 18.21 25.06
CA THR F 198 -25.83 18.48 26.35
C THR F 198 -27.31 18.86 26.30
N SER F 199 -28.02 18.53 27.35
CA SER F 199 -29.50 18.67 27.40
C SER F 199 -29.97 19.92 28.11
N GLY F 200 -29.08 20.46 28.94
CA GLY F 200 -29.27 21.81 29.50
C GLY F 200 -30.05 22.62 28.48
N SER F 201 -31.25 23.09 28.87
CA SER F 201 -32.29 23.48 27.91
C SER F 201 -32.21 24.93 27.37
N ARG F 202 -32.28 25.04 26.06
CA ARG F 202 -31.52 26.13 25.40
C ARG F 202 -32.09 26.61 24.05
N VAL F 203 -32.02 27.94 23.85
CA VAL F 203 -32.29 28.58 22.56
C VAL F 203 -31.35 28.10 21.42
N CYS F 204 -31.94 27.96 20.24
CA CYS F 204 -31.35 27.21 19.14
C CYS F 204 -31.02 28.07 17.93
N GLY F 205 -29.79 27.93 17.46
CA GLY F 205 -29.36 28.68 16.28
C GLY F 205 -29.00 30.13 16.56
N ASN F 206 -28.80 30.45 17.85
CA ASN F 206 -28.44 31.80 18.29
C ASN F 206 -26.92 31.77 18.56
N ARG F 207 -26.21 32.54 17.73
CA ARG F 207 -24.75 32.71 17.79
C ARG F 207 -24.21 33.06 19.18
N LYS F 208 -25.00 33.78 19.97
CA LYS F 208 -24.60 34.20 21.31
C LYS F 208 -24.62 33.05 22.32
N LYS F 209 -25.30 31.93 22.01
CA LYS F 209 -25.38 30.77 22.91
C LYS F 209 -24.92 29.51 22.16
N PRO F 210 -23.60 29.28 22.09
CA PRO F 210 -23.02 28.11 21.43
C PRO F 210 -23.56 26.79 21.95
N GLY F 211 -23.49 25.77 21.13
CA GLY F 211 -23.81 24.42 21.57
C GLY F 211 -22.75 23.95 22.55
N ILE F 212 -23.13 23.07 23.45
CA ILE F 212 -22.25 22.57 24.49
C ILE F 212 -22.23 21.07 24.38
N TYR F 213 -21.06 20.45 24.53
CA TYR F 213 -20.90 19.03 24.34
C TYR F 213 -20.00 18.51 25.47
N THR F 214 -20.39 17.41 26.08
CA THR F 214 -19.60 16.81 27.12
C THR F 214 -18.49 16.01 26.49
N ARG F 215 -17.26 16.21 26.97
CA ARG F 215 -16.09 15.56 26.38
C ARG F 215 -15.96 14.16 26.93
N VAL F 216 -16.14 13.14 26.09
CA VAL F 216 -16.16 11.79 26.59
C VAL F 216 -14.79 11.34 27.18
N ALA F 217 -13.69 11.87 26.64
CA ALA F 217 -12.35 11.49 27.09
C ALA F 217 -12.16 11.85 28.55
N SER F 218 -12.79 12.94 28.93
CA SER F 218 -12.79 13.42 30.27
C SER F 218 -13.42 12.43 31.26
N TYR F 219 -14.25 11.51 30.79
CA TYR F 219 -14.95 10.55 31.63
C TYR F 219 -14.57 9.12 31.31
N ALA F 220 -13.40 8.94 30.71
CA ALA F 220 -12.98 7.61 30.26
C ALA F 220 -12.91 6.59 31.39
N ALA F 221 -12.44 6.99 32.58
CA ALA F 221 -12.34 6.03 33.69
C ALA F 221 -13.74 5.58 34.15
N TRP F 222 -14.66 6.53 34.22
CA TRP F 222 -16.01 6.21 34.67
C TRP F 222 -16.72 5.28 33.67
N ILE F 223 -16.57 5.56 32.38
CA ILE F 223 -17.17 4.73 31.35
C ILE F 223 -16.66 3.27 31.45
N ASP F 224 -15.35 3.10 31.49
CA ASP F 224 -14.75 1.74 31.61
C ASP F 224 -15.27 0.97 32.84
N SER F 225 -15.35 1.68 33.95
CA SER F 225 -15.77 1.08 35.22
C SER F 225 -17.22 0.59 35.15
N VAL F 226 -18.10 1.40 34.58
CA VAL F 226 -19.50 0.99 34.39
C VAL F 226 -19.60 -0.18 33.39
N LEU F 227 -18.86 -0.13 32.29
CA LEU F 227 -18.86 -1.25 31.34
C LEU F 227 -18.35 -2.59 31.88
N ALA F 228 -17.62 -2.59 33.00
CA ALA F 228 -17.30 -3.83 33.72
C ALA F 228 -18.38 -4.17 34.85
N1 E8B G . 35.99 0.52 -30.06
C4 E8B G . 37.32 1.12 -30.22
C7 E8B G . 37.35 2.46 -30.90
C8 E8B G . 38.59 2.95 -31.26
C10 E8B G . 38.71 4.25 -31.84
C13 E8B G . 36.34 4.46 -31.82
C15 E8B G . 36.22 3.23 -31.17
C17 E8B G . 40.04 4.76 -32.28
C20 E8B G . 41.50 6.65 -32.74
C21 E8B G . 42.47 5.81 -33.21
O30 E8B G . 40.63 8.75 -31.06
C29 E8B G . 41.21 8.95 -32.12
C31 E8B G . 41.48 10.36 -32.64
C34 E8B G . 40.28 10.98 -33.42
C40 E8B G . 38.98 11.10 -32.60
C36 E8B G . 39.99 10.31 -34.78
N27 E8B G . 41.66 8.03 -32.84
C18 E8B G . 40.29 6.12 -32.31
C23 E8B G . 42.26 4.42 -33.19
C25 E8B G . 41.06 3.89 -32.73
C11 E8B G . 37.56 5.01 -32.15
N1 E8B H . 7.04 21.92 7.33
N1 E8B H . 7.30 21.42 5.10
C4 E8B H . 7.62 20.84 6.52
C4 E8B H . 7.44 21.05 6.54
C7 E8B H . 6.91 19.55 6.84
C7 E8B H . 6.79 19.71 6.82
C8 E8B H . 6.91 18.99 8.12
C8 E8B H . 6.66 19.15 8.11
C10 E8B H . 6.25 17.77 8.34
C10 E8B H . 6.05 17.88 8.28
C13 E8B H . 5.61 17.67 6.02
C13 E8B H . 5.71 17.74 5.90
C15 E8B H . 6.27 18.88 5.79
C15 E8B H . 6.32 18.99 5.73
C17 E8B H . 6.20 17.16 9.68
C17 E8B H . 5.86 17.23 9.60
C20 E8B H . 6.26 15.19 11.09
C20 E8B H . 5.37 15.26 10.96
C21 E8B H . 6.10 16.01 12.19
C21 E8B H . 5.47 16.05 12.09
O30 E8B H . 7.40 13.16 9.43
O30 E8B H . 5.37 13.17 9.08
C29 E8B H . 6.85 12.93 10.50
C29 E8B H . 5.05 12.98 10.25
C31 E8B H . 6.78 11.51 11.00
C31 E8B H . 4.67 11.57 10.72
C34 E8B H . 5.97 10.54 10.13
C34 E8B H . 3.60 10.76 9.93
C40 E8B H . 6.45 9.13 10.47
C40 E8B H . 4.23 9.69 9.03
C36 E8B H . 6.02 10.85 8.62
C36 E8B H . 2.58 11.59 9.12
N27 E8B H . 6.34 13.80 11.29
N27 E8B H . 5.07 13.89 11.15
C18 E8B H . 6.30 15.77 9.82
C18 E8B H . 5.56 15.87 9.72
C23 E8B H . 6.01 17.38 12.02
C23 E8B H . 5.76 17.41 11.96
C25 E8B H . 6.05 17.97 10.78
C25 E8B H . 5.95 18.01 10.74
C11 E8B H . 5.61 17.12 7.30
C11 E8B H . 5.58 17.20 7.17
N1 E8B I . 17.77 13.73 17.79
N1 E8B I . 18.46 12.49 19.75
C4 E8B I . 17.78 12.40 18.46
C4 E8B I . 17.74 12.58 18.47
C7 E8B I . 16.47 11.63 18.37
C7 E8B I . 16.53 11.65 18.43
C8 E8B I . 15.77 11.38 17.18
C8 E8B I . 15.88 11.34 17.23
C10 E8B I . 14.57 10.65 17.19
C10 E8B I . 14.76 10.52 17.20
C13 E8B I . 14.78 10.41 19.57
C13 E8B I . 14.95 10.27 19.58
C15 E8B I . 15.96 11.12 19.55
C15 E8B I . 16.06 11.09 19.60
C17 E8B I . 13.75 10.34 15.99
C17 E8B I . 14.08 10.20 15.92
C20 E8B I . 11.52 10.05 15.00
C20 E8B I . 12.11 9.83 14.56
C21 E8B I . 12.14 9.72 13.79
C21 E8B I . 12.94 9.60 13.48
O30 E8B I . 9.82 11.83 16.37
O30 E8B I . 10.37 8.49 16.13
C29 E8B I . 9.40 10.82 15.83
C29 E8B I . 9.96 9.07 15.12
C31 E8B I . 7.92 10.48 15.94
C31 E8B I . 8.49 9.00 14.79
C34 E8B I . 7.79 9.45 17.11
C34 E8B I . 7.85 7.75 15.45
C40 E8B I . 6.47 8.69 17.14
C40 E8B I . 6.42 8.06 15.93
C36 E8B I . 8.01 10.09 18.48
C36 E8B I . 8.61 7.11 16.60
N27 E8B I . 10.12 10.02 15.17
N27 E8B I . 10.70 9.73 14.35
C18 E8B I . 12.36 10.33 16.09
C18 E8B I . 12.69 10.12 15.80
C23 E8B I . 13.53 9.73 13.69
C23 E8B I . 14.30 9.66 13.61
C25 E8B I . 14.35 10.02 14.78
C25 E8B I . 14.88 9.96 14.82
C11 E8B I . 14.07 10.17 18.39
C11 E8B I . 14.29 9.97 18.39
#